data_6CZY
#
_entry.id   6CZY
#
_cell.length_a   84.601
_cell.length_b   106.485
_cell.length_c   187.832
_cell.angle_alpha   90.00
_cell.angle_beta   90.00
_cell.angle_gamma   90.00
#
_symmetry.space_group_name_H-M   'P 21 21 21'
#
loop_
_entity.id
_entity.type
_entity.pdbx_description
1 polymer 'Phosphoserine aminotransferase 1, chloroplastic'
2 non-polymer "4'-DEOXY-4'-AMINOPYRIDOXAL-5'-PHOSPHATE"
3 non-polymer 'SULFATE ION'
4 non-polymer DI(HYDROXYETHYL)ETHER
5 non-polymer 'SODIUM ION'
6 non-polymer (4S)-2-METHYL-2,4-PENTANEDIOL
7 water water
#
_entity_poly.entity_id   1
_entity_poly.type   'polypeptide(L)'
_entity_poly.pdbx_seq_one_letter_code
;SNARVFNFAAGPATLPENVLLKAQADLYNWRGSGMSVMEMSHRGKEFLSIIQKAESDLRQLLEIPQEYSVLFLQGGATTQ
FAALPLNLCKSDDTVDFVVTGSWGDKAVKEAKKYCKTNVIWSGKSEKYTKVPSFEELEQTPDAKYLHICANETIHGVEFK
DYPVPKNGFLVADMSSNFCSKPVDVSKFGVIYGGAQKNVGPSGVTIVIIRKDLIGNAQDITPVMLDYKIHDENSSLYNTP
PCFGIYMCGLVFEDLLEQGGLKEVEKKNQRKADLLYNAIEESNGFFRCPVEKSVRSLMNVPFTLEKSELEAEFIKEAAKE
KMVQLKGHRSVGGMRASIYNAMPLAGVEKLVAFMKDFQAKHA
;
_entity_poly.pdbx_strand_id   A,B,C,D
#
# COMPACT_ATOMS: atom_id res chain seq x y z
N SER A 1 17.43 -3.38 3.97
CA SER A 1 17.36 -3.73 2.51
C SER A 1 15.99 -3.38 1.93
N ASN A 2 15.93 -2.39 1.08
CA ASN A 2 14.63 -2.05 0.52
C ASN A 2 14.35 -2.83 -0.76
N ALA A 3 15.32 -3.60 -1.23
CA ALA A 3 15.06 -4.69 -2.18
C ALA A 3 14.72 -5.97 -1.39
N ARG A 4 13.87 -6.79 -1.95
CA ARG A 4 13.62 -8.10 -1.36
C ARG A 4 14.86 -8.98 -1.37
N VAL A 5 15.07 -9.71 -0.27
CA VAL A 5 16.20 -10.62 -0.17
C VAL A 5 15.84 -12.02 -0.66
N PHE A 6 16.86 -12.87 -0.79
CA PHE A 6 16.66 -14.30 -1.08
C PHE A 6 16.51 -14.97 0.26
N ASN A 7 15.32 -15.55 0.48
CA ASN A 7 14.86 -15.97 1.81
C ASN A 7 14.77 -17.49 1.87
N PHE A 8 15.78 -18.10 2.49
CA PHE A 8 15.93 -19.53 2.52
C PHE A 8 15.30 -20.14 3.78
N ALA A 9 14.40 -19.38 4.40
CA ALA A 9 13.71 -19.87 5.62
C ALA A 9 12.94 -21.19 5.34
N ALA A 10 12.91 -22.05 6.36
CA ALA A 10 12.40 -23.42 6.22
C ALA A 10 10.89 -23.54 6.48
N GLY A 11 10.26 -22.45 6.91
CA GLY A 11 8.82 -22.43 7.14
C GLY A 11 8.53 -21.62 8.38
N PRO A 12 7.72 -20.55 8.31
CA PRO A 12 7.19 -20.00 7.07
C PRO A 12 8.32 -19.68 6.09
N ALA A 13 7.93 -19.47 4.86
CA ALA A 13 8.86 -19.45 3.72
C ALA A 13 8.53 -18.34 2.73
N THR A 14 9.43 -18.20 1.76
CA THR A 14 9.26 -17.25 0.71
C THR A 14 7.99 -17.59 -0.11
N LEU A 15 7.31 -16.56 -0.61
CA LEU A 15 6.10 -16.69 -1.38
C LEU A 15 6.24 -15.94 -2.73
N PRO A 16 5.36 -16.25 -3.69
CA PRO A 16 5.56 -15.61 -5.00
C PRO A 16 5.32 -14.13 -4.92
N GLU A 17 6.16 -13.33 -5.60
CA GLU A 17 5.95 -11.89 -5.58
C GLU A 17 4.64 -11.45 -6.20
N ASN A 18 4.19 -12.15 -7.24
CA ASN A 18 2.97 -11.73 -7.91
C ASN A 18 1.76 -11.96 -7.02
N VAL A 19 1.84 -13.02 -6.23
CA VAL A 19 0.83 -13.29 -5.19
C VAL A 19 0.81 -12.22 -4.10
N LEU A 20 1.98 -11.87 -3.59
CA LEU A 20 2.05 -10.80 -2.56
C LEU A 20 1.51 -9.47 -3.11
N LEU A 21 1.84 -9.16 -4.35
CA LEU A 21 1.41 -7.87 -4.92
C LEU A 21 -0.11 -7.85 -5.22
N LYS A 22 -0.68 -9.01 -5.52
CA LYS A 22 -2.12 -9.11 -5.74
C LYS A 22 -2.83 -8.88 -4.39
N ALA A 23 -2.29 -9.53 -3.37
CA ALA A 23 -2.82 -9.32 -1.99
C ALA A 23 -2.72 -7.88 -1.54
N GLN A 24 -1.58 -7.23 -1.83
CA GLN A 24 -1.43 -5.81 -1.51
C GLN A 24 -2.49 -5.02 -2.22
N ALA A 25 -2.64 -5.22 -3.54
CA ALA A 25 -3.57 -4.41 -4.31
C ALA A 25 -4.99 -4.45 -3.79
N ASP A 26 -5.39 -5.63 -3.31
CA ASP A 26 -6.80 -5.89 -3.00
C ASP A 26 -7.09 -5.80 -1.49
N LEU A 27 -6.10 -5.47 -0.68
CA LEU A 27 -6.23 -5.62 0.77
C LEU A 27 -7.28 -4.74 1.45
N TYR A 28 -7.49 -3.55 0.91
CA TYR A 28 -8.40 -2.57 1.48
C TYR A 28 -9.84 -2.77 1.07
N ASN A 29 -10.01 -3.27 -0.14
CA ASN A 29 -11.33 -3.43 -0.76
C ASN A 29 -11.23 -4.50 -1.84
N TRP A 30 -11.65 -5.72 -1.54
CA TRP A 30 -11.48 -6.83 -2.48
C TRP A 30 -12.59 -6.76 -3.57
N ARG A 31 -12.18 -6.50 -4.81
CA ARG A 31 -13.08 -6.56 -5.97
C ARG A 31 -14.40 -5.78 -5.83
N GLY A 32 -14.33 -4.56 -5.34
CA GLY A 32 -15.54 -3.73 -5.09
C GLY A 32 -16.59 -4.32 -4.13
N SER A 33 -16.22 -5.34 -3.38
CA SER A 33 -17.10 -5.86 -2.35
C SER A 33 -17.28 -4.86 -1.23
N GLY A 34 -16.37 -3.90 -1.12
CA GLY A 34 -16.45 -2.89 -0.09
C GLY A 34 -15.77 -3.20 1.24
N MET A 35 -14.95 -4.26 1.25
CA MET A 35 -14.21 -4.62 2.44
C MET A 35 -13.02 -5.48 2.09
N SER A 36 -12.13 -5.65 3.08
CA SER A 36 -10.99 -6.54 2.96
C SER A 36 -11.46 -7.98 3.11
N VAL A 37 -10.71 -8.90 2.52
CA VAL A 37 -10.85 -10.34 2.83
C VAL A 37 -10.79 -10.55 4.36
N MET A 38 -9.95 -9.78 5.07
CA MET A 38 -9.82 -9.91 6.53
C MET A 38 -11.06 -9.51 7.34
N GLU A 39 -12.04 -8.88 6.67
CA GLU A 39 -13.27 -8.40 7.29
C GLU A 39 -14.53 -9.14 6.85
N MET A 40 -14.38 -10.12 5.95
CA MET A 40 -15.53 -10.79 5.32
C MET A 40 -16.15 -11.82 6.25
N SER A 41 -17.48 -11.93 6.19
CA SER A 41 -18.18 -13.04 6.87
C SER A 41 -17.79 -14.31 6.19
N HIS A 42 -17.48 -15.34 7.00
CA HIS A 42 -17.14 -16.62 6.41
C HIS A 42 -18.34 -17.33 5.83
N ARG A 43 -19.53 -16.84 6.18
CA ARG A 43 -20.80 -17.37 5.64
C ARG A 43 -21.34 -16.51 4.51
N GLY A 44 -20.61 -15.46 4.12
CA GLY A 44 -21.02 -14.61 3.01
C GLY A 44 -20.60 -15.07 1.64
N LYS A 45 -21.25 -14.53 0.61
CA LYS A 45 -20.99 -15.01 -0.74
C LYS A 45 -19.59 -14.74 -1.24
N GLU A 46 -18.94 -13.64 -0.84
CA GLU A 46 -17.59 -13.39 -1.31
C GLU A 46 -16.66 -14.45 -0.77
N PHE A 47 -16.71 -14.70 0.52
CA PHE A 47 -15.74 -15.69 1.04
C PHE A 47 -16.06 -17.08 0.54
N LEU A 48 -17.33 -17.40 0.44
CA LEU A 48 -17.68 -18.74 -0.15
C LEU A 48 -17.07 -18.88 -1.54
N SER A 49 -17.03 -17.80 -2.35
CA SER A 49 -16.46 -17.94 -3.70
C SER A 49 -14.93 -18.21 -3.60
N ILE A 50 -14.29 -17.59 -2.63
CA ILE A 50 -12.87 -17.73 -2.43
C ILE A 50 -12.50 -19.14 -1.95
N ILE A 51 -13.16 -19.63 -0.92
CA ILE A 51 -12.82 -20.97 -0.44
C ILE A 51 -13.17 -22.04 -1.46
N GLN A 52 -14.27 -21.86 -2.18
CA GLN A 52 -14.65 -22.85 -3.20
C GLN A 52 -13.67 -22.86 -4.34
N LYS A 53 -13.18 -21.68 -4.75
CA LYS A 53 -12.22 -21.64 -5.86
C LYS A 53 -10.87 -22.22 -5.43
N ALA A 54 -10.51 -21.97 -4.18
CA ALA A 54 -9.26 -22.52 -3.65
C ALA A 54 -9.31 -24.06 -3.69
N GLU A 55 -10.42 -24.61 -3.25
CA GLU A 55 -10.57 -26.07 -3.27
C GLU A 55 -10.57 -26.62 -4.72
N SER A 56 -11.31 -25.96 -5.60
CA SER A 56 -11.36 -26.35 -7.01
C SER A 56 -9.97 -26.31 -7.68
N ASP A 57 -9.23 -25.23 -7.45
CA ASP A 57 -7.88 -25.07 -7.99
C ASP A 57 -6.93 -26.12 -7.47
N LEU A 58 -7.04 -26.44 -6.18
CA LEU A 58 -6.20 -27.49 -5.62
C LEU A 58 -6.56 -28.88 -6.18
N ARG A 59 -7.85 -29.18 -6.34
CA ARG A 59 -8.24 -30.46 -6.91
C ARG A 59 -7.65 -30.60 -8.33
N GLN A 60 -7.64 -29.52 -9.11
CA GLN A 60 -7.06 -29.56 -10.44
C GLN A 60 -5.54 -29.75 -10.40
N LEU A 61 -4.86 -29.01 -9.52
CA LEU A 61 -3.42 -29.06 -9.45
C LEU A 61 -2.91 -30.46 -9.14
N LEU A 62 -3.46 -31.02 -8.09
CA LEU A 62 -3.06 -32.36 -7.62
C LEU A 62 -3.78 -33.52 -8.29
N GLU A 63 -4.81 -33.25 -9.09
CA GLU A 63 -5.64 -34.27 -9.68
C GLU A 63 -6.25 -35.13 -8.59
N ILE A 64 -6.95 -34.47 -7.67
CA ILE A 64 -7.58 -35.13 -6.52
C ILE A 64 -8.86 -35.79 -6.98
N PRO A 65 -9.02 -37.09 -6.75
CA PRO A 65 -10.28 -37.67 -7.19
C PRO A 65 -11.49 -37.22 -6.38
N GLN A 66 -12.67 -37.39 -6.98
CA GLN A 66 -13.92 -36.96 -6.38
C GLN A 66 -14.20 -37.66 -5.04
N GLU A 67 -13.72 -38.88 -4.86
CA GLU A 67 -13.99 -39.61 -3.63
C GLU A 67 -13.10 -39.21 -2.41
N TYR A 68 -12.38 -38.11 -2.58
CA TYR A 68 -11.59 -37.48 -1.51
C TYR A 68 -12.20 -36.13 -1.11
N SER A 69 -12.19 -35.86 0.21
CA SER A 69 -12.49 -34.53 0.74
C SER A 69 -11.22 -33.69 0.89
N VAL A 70 -11.41 -32.38 0.78
CA VAL A 70 -10.34 -31.40 1.03
C VAL A 70 -10.81 -30.49 2.14
N LEU A 71 -10.05 -30.44 3.24
CA LEU A 71 -10.38 -29.67 4.42
C LEU A 71 -9.30 -28.58 4.62
N PHE A 72 -9.73 -27.37 4.91
CA PHE A 72 -8.85 -26.26 5.25
C PHE A 72 -9.03 -25.99 6.74
N LEU A 73 -8.02 -26.31 7.53
CA LEU A 73 -8.12 -26.29 9.01
C LEU A 73 -7.03 -25.41 9.64
N GLN A 74 -7.22 -25.07 10.89
CA GLN A 74 -6.19 -24.40 11.70
C GLN A 74 -5.47 -25.41 12.54
N GLY A 75 -4.40 -25.00 13.23
CA GLY A 75 -3.75 -25.86 14.22
C GLY A 75 -2.40 -26.39 13.83
N GLY A 76 -2.05 -26.23 12.56
CA GLY A 76 -0.82 -26.78 11.99
C GLY A 76 -0.80 -28.27 11.79
N ALA A 77 0.25 -28.78 11.16
CA ALA A 77 0.44 -30.22 11.08
C ALA A 77 0.46 -30.87 12.47
N THR A 78 0.99 -30.17 13.47
CA THR A 78 1.08 -30.77 14.83
C THR A 78 -0.27 -31.16 15.40
N THR A 79 -1.32 -30.44 15.04
CA THR A 79 -2.68 -30.75 15.54
C THR A 79 -3.10 -32.05 14.86
N GLN A 80 -2.71 -32.25 13.59
CA GLN A 80 -3.02 -33.52 12.88
C GLN A 80 -2.32 -34.73 13.46
N PHE A 81 -1.17 -34.54 14.12
CA PHE A 81 -0.53 -35.65 14.78
C PHE A 81 -1.50 -36.27 15.81
N ALA A 82 -2.33 -35.44 16.45
CA ALA A 82 -3.39 -35.94 17.33
C ALA A 82 -4.68 -36.34 16.57
N ALA A 83 -5.12 -35.50 15.64
CA ALA A 83 -6.39 -35.75 14.94
C ALA A 83 -6.40 -37.07 14.15
N LEU A 84 -5.27 -37.43 13.56
CA LEU A 84 -5.18 -38.64 12.75
C LEU A 84 -5.58 -39.93 13.53
N PRO A 85 -4.84 -40.27 14.60
CA PRO A 85 -5.28 -41.45 15.37
C PRO A 85 -6.62 -41.26 16.08
N LEU A 86 -6.97 -40.02 16.49
CA LEU A 86 -8.29 -39.82 17.13
C LEU A 86 -9.42 -40.18 16.16
N ASN A 87 -9.26 -39.78 14.89
CA ASN A 87 -10.31 -40.03 13.93
C ASN A 87 -10.30 -41.45 13.37
N LEU A 88 -9.11 -42.01 13.17
CA LEU A 88 -8.94 -43.18 12.34
C LEU A 88 -8.77 -44.46 13.12
N CYS A 89 -8.53 -44.36 14.42
CA CYS A 89 -8.23 -45.53 15.25
C CYS A 89 -9.11 -45.60 16.44
N LYS A 90 -9.33 -46.83 16.94
CA LYS A 90 -9.76 -47.03 18.30
C LYS A 90 -8.54 -47.03 19.21
N SER A 91 -8.75 -46.92 20.52
CA SER A 91 -7.61 -46.84 21.43
C SER A 91 -6.71 -48.07 21.47
N ASP A 92 -7.17 -49.24 21.04
CA ASP A 92 -6.34 -50.45 21.01
C ASP A 92 -5.91 -50.87 19.61
N ASP A 93 -6.12 -49.99 18.64
CA ASP A 93 -5.58 -50.20 17.32
C ASP A 93 -4.07 -49.89 17.28
N THR A 94 -3.42 -50.34 16.21
CA THR A 94 -1.99 -50.06 15.98
C THR A 94 -1.79 -49.26 14.69
N VAL A 95 -0.92 -48.27 14.76
CA VAL A 95 -0.42 -47.53 13.62
C VAL A 95 1.06 -47.86 13.43
N ASP A 96 1.40 -48.25 12.18
CA ASP A 96 2.78 -48.44 11.76
C ASP A 96 3.39 -47.12 11.25
N PHE A 97 4.65 -46.91 11.59
CA PHE A 97 5.41 -45.74 11.15
C PHE A 97 6.73 -46.19 10.48
N VAL A 98 7.09 -45.48 9.42
CA VAL A 98 8.49 -45.43 8.94
C VAL A 98 9.02 -44.07 9.31
N VAL A 99 10.08 -44.04 10.12
CA VAL A 99 10.62 -42.80 10.66
C VAL A 99 11.93 -42.46 9.95
N THR A 100 11.87 -41.44 9.11
CA THR A 100 13.03 -40.97 8.36
C THR A 100 13.60 -39.62 8.80
N GLY A 101 13.07 -39.07 9.88
CA GLY A 101 13.53 -37.79 10.42
C GLY A 101 12.72 -37.48 11.66
N SER A 102 12.95 -36.28 12.21
CA SER A 102 12.40 -35.93 13.51
C SER A 102 10.97 -35.52 13.44
N TRP A 103 10.47 -35.14 12.26
CA TRP A 103 9.03 -34.88 12.15
C TRP A 103 8.19 -36.14 12.29
N GLY A 104 8.65 -37.24 11.72
CA GLY A 104 7.96 -38.52 11.93
C GLY A 104 8.02 -39.00 13.36
N ASP A 105 9.16 -38.76 13.99
CA ASP A 105 9.34 -39.12 15.38
C ASP A 105 8.35 -38.35 16.28
N LYS A 106 8.08 -37.10 15.94
CA LYS A 106 7.10 -36.34 16.72
C LYS A 106 5.64 -36.85 16.53
N ALA A 107 5.34 -37.34 15.34
CA ALA A 107 4.06 -37.91 15.04
C ALA A 107 3.83 -39.19 15.85
N VAL A 108 4.87 -39.97 15.99
CA VAL A 108 4.80 -41.22 16.76
C VAL A 108 4.44 -40.90 18.23
N LYS A 109 5.21 -39.99 18.83
CA LYS A 109 5.06 -39.65 20.25
C LYS A 109 3.64 -39.17 20.55
N GLU A 110 3.09 -38.32 19.69
CA GLU A 110 1.74 -37.80 19.90
C GLU A 110 0.68 -38.91 19.71
N ALA A 111 0.89 -39.79 18.70
CA ALA A 111 -0.08 -40.85 18.43
C ALA A 111 -0.20 -41.81 19.62
N LYS A 112 0.87 -41.98 20.38
CA LYS A 112 0.83 -42.91 21.53
C LYS A 112 -0.22 -42.54 22.58
N LYS A 113 -0.61 -41.27 22.64
CA LYS A 113 -1.67 -40.87 23.57
C LYS A 113 -3.03 -41.52 23.20
N TYR A 114 -3.19 -41.91 21.95
CA TYR A 114 -4.50 -42.22 21.37
C TYR A 114 -4.67 -43.66 20.85
N CYS A 115 -3.55 -44.37 20.65
CA CYS A 115 -3.55 -45.74 20.15
C CYS A 115 -2.16 -46.33 20.33
N LYS A 116 -1.95 -47.55 19.81
CA LYS A 116 -0.63 -48.16 19.88
C LYS A 116 0.15 -47.83 18.62
N THR A 117 1.46 -47.67 18.79
CA THR A 117 2.33 -47.33 17.67
C THR A 117 3.39 -48.38 17.47
N ASN A 118 3.85 -48.52 16.24
CA ASN A 118 4.92 -49.43 15.91
C ASN A 118 5.81 -48.77 14.86
N VAL A 119 7.03 -48.46 15.26
CA VAL A 119 8.07 -47.99 14.34
C VAL A 119 8.73 -49.21 13.73
N ILE A 120 8.42 -49.45 12.46
CA ILE A 120 8.96 -50.60 11.76
C ILE A 120 10.43 -50.36 11.46
N TRP A 121 10.78 -49.11 11.11
CA TRP A 121 12.12 -48.80 10.72
C TRP A 121 12.39 -47.34 11.08
N SER A 122 13.54 -47.10 11.72
CA SER A 122 14.02 -45.75 12.02
C SER A 122 15.38 -45.50 11.36
N GLY A 123 15.54 -44.32 10.76
CA GLY A 123 16.84 -43.92 10.20
C GLY A 123 17.81 -43.27 11.21
N LYS A 124 17.41 -43.20 12.47
CA LYS A 124 18.12 -42.45 13.47
C LYS A 124 19.59 -42.91 13.62
N SER A 125 19.81 -44.23 13.55
CA SER A 125 21.14 -44.78 13.77
C SER A 125 22.16 -44.30 12.75
N GLU A 126 21.74 -43.86 11.55
CA GLU A 126 22.69 -43.29 10.61
C GLU A 126 22.39 -41.81 10.40
N LYS A 127 21.88 -41.16 11.43
CA LYS A 127 21.61 -39.72 11.44
C LYS A 127 20.62 -39.27 10.36
N TYR A 128 19.66 -40.14 10.05
CA TYR A 128 18.55 -39.82 9.16
C TYR A 128 19.05 -39.35 7.80
N THR A 129 19.61 -40.31 7.06
CA THR A 129 20.21 -40.07 5.75
C THR A 129 19.69 -40.96 4.65
N LYS A 130 18.77 -41.89 5.00
CA LYS A 130 18.25 -42.88 4.08
C LYS A 130 16.77 -43.11 4.21
N VAL A 131 16.21 -43.73 3.16
CA VAL A 131 14.87 -44.34 3.18
C VAL A 131 15.04 -45.85 3.02
N PRO A 132 14.32 -46.66 3.80
CA PRO A 132 14.45 -48.13 3.69
C PRO A 132 13.90 -48.71 2.39
N SER A 133 14.44 -49.84 1.99
CA SER A 133 13.85 -50.62 0.90
C SER A 133 12.48 -51.09 1.41
N PHE A 134 11.42 -50.94 0.60
CA PHE A 134 10.05 -51.12 1.13
C PHE A 134 9.58 -52.57 1.29
N GLU A 135 10.01 -53.42 0.39
CA GLU A 135 9.49 -54.77 0.35
C GLU A 135 9.86 -55.53 1.64
N GLU A 136 11.01 -55.22 2.22
CA GLU A 136 11.50 -55.90 3.44
C GLU A 136 10.93 -55.31 4.76
N LEU A 137 10.21 -54.20 4.68
CA LEU A 137 9.51 -53.69 5.85
C LEU A 137 8.48 -54.70 6.41
N GLU A 138 8.62 -55.03 7.69
CA GLU A 138 7.69 -55.94 8.34
CA GLU A 138 7.68 -55.93 8.35
C GLU A 138 6.51 -55.16 8.94
N GLN A 139 5.41 -55.12 8.21
CA GLN A 139 4.23 -54.36 8.65
C GLN A 139 3.36 -55.15 9.63
N THR A 140 2.70 -54.45 10.52
CA THR A 140 1.83 -55.12 11.50
C THR A 140 0.58 -55.67 10.81
N PRO A 141 0.27 -56.98 11.00
CA PRO A 141 -0.81 -57.51 10.19
C PRO A 141 -2.18 -56.90 10.39
N ASP A 142 -2.48 -56.36 11.55
CA ASP A 142 -3.73 -55.60 11.66
C ASP A 142 -3.57 -54.06 11.84
N ALA A 143 -2.45 -53.49 11.43
CA ALA A 143 -2.26 -52.04 11.49
C ALA A 143 -3.38 -51.31 10.75
N LYS A 144 -3.95 -50.26 11.35
CA LYS A 144 -4.96 -49.46 10.67
C LYS A 144 -4.38 -48.67 9.49
N TYR A 145 -3.17 -48.12 9.69
CA TYR A 145 -2.51 -47.38 8.63
C TYR A 145 -1.00 -47.37 8.87
N LEU A 146 -0.30 -46.94 7.84
CA LEU A 146 1.13 -46.78 7.77
C LEU A 146 1.37 -45.28 7.55
N HIS A 147 2.16 -44.66 8.44
CA HIS A 147 2.48 -43.24 8.38
C HIS A 147 3.91 -42.96 7.93
N ILE A 148 4.07 -42.04 6.97
CA ILE A 148 5.39 -41.55 6.57
C ILE A 148 5.39 -40.03 6.62
N CYS A 149 6.59 -39.47 6.73
CA CYS A 149 6.77 -38.02 6.48
C CYS A 149 7.49 -37.97 5.15
N ALA A 150 6.78 -37.48 4.14
CA ALA A 150 7.28 -37.61 2.76
C ALA A 150 8.53 -36.77 2.52
N ASN A 151 8.64 -35.63 3.20
CA ASN A 151 9.81 -34.78 3.13
C ASN A 151 10.17 -34.34 4.53
N GLU A 152 11.31 -34.87 5.03
CA GLU A 152 11.77 -34.58 6.39
C GLU A 152 12.60 -33.30 6.35
N THR A 153 11.96 -32.21 6.77
CA THR A 153 12.40 -30.85 6.52
C THR A 153 13.78 -30.50 7.10
N ILE A 154 14.10 -31.10 8.24
CA ILE A 154 15.39 -30.84 8.91
C ILE A 154 16.52 -31.68 8.26
N HIS A 155 16.17 -32.92 7.89
CA HIS A 155 17.16 -33.92 7.53
C HIS A 155 17.40 -34.05 6.04
N GLY A 156 16.48 -33.47 5.25
CA GLY A 156 16.62 -33.45 3.83
C GLY A 156 16.42 -34.76 3.09
N VAL A 157 15.58 -35.64 3.67
CA VAL A 157 15.29 -36.95 3.14
C VAL A 157 13.87 -36.89 2.55
N GLU A 158 13.76 -37.26 1.29
CA GLU A 158 12.50 -37.17 0.58
C GLU A 158 12.15 -38.49 -0.12
N PHE A 159 10.92 -38.96 0.11
CA PHE A 159 10.36 -40.09 -0.58
C PHE A 159 10.15 -39.73 -2.04
N LYS A 160 10.65 -40.58 -2.94
CA LYS A 160 10.42 -40.43 -4.39
C LYS A 160 9.30 -41.39 -4.83
N ASP A 161 9.37 -42.64 -4.42
CA ASP A 161 8.31 -43.62 -4.57
C ASP A 161 7.76 -43.87 -3.17
N TYR A 162 6.62 -44.55 -3.08
CA TYR A 162 5.93 -44.77 -1.80
C TYR A 162 5.71 -46.24 -1.48
N PRO A 163 5.76 -46.60 -0.18
CA PRO A 163 5.50 -47.98 0.22
C PRO A 163 4.02 -48.33 0.04
N VAL A 164 3.71 -49.63 -0.12
CA VAL A 164 2.33 -50.07 -0.26
C VAL A 164 1.91 -50.62 1.09
N PRO A 165 0.92 -49.98 1.72
CA PRO A 165 0.52 -50.52 3.02
C PRO A 165 -0.08 -51.90 2.90
N LYS A 166 0.19 -52.77 3.87
CA LYS A 166 -0.27 -54.16 3.79
C LYS A 166 -1.73 -54.29 4.18
N ASN A 167 -2.07 -54.02 5.46
CA ASN A 167 -3.43 -54.19 5.94
C ASN A 167 -4.34 -52.98 5.71
N GLY A 168 -3.76 -51.79 5.86
CA GLY A 168 -4.54 -50.55 5.87
C GLY A 168 -4.21 -49.64 4.71
N PHE A 169 -4.19 -48.35 5.03
CA PHE A 169 -3.94 -47.29 4.06
C PHE A 169 -2.71 -46.48 4.44
N LEU A 170 -2.29 -45.59 3.53
CA LEU A 170 -1.08 -44.84 3.68
C LEU A 170 -1.43 -43.42 4.07
N VAL A 171 -0.73 -42.89 5.06
CA VAL A 171 -0.90 -41.49 5.46
C VAL A 171 0.44 -40.82 5.34
N ALA A 172 0.49 -39.67 4.70
CA ALA A 172 1.73 -38.92 4.53
C ALA A 172 1.63 -37.46 4.94
N ASP A 173 2.58 -37.07 5.79
CA ASP A 173 2.83 -35.65 6.09
C ASP A 173 3.64 -35.10 4.95
N MET A 174 2.99 -34.30 4.10
CA MET A 174 3.67 -33.62 2.99
C MET A 174 3.81 -32.14 3.23
N SER A 175 3.88 -31.72 4.50
CA SER A 175 4.02 -30.28 4.80
C SER A 175 5.08 -29.59 3.95
N SER A 176 6.30 -30.13 3.91
CA SER A 176 7.38 -29.36 3.27
C SER A 176 7.65 -29.77 1.81
N ASN A 177 6.83 -30.62 1.19
CA ASN A 177 6.91 -30.76 -0.29
C ASN A 177 5.55 -30.67 -0.95
N PHE A 178 4.55 -30.14 -0.22
CA PHE A 178 3.17 -30.11 -0.72
C PHE A 178 3.07 -29.29 -2.04
N CYS A 179 2.46 -29.86 -3.09
CA CYS A 179 2.37 -29.17 -4.41
C CYS A 179 3.71 -28.74 -5.01
N SER A 180 4.74 -29.56 -4.76
CA SER A 180 6.02 -29.43 -5.45
C SER A 180 6.13 -30.32 -6.68
N LYS A 181 5.14 -31.18 -6.89
CA LYS A 181 5.23 -32.25 -7.87
C LYS A 181 3.92 -33.02 -7.91
N PRO A 182 3.69 -33.77 -8.98
CA PRO A 182 2.49 -34.59 -9.03
C PRO A 182 2.55 -35.69 -7.98
N VAL A 183 1.39 -36.02 -7.44
CA VAL A 183 1.20 -37.11 -6.46
C VAL A 183 -0.02 -37.90 -6.92
N ASP A 184 0.10 -39.23 -6.97
CA ASP A 184 -1.05 -40.09 -7.23
C ASP A 184 -1.82 -40.24 -5.92
N VAL A 185 -2.78 -39.34 -5.73
CA VAL A 185 -3.53 -39.24 -4.50
C VAL A 185 -4.23 -40.55 -4.12
N SER A 186 -4.66 -41.32 -5.12
CA SER A 186 -5.42 -42.55 -4.88
C SER A 186 -4.57 -43.61 -4.11
N LYS A 187 -3.24 -43.46 -4.08
CA LYS A 187 -2.37 -44.33 -3.31
C LYS A 187 -2.49 -44.09 -1.79
N PHE A 188 -3.10 -42.98 -1.40
CA PHE A 188 -3.15 -42.53 0.01
C PHE A 188 -4.55 -42.56 0.58
N GLY A 189 -4.65 -42.82 1.89
CA GLY A 189 -5.89 -42.54 2.59
C GLY A 189 -5.94 -41.08 3.03
N VAL A 190 -4.80 -40.56 3.47
CA VAL A 190 -4.70 -39.15 3.91
C VAL A 190 -3.39 -38.57 3.52
N ILE A 191 -3.45 -37.37 2.92
CA ILE A 191 -2.29 -36.51 2.79
C ILE A 191 -2.60 -35.24 3.60
N TYR A 192 -1.64 -34.74 4.38
CA TYR A 192 -1.82 -33.48 5.12
C TYR A 192 -0.55 -32.66 5.16
N GLY A 193 -0.70 -31.36 5.37
CA GLY A 193 0.45 -30.52 5.53
C GLY A 193 0.05 -29.10 5.90
N GLY A 194 0.90 -28.44 6.68
CA GLY A 194 0.80 -26.98 6.88
C GLY A 194 1.08 -26.27 5.56
N ALA A 195 0.43 -25.14 5.37
CA ALA A 195 0.58 -24.37 4.12
C ALA A 195 1.90 -23.66 4.02
N GLN A 196 2.48 -23.36 5.17
CA GLN A 196 3.56 -22.42 5.28
C GLN A 196 4.92 -22.73 4.60
N LYS A 197 5.07 -23.81 3.82
CA LYS A 197 6.28 -23.96 3.00
C LYS A 197 6.08 -23.65 1.59
N ASN A 198 5.10 -24.34 0.98
CA ASN A 198 4.89 -24.18 -0.44
C ASN A 198 3.64 -23.47 -0.87
N VAL A 199 2.60 -23.41 -0.05
CA VAL A 199 1.34 -22.94 -0.62
C VAL A 199 0.65 -21.74 0.04
N GLY A 200 1.28 -21.13 1.05
CA GLY A 200 0.67 -20.03 1.77
C GLY A 200 1.39 -19.64 3.03
N PRO A 201 0.72 -18.79 3.83
CA PRO A 201 1.27 -18.39 5.12
C PRO A 201 0.89 -19.37 6.20
N SER A 202 1.51 -19.22 7.35
CA SER A 202 1.18 -20.08 8.48
CA SER A 202 1.18 -20.09 8.48
C SER A 202 -0.20 -19.76 8.97
N GLY A 203 -0.90 -20.77 9.49
CA GLY A 203 -2.25 -20.58 9.96
C GLY A 203 -3.28 -21.46 9.30
N VAL A 204 -2.90 -22.08 8.19
CA VAL A 204 -3.76 -22.97 7.47
C VAL A 204 -3.04 -24.32 7.32
N THR A 205 -3.80 -25.39 7.50
CA THR A 205 -3.35 -26.77 7.33
C THR A 205 -4.33 -27.45 6.38
N ILE A 206 -3.83 -28.17 5.36
CA ILE A 206 -4.70 -28.84 4.44
C ILE A 206 -4.70 -30.32 4.74
N VAL A 207 -5.89 -30.93 4.72
CA VAL A 207 -6.08 -32.37 4.87
C VAL A 207 -6.89 -32.90 3.69
N ILE A 208 -6.28 -33.82 2.95
CA ILE A 208 -6.93 -34.51 1.85
C ILE A 208 -7.20 -35.91 2.31
N ILE A 209 -8.48 -36.28 2.40
CA ILE A 209 -8.83 -37.53 3.07
C ILE A 209 -9.89 -38.28 2.27
N ARG A 210 -9.67 -39.58 2.10
CA ARG A 210 -10.62 -40.44 1.38
C ARG A 210 -11.96 -40.45 2.14
N LYS A 211 -13.08 -40.22 1.45
CA LYS A 211 -14.34 -39.99 2.14
C LYS A 211 -14.76 -41.22 2.97
N ASP A 212 -14.40 -42.41 2.52
CA ASP A 212 -14.83 -43.60 3.28
C ASP A 212 -14.10 -43.78 4.59
N LEU A 213 -13.08 -42.96 4.86
CA LEU A 213 -12.36 -42.95 6.16
C LEU A 213 -12.88 -41.91 7.16
N ILE A 214 -13.83 -41.08 6.71
CA ILE A 214 -14.40 -40.06 7.56
C ILE A 214 -15.52 -40.60 8.46
N GLY A 215 -15.55 -40.17 9.71
CA GLY A 215 -16.63 -40.54 10.65
C GLY A 215 -16.07 -41.48 11.73
N ASN A 216 -16.85 -41.76 12.75
CA ASN A 216 -16.34 -42.71 13.74
C ASN A 216 -15.05 -42.31 14.52
N ALA A 217 -14.82 -41.01 14.75
CA ALA A 217 -13.77 -40.60 15.68
C ALA A 217 -13.99 -41.14 17.11
N GLN A 218 -12.90 -41.28 17.86
CA GLN A 218 -13.02 -41.60 19.28
C GLN A 218 -13.88 -40.58 20.04
N ASP A 219 -14.61 -41.03 21.06
CA ASP A 219 -15.49 -40.13 21.83
C ASP A 219 -14.79 -38.93 22.44
N ILE A 220 -13.54 -39.07 22.81
CA ILE A 220 -12.78 -37.94 23.38
C ILE A 220 -12.23 -36.90 22.36
N THR A 221 -12.47 -37.12 21.07
CA THR A 221 -12.00 -36.17 20.04
C THR A 221 -12.64 -34.80 20.24
N PRO A 222 -11.83 -33.75 20.38
CA PRO A 222 -12.44 -32.42 20.37
C PRO A 222 -13.22 -32.20 19.11
N VAL A 223 -14.29 -31.42 19.20
CA VAL A 223 -15.08 -31.14 17.98
C VAL A 223 -14.21 -30.51 16.90
N MET A 224 -13.24 -29.71 17.29
CA MET A 224 -12.37 -29.05 16.32
C MET A 224 -11.34 -29.95 15.67
N LEU A 225 -11.19 -31.16 16.18
CA LEU A 225 -10.31 -32.12 15.53
C LEU A 225 -11.06 -33.20 14.75
N ASP A 226 -12.41 -33.11 14.69
CA ASP A 226 -13.25 -34.18 14.16
C ASP A 226 -13.43 -34.03 12.64
N TYR A 227 -12.93 -34.97 11.85
CA TYR A 227 -13.00 -34.83 10.40
C TYR A 227 -14.43 -34.77 9.84
N LYS A 228 -15.32 -35.55 10.43
CA LYS A 228 -16.69 -35.57 9.98
C LYS A 228 -17.37 -34.20 10.13
N ILE A 229 -17.14 -33.55 11.26
CA ILE A 229 -17.66 -32.21 11.53
C ILE A 229 -17.12 -31.23 10.49
N HIS A 230 -15.82 -31.28 10.20
CA HIS A 230 -15.26 -30.31 9.21
C HIS A 230 -15.81 -30.60 7.79
N ASP A 231 -15.93 -31.88 7.45
CA ASP A 231 -16.35 -32.28 6.12
C ASP A 231 -17.82 -31.95 5.89
N GLU A 232 -18.68 -32.27 6.84
CA GLU A 232 -20.09 -32.03 6.59
C GLU A 232 -20.41 -30.50 6.62
N ASN A 233 -19.51 -29.70 7.22
CA ASN A 233 -19.65 -28.23 7.23
C ASN A 233 -18.71 -27.54 6.25
N SER A 234 -18.08 -28.33 5.38
CA SER A 234 -17.25 -27.77 4.32
C SER A 234 -16.19 -26.77 4.84
N SER A 235 -15.60 -27.13 5.97
CA SER A 235 -14.54 -26.37 6.65
C SER A 235 -15.04 -25.04 7.24
N LEU A 236 -16.35 -24.90 7.38
CA LEU A 236 -16.91 -23.71 8.01
C LEU A 236 -17.72 -24.06 9.26
N TYR A 237 -17.30 -25.08 10.00
CA TYR A 237 -18.00 -25.39 11.25
C TYR A 237 -17.88 -24.26 12.22
N ASN A 238 -16.65 -23.79 12.45
CA ASN A 238 -16.41 -22.57 13.20
C ASN A 238 -15.81 -21.54 12.23
N THR A 239 -15.22 -20.48 12.80
CA THR A 239 -14.66 -19.45 11.92
C THR A 239 -13.31 -19.91 11.35
N PRO A 240 -13.22 -20.08 10.02
CA PRO A 240 -11.98 -20.56 9.44
C PRO A 240 -10.93 -19.44 9.36
N PRO A 241 -9.68 -19.78 9.05
CA PRO A 241 -8.59 -18.81 8.81
C PRO A 241 -8.79 -18.22 7.40
N CYS A 242 -9.74 -17.31 7.29
CA CYS A 242 -10.19 -16.77 6.02
C CYS A 242 -9.07 -16.19 5.18
N PHE A 243 -8.30 -15.28 5.76
CA PHE A 243 -7.23 -14.67 5.00
C PHE A 243 -6.16 -15.67 4.53
N GLY A 244 -5.77 -16.60 5.42
CA GLY A 244 -4.83 -17.64 5.02
C GLY A 244 -5.37 -18.47 3.87
N ILE A 245 -6.66 -18.82 3.93
CA ILE A 245 -7.28 -19.57 2.84
C ILE A 245 -7.27 -18.84 1.52
N TYR A 246 -7.65 -17.58 1.58
CA TYR A 246 -7.45 -16.63 0.46
C TYR A 246 -6.05 -16.65 -0.12
N MET A 247 -5.05 -16.51 0.74
CA MET A 247 -3.68 -16.53 0.26
C MET A 247 -3.32 -17.87 -0.42
N CYS A 248 -3.71 -19.00 0.20
CA CYS A 248 -3.47 -20.30 -0.41
C CYS A 248 -4.14 -20.35 -1.82
N GLY A 249 -5.35 -19.82 -1.90
CA GLY A 249 -6.09 -19.72 -3.18
C GLY A 249 -5.28 -18.98 -4.23
N LEU A 250 -4.65 -17.88 -3.84
CA LEU A 250 -3.82 -17.15 -4.81
C LEU A 250 -2.64 -18.00 -5.29
N VAL A 251 -2.02 -18.74 -4.38
CA VAL A 251 -0.86 -19.55 -4.72
C VAL A 251 -1.24 -20.69 -5.66
N PHE A 252 -2.35 -21.35 -5.35
CA PHE A 252 -2.84 -22.40 -6.22
C PHE A 252 -3.12 -21.88 -7.63
N GLU A 253 -3.76 -20.73 -7.73
CA GLU A 253 -4.13 -20.13 -9.03
C GLU A 253 -2.84 -19.82 -9.81
N ASP A 254 -1.82 -19.28 -9.14
CA ASP A 254 -0.51 -19.06 -9.78
C ASP A 254 0.23 -20.34 -10.18
N LEU A 255 0.14 -21.41 -9.37
CA LEU A 255 0.76 -22.65 -9.76
C LEU A 255 0.09 -23.23 -11.00
N LEU A 256 -1.23 -23.07 -11.13
CA LEU A 256 -1.88 -23.46 -12.38
C LEU A 256 -1.40 -22.62 -13.58
N GLU A 257 -1.25 -21.31 -13.38
CA GLU A 257 -0.75 -20.41 -14.44
C GLU A 257 0.67 -20.78 -14.88
N GLN A 258 1.47 -21.32 -13.97
CA GLN A 258 2.83 -21.77 -14.29
C GLN A 258 2.86 -23.03 -15.17
N GLY A 259 1.70 -23.65 -15.38
CA GLY A 259 1.62 -24.90 -16.13
C GLY A 259 1.36 -26.14 -15.29
N GLY A 260 1.02 -25.97 -14.03
CA GLY A 260 0.75 -27.14 -13.19
C GLY A 260 1.98 -27.86 -12.63
N LEU A 261 1.72 -28.94 -11.90
CA LEU A 261 2.76 -29.54 -11.11
C LEU A 261 3.85 -30.23 -11.88
N LYS A 262 3.59 -30.67 -13.12
CA LYS A 262 4.69 -31.19 -13.92
C LYS A 262 5.73 -30.12 -14.18
N GLU A 263 5.29 -28.88 -14.42
CA GLU A 263 6.23 -27.80 -14.70
C GLU A 263 6.93 -27.37 -13.45
N VAL A 264 6.15 -27.26 -12.36
CA VAL A 264 6.70 -26.93 -11.04
C VAL A 264 7.82 -27.91 -10.63
N GLU A 265 7.58 -29.21 -10.81
CA GLU A 265 8.60 -30.22 -10.52
C GLU A 265 9.89 -30.04 -11.33
N LYS A 266 9.75 -29.79 -12.62
CA LYS A 266 10.93 -29.57 -13.47
C LYS A 266 11.79 -28.46 -12.96
N LYS A 267 11.15 -27.35 -12.58
CA LYS A 267 11.87 -26.20 -12.06
C LYS A 267 12.56 -26.52 -10.74
N ASN A 268 11.83 -27.30 -9.91
CA ASN A 268 12.37 -27.65 -8.62
C ASN A 268 13.57 -28.52 -8.77
N GLN A 269 13.47 -29.53 -9.64
CA GLN A 269 14.60 -30.43 -9.88
C GLN A 269 15.82 -29.68 -10.42
N ARG A 270 15.57 -28.75 -11.32
CA ARG A 270 16.65 -28.01 -11.96
C ARG A 270 17.45 -27.17 -10.94
N LYS A 271 16.74 -26.42 -10.10
CA LYS A 271 17.44 -25.57 -9.15
C LYS A 271 18.10 -26.39 -8.02
N ALA A 272 17.45 -27.45 -7.55
CA ALA A 272 18.09 -28.36 -6.60
C ALA A 272 19.40 -28.98 -7.16
N ASP A 273 19.36 -29.40 -8.41
CA ASP A 273 20.57 -29.99 -9.05
C ASP A 273 21.74 -29.02 -9.05
N LEU A 274 21.46 -27.74 -9.21
CA LEU A 274 22.55 -26.76 -9.23
C LEU A 274 23.30 -26.75 -7.93
N LEU A 275 22.55 -26.85 -6.83
CA LEU A 275 23.10 -26.77 -5.48
C LEU A 275 23.79 -28.10 -5.10
N TYR A 276 23.13 -29.21 -5.39
CA TYR A 276 23.74 -30.53 -5.10
C TYR A 276 25.02 -30.76 -5.90
N ASN A 277 25.03 -30.35 -7.17
CA ASN A 277 26.24 -30.49 -8.01
C ASN A 277 27.37 -29.60 -7.50
N ALA A 278 27.07 -28.38 -7.09
CA ALA A 278 28.10 -27.55 -6.43
C ALA A 278 28.73 -28.23 -5.22
N ILE A 279 27.89 -28.83 -4.37
CA ILE A 279 28.38 -29.55 -3.19
C ILE A 279 29.26 -30.74 -3.61
N GLU A 280 28.75 -31.58 -4.52
CA GLU A 280 29.48 -32.79 -4.91
C GLU A 280 30.78 -32.48 -5.66
N GLU A 281 30.82 -31.39 -6.39
CA GLU A 281 32.00 -31.01 -7.18
C GLU A 281 33.07 -30.27 -6.35
N SER A 282 32.83 -30.07 -5.05
CA SER A 282 33.68 -29.21 -4.23
C SER A 282 34.85 -29.94 -3.58
N ASN A 283 35.04 -31.21 -3.93
CA ASN A 283 36.12 -32.04 -3.40
C ASN A 283 36.09 -32.07 -1.90
N GLY A 284 34.90 -32.14 -1.32
CA GLY A 284 34.77 -32.30 0.14
C GLY A 284 34.72 -31.04 0.98
N PHE A 285 34.92 -29.87 0.35
CA PHE A 285 34.80 -28.59 1.06
C PHE A 285 33.41 -28.42 1.65
N PHE A 286 32.39 -28.66 0.82
CA PHE A 286 30.99 -28.78 1.28
C PHE A 286 30.59 -30.24 1.27
N ARG A 287 29.74 -30.66 2.22
CA ARG A 287 29.27 -32.05 2.29
C ARG A 287 27.75 -32.12 2.55
N CYS A 288 27.07 -32.98 1.81
CA CYS A 288 25.68 -33.33 2.11
C CYS A 288 25.66 -34.78 2.58
N PRO A 289 25.12 -35.07 3.79
CA PRO A 289 25.12 -36.47 4.32
C PRO A 289 24.06 -37.41 3.75
N VAL A 290 23.06 -36.88 3.05
CA VAL A 290 21.92 -37.67 2.62
C VAL A 290 22.29 -38.55 1.45
N GLU A 291 21.78 -39.79 1.47
CA GLU A 291 21.96 -40.72 0.35
C GLU A 291 21.36 -40.16 -0.97
N LYS A 292 22.10 -40.29 -2.06
CA LYS A 292 21.80 -39.54 -3.29
C LYS A 292 20.35 -39.68 -3.82
N SER A 293 19.83 -40.90 -3.84
CA SER A 293 18.52 -41.16 -4.45
C SER A 293 17.33 -40.56 -3.67
N VAL A 294 17.55 -40.18 -2.41
CA VAL A 294 16.47 -39.60 -1.58
C VAL A 294 16.73 -38.16 -1.13
N ARG A 295 17.64 -37.49 -1.83
CA ARG A 295 17.91 -36.08 -1.54
C ARG A 295 16.72 -35.18 -1.87
N SER A 296 16.23 -34.46 -0.87
CA SER A 296 15.12 -33.55 -1.01
C SER A 296 15.36 -32.45 -2.04
N LEU A 297 14.32 -32.18 -2.83
CA LEU A 297 14.32 -31.03 -3.75
C LEU A 297 13.99 -29.71 -2.98
N MET A 298 13.55 -29.85 -1.73
CA MET A 298 13.03 -28.72 -0.93
C MET A 298 13.97 -28.20 0.15
N ASN A 299 14.62 -29.13 0.85
CA ASN A 299 15.53 -28.73 1.95
C ASN A 299 16.86 -29.40 1.74
N VAL A 300 17.92 -28.58 1.69
CA VAL A 300 19.25 -29.09 1.39
C VAL A 300 20.17 -28.81 2.58
N PRO A 301 20.41 -29.83 3.40
CA PRO A 301 21.36 -29.65 4.52
C PRO A 301 22.78 -29.88 4.05
N PHE A 302 23.74 -29.05 4.47
CA PHE A 302 25.13 -29.26 4.14
C PHE A 302 26.06 -28.61 5.15
N THR A 303 27.27 -29.16 5.24
CA THR A 303 28.25 -28.74 6.24
C THR A 303 29.57 -28.41 5.56
N LEU A 304 30.51 -27.82 6.30
CA LEU A 304 31.85 -27.57 5.75
C LEU A 304 32.81 -28.52 6.44
N GLU A 305 33.80 -29.02 5.69
CA GLU A 305 34.89 -29.75 6.34
C GLU A 305 35.51 -28.86 7.42
N LYS A 306 35.78 -27.60 7.05
CA LYS A 306 36.23 -26.62 8.06
C LYS A 306 35.03 -25.99 8.77
N SER A 307 34.46 -26.72 9.71
CA SER A 307 33.25 -26.31 10.37
CA SER A 307 33.23 -26.28 10.33
C SER A 307 33.40 -24.98 11.10
N GLU A 308 34.64 -24.62 11.46
CA GLU A 308 34.91 -23.33 12.15
C GLU A 308 34.56 -22.14 11.28
N LEU A 309 34.40 -22.38 9.97
CA LEU A 309 34.05 -21.33 9.04
C LEU A 309 32.54 -21.19 8.78
N GLU A 310 31.69 -22.03 9.41
CA GLU A 310 30.28 -22.04 9.10
C GLU A 310 29.63 -20.72 9.53
N ALA A 311 29.99 -20.21 10.68
CA ALA A 311 29.37 -18.99 11.15
C ALA A 311 29.66 -17.85 10.21
N GLU A 312 30.89 -17.78 9.69
CA GLU A 312 31.28 -16.73 8.77
C GLU A 312 30.57 -16.89 7.42
N PHE A 313 30.47 -18.12 6.95
CA PHE A 313 29.72 -18.43 5.72
C PHE A 313 28.30 -17.87 5.80
N ILE A 314 27.63 -18.13 6.93
CA ILE A 314 26.23 -17.72 7.11
C ILE A 314 26.12 -16.20 7.21
N LYS A 315 27.00 -15.58 7.99
CA LYS A 315 26.98 -14.13 8.15
C LYS A 315 27.30 -13.38 6.86
N GLU A 316 28.30 -13.88 6.14
CA GLU A 316 28.70 -13.29 4.86
C GLU A 316 27.58 -13.45 3.81
N ALA A 317 26.92 -14.62 3.81
CA ALA A 317 25.80 -14.87 2.84
C ALA A 317 24.66 -13.89 3.10
N ALA A 318 24.37 -13.67 4.39
CA ALA A 318 23.32 -12.70 4.80
C ALA A 318 23.62 -11.28 4.37
N LYS A 319 24.88 -10.86 4.48
CA LYS A 319 25.29 -9.54 3.93
C LYS A 319 25.05 -9.47 2.43
N GLU A 320 25.20 -10.58 1.74
CA GLU A 320 24.89 -10.68 0.29
C GLU A 320 23.39 -11.02 0.03
N LYS A 321 22.53 -10.75 1.02
CA LYS A 321 21.09 -10.90 0.88
C LYS A 321 20.59 -12.36 0.65
N MET A 322 21.33 -13.32 1.20
CA MET A 322 20.88 -14.72 1.26
C MET A 322 20.75 -15.07 2.74
N VAL A 323 19.50 -15.07 3.22
CA VAL A 323 19.24 -15.14 4.66
C VAL A 323 18.66 -16.48 5.09
N GLN A 324 18.78 -16.73 6.38
CA GLN A 324 18.18 -17.92 7.04
C GLN A 324 18.80 -19.23 6.55
N LEU A 325 20.11 -19.25 6.35
CA LEU A 325 20.81 -20.45 5.90
C LEU A 325 21.34 -21.35 7.04
N LYS A 326 21.24 -20.93 8.31
CA LYS A 326 21.79 -21.71 9.39
C LYS A 326 21.08 -23.08 9.51
N GLY A 327 21.85 -24.13 9.71
CA GLY A 327 21.33 -25.49 9.84
C GLY A 327 20.99 -25.80 11.29
N HIS A 328 20.57 -27.04 11.54
CA HIS A 328 20.01 -27.44 12.85
C HIS A 328 21.14 -27.70 13.82
N ARG A 329 20.83 -27.42 15.09
CA ARG A 329 21.84 -27.42 16.16
C ARG A 329 22.61 -28.76 16.34
N SER A 330 21.98 -29.88 15.96
CA SER A 330 22.58 -31.21 16.15
C SER A 330 23.72 -31.54 15.17
N VAL A 331 23.72 -30.91 13.98
CA VAL A 331 24.78 -31.12 12.94
C VAL A 331 25.56 -29.86 12.52
N GLY A 332 25.03 -28.70 12.92
CA GLY A 332 25.56 -27.43 12.51
C GLY A 332 25.37 -27.26 11.01
N GLY A 333 26.36 -26.65 10.39
CA GLY A 333 26.30 -26.38 8.98
C GLY A 333 25.11 -25.48 8.65
N MET A 334 24.59 -25.77 7.48
CA MET A 334 23.68 -24.92 6.79
C MET A 334 22.49 -25.77 6.32
N ARG A 335 21.39 -25.09 6.05
CA ARG A 335 20.24 -25.72 5.38
C ARG A 335 19.67 -24.68 4.43
N ALA A 336 19.74 -24.98 3.13
CA ALA A 336 19.14 -24.12 2.15
C ALA A 336 17.78 -24.68 1.82
N SER A 337 16.75 -23.97 2.23
CA SER A 337 15.39 -24.34 1.87
C SER A 337 15.05 -23.62 0.59
N ILE A 338 14.62 -24.38 -0.39
CA ILE A 338 14.50 -23.96 -1.76
C ILE A 338 13.15 -24.44 -2.31
N TYR A 339 12.13 -23.89 -1.70
CA TYR A 339 10.75 -24.22 -2.00
C TYR A 339 10.33 -23.71 -3.39
N ASN A 340 9.06 -23.94 -3.74
CA ASN A 340 8.58 -23.60 -5.09
C ASN A 340 8.92 -22.15 -5.44
N ALA A 341 8.65 -21.25 -4.51
CA ALA A 341 8.76 -19.79 -4.79
C ALA A 341 10.16 -19.19 -4.72
N MET A 342 11.15 -19.99 -4.32
CA MET A 342 12.52 -19.50 -4.27
C MET A 342 12.96 -19.28 -5.71
N PRO A 343 13.31 -18.04 -6.07
CA PRO A 343 13.71 -17.84 -7.46
C PRO A 343 14.92 -18.62 -7.88
N LEU A 344 15.00 -19.04 -9.14
CA LEU A 344 16.21 -19.67 -9.65
C LEU A 344 17.45 -18.81 -9.35
N ALA A 345 17.32 -17.49 -9.52
CA ALA A 345 18.46 -16.59 -9.31
C ALA A 345 19.00 -16.59 -7.87
N GLY A 346 18.15 -16.90 -6.88
CA GLY A 346 18.64 -17.04 -5.52
C GLY A 346 19.53 -18.26 -5.36
N VAL A 347 19.16 -19.37 -6.00
CA VAL A 347 19.98 -20.57 -5.93
C VAL A 347 21.28 -20.33 -6.70
N GLU A 348 21.18 -19.65 -7.84
CA GLU A 348 22.37 -19.26 -8.61
C GLU A 348 23.32 -18.38 -7.81
N LYS A 349 22.78 -17.44 -7.06
CA LYS A 349 23.60 -16.58 -6.23
C LYS A 349 24.29 -17.35 -5.12
N LEU A 350 23.58 -18.29 -4.48
CA LEU A 350 24.19 -19.08 -3.42
C LEU A 350 25.33 -19.94 -3.99
N VAL A 351 25.10 -20.59 -5.12
CA VAL A 351 26.13 -21.44 -5.74
C VAL A 351 27.36 -20.60 -6.07
N ALA A 352 27.15 -19.39 -6.65
CA ALA A 352 28.29 -18.51 -6.96
C ALA A 352 29.03 -18.10 -5.70
N PHE A 353 28.26 -17.84 -4.64
CA PHE A 353 28.82 -17.46 -3.34
C PHE A 353 29.66 -18.59 -2.79
N MET A 354 29.15 -19.81 -2.88
CA MET A 354 29.86 -20.98 -2.41
C MET A 354 31.20 -21.15 -3.12
N LYS A 355 31.20 -20.88 -4.41
CA LYS A 355 32.40 -21.00 -5.21
C LYS A 355 33.49 -20.03 -4.78
N ASP A 356 33.10 -18.79 -4.63
CA ASP A 356 33.98 -17.74 -4.17
CA ASP A 356 34.00 -17.74 -4.17
C ASP A 356 34.52 -18.04 -2.77
N PHE A 357 33.64 -18.56 -1.90
CA PHE A 357 33.99 -18.80 -0.49
C PHE A 357 35.04 -19.89 -0.41
N GLN A 358 34.82 -20.96 -1.16
CA GLN A 358 35.76 -22.06 -1.22
C GLN A 358 37.13 -21.60 -1.76
N ALA A 359 37.11 -20.82 -2.84
CA ALA A 359 38.35 -20.33 -3.46
C ALA A 359 39.14 -19.52 -2.45
N LYS A 360 38.43 -18.71 -1.69
CA LYS A 360 39.02 -17.86 -0.67
C LYS A 360 39.57 -18.64 0.53
N HIS A 361 38.90 -19.72 0.94
CA HIS A 361 39.26 -20.42 2.16
C HIS A 361 39.88 -21.80 1.94
N ALA A 362 40.27 -22.09 0.70
CA ALA A 362 40.75 -23.42 0.33
C ALA A 362 42.04 -23.71 1.08
N ASN B 2 -16.22 0.30 -6.09
CA ASN B 2 -16.97 1.34 -5.32
C ASN B 2 -16.38 1.42 -3.88
N ALA B 3 -16.80 2.39 -3.10
CA ALA B 3 -16.27 2.69 -1.78
C ALA B 3 -16.49 1.57 -0.73
N ARG B 4 -15.82 1.73 0.40
CA ARG B 4 -16.01 0.80 1.51
C ARG B 4 -17.39 0.92 2.10
N VAL B 5 -17.98 -0.22 2.44
CA VAL B 5 -19.34 -0.24 2.98
C VAL B 5 -19.34 -0.17 4.51
N PHE B 6 -20.50 0.02 5.09
CA PHE B 6 -20.64 -0.11 6.53
C PHE B 6 -20.92 -1.58 6.77
N ASN B 7 -19.98 -2.26 7.42
CA ASN B 7 -20.03 -3.73 7.53
C ASN B 7 -20.38 -4.17 8.94
N PHE B 8 -21.62 -4.61 9.09
CA PHE B 8 -22.17 -5.03 10.35
C PHE B 8 -21.96 -6.51 10.69
N ALA B 9 -21.10 -7.21 9.96
CA ALA B 9 -20.84 -8.66 10.21
C ALA B 9 -20.42 -8.92 11.67
N ALA B 10 -20.83 -10.08 12.15
CA ALA B 10 -20.71 -10.41 13.56
C ALA B 10 -19.41 -11.12 13.87
N GLY B 11 -18.62 -11.41 12.84
CA GLY B 11 -17.32 -12.10 13.06
C GLY B 11 -17.07 -13.08 11.94
N PRO B 12 -16.03 -12.91 11.12
CA PRO B 12 -15.09 -11.80 11.19
C PRO B 12 -15.80 -10.51 10.99
N ALA B 13 -15.06 -9.44 11.23
CA ALA B 13 -15.70 -8.14 11.35
C ALA B 13 -14.89 -7.03 10.74
N THR B 14 -15.50 -5.86 10.70
CA THR B 14 -14.84 -4.60 10.27
C THR B 14 -13.60 -4.29 11.14
N LEU B 15 -12.55 -3.73 10.52
CA LEU B 15 -11.26 -3.42 11.15
C LEU B 15 -10.91 -1.97 10.87
N PRO B 16 -10.03 -1.35 11.68
CA PRO B 16 -9.79 0.08 11.45
C PRO B 16 -9.13 0.29 10.10
N GLU B 17 -9.56 1.31 9.38
CA GLU B 17 -9.01 1.57 8.04
C GLU B 17 -7.52 1.93 8.11
N ASN B 18 -7.09 2.69 9.12
CA ASN B 18 -5.65 3.04 9.17
C ASN B 18 -4.78 1.78 9.41
N VAL B 19 -5.30 0.82 10.17
CA VAL B 19 -4.65 -0.49 10.34
C VAL B 19 -4.56 -1.28 9.02
N LEU B 20 -5.67 -1.33 8.28
CA LEU B 20 -5.64 -2.02 7.02
C LEU B 20 -4.61 -1.40 6.06
N LEU B 21 -4.58 -0.07 6.03
CA LEU B 21 -3.65 0.63 5.12
C LEU B 21 -2.17 0.47 5.57
N LYS B 22 -1.92 0.42 6.87
CA LYS B 22 -0.61 0.09 7.39
C LYS B 22 -0.19 -1.31 6.95
N ALA B 23 -1.12 -2.26 7.03
CA ALA B 23 -0.81 -3.62 6.60
C ALA B 23 -0.52 -3.68 5.10
N GLN B 24 -1.27 -2.93 4.32
CA GLN B 24 -1.05 -2.85 2.88
C GLN B 24 0.35 -2.36 2.58
N ALA B 25 0.72 -1.29 3.27
CA ALA B 25 2.03 -0.67 3.04
C ALA B 25 3.19 -1.53 3.44
N ASP B 26 3.00 -2.41 4.44
CA ASP B 26 4.07 -3.26 4.96
C ASP B 26 4.09 -4.63 4.23
N LEU B 27 3.07 -4.95 3.42
CA LEU B 27 2.84 -6.34 3.01
CA LEU B 27 2.83 -6.34 3.02
C LEU B 27 3.98 -6.98 2.22
N TYR B 28 4.52 -6.25 1.25
CA TYR B 28 5.50 -6.81 0.35
C TYR B 28 6.89 -6.92 1.00
N ASN B 29 7.19 -5.94 1.86
CA ASN B 29 8.51 -5.78 2.48
C ASN B 29 8.32 -5.00 3.78
N TRP B 30 8.27 -5.73 4.89
CA TRP B 30 8.01 -5.15 6.18
C TRP B 30 9.25 -4.41 6.68
N ARG B 31 9.14 -3.09 6.80
CA ARG B 31 10.22 -2.28 7.36
C ARG B 31 11.65 -2.56 6.84
N GLY B 32 11.79 -2.71 5.53
CA GLY B 32 13.12 -2.97 4.96
C GLY B 32 13.77 -4.27 5.36
N SER B 33 13.00 -5.19 5.93
CA SER B 33 13.56 -6.48 6.27
C SER B 33 13.79 -7.31 5.02
N GLY B 34 13.21 -6.90 3.90
CA GLY B 34 13.35 -7.63 2.65
C GLY B 34 12.37 -8.78 2.44
N MET B 35 11.33 -8.84 3.26
CA MET B 35 10.30 -9.87 3.10
C MET B 35 9.01 -9.45 3.77
N SER B 36 7.93 -10.14 3.42
CA SER B 36 6.64 -9.96 4.07
C SER B 36 6.66 -10.59 5.45
N VAL B 37 5.83 -10.05 6.37
CA VAL B 37 5.51 -10.80 7.58
C VAL B 37 5.08 -12.24 7.26
N MET B 38 4.32 -12.43 6.17
CA MET B 38 3.87 -13.79 5.78
C MET B 38 4.96 -14.76 5.41
N GLU B 39 6.21 -14.27 5.26
CA GLU B 39 7.35 -15.08 4.85
C GLU B 39 8.45 -15.20 5.91
N MET B 40 8.22 -14.62 7.11
CA MET B 40 9.25 -14.55 8.14
C MET B 40 9.31 -15.90 8.88
N SER B 41 10.51 -16.27 9.26
CA SER B 41 10.68 -17.33 10.25
C SER B 41 10.10 -16.92 11.60
N HIS B 42 9.31 -17.80 12.21
CA HIS B 42 8.78 -17.50 13.53
C HIS B 42 9.84 -17.51 14.63
N ARG B 43 11.03 -18.01 14.33
CA ARG B 43 12.14 -18.01 15.27
C ARG B 43 13.18 -16.92 14.94
N GLY B 44 12.85 -16.07 13.96
CA GLY B 44 13.71 -14.98 13.51
C GLY B 44 13.53 -13.71 14.32
N LYS B 45 14.49 -12.81 14.24
CA LYS B 45 14.44 -11.67 15.13
C LYS B 45 13.28 -10.70 14.81
N GLU B 46 12.91 -10.55 13.52
CA GLU B 46 11.81 -9.70 13.14
C GLU B 46 10.50 -10.19 13.75
N PHE B 47 10.16 -11.44 13.51
CA PHE B 47 8.92 -11.94 14.09
C PHE B 47 8.95 -11.91 15.62
N LEU B 48 10.07 -12.25 16.21
CA LEU B 48 10.11 -12.18 17.65
C LEU B 48 9.77 -10.76 18.13
N SER B 49 10.29 -9.75 17.47
CA SER B 49 9.97 -8.37 17.86
C SER B 49 8.48 -8.10 17.76
N ILE B 50 7.86 -8.66 16.73
CA ILE B 50 6.44 -8.43 16.51
C ILE B 50 5.57 -9.06 17.60
N ILE B 51 5.79 -10.34 17.87
CA ILE B 51 4.96 -11.03 18.87
C ILE B 51 5.23 -10.47 20.27
N GLN B 52 6.50 -10.11 20.55
CA GLN B 52 6.79 -9.52 21.85
C GLN B 52 6.11 -8.16 22.05
N LYS B 53 6.07 -7.35 21.00
CA LYS B 53 5.43 -6.03 21.09
C LYS B 53 3.91 -6.19 21.22
N ALA B 54 3.35 -7.14 20.48
CA ALA B 54 1.91 -7.45 20.57
C ALA B 54 1.52 -7.82 22.01
N GLU B 55 2.33 -8.67 22.65
CA GLU B 55 2.06 -9.08 24.03
C GLU B 55 2.17 -7.87 24.97
N SER B 56 3.19 -7.05 24.79
CA SER B 56 3.45 -5.95 25.71
C SER B 56 2.30 -4.93 25.56
N ASP B 57 1.93 -4.66 24.31
CA ASP B 57 0.82 -3.72 24.02
C ASP B 57 -0.52 -4.23 24.58
N LEU B 58 -0.82 -5.51 24.38
CA LEU B 58 -2.02 -6.07 24.98
C LEU B 58 -1.98 -6.02 26.52
N ARG B 59 -0.86 -6.37 27.13
CA ARG B 59 -0.75 -6.23 28.59
C ARG B 59 -1.02 -4.83 29.10
N GLN B 60 -0.50 -3.82 28.38
CA GLN B 60 -0.75 -2.43 28.71
C GLN B 60 -2.21 -2.04 28.54
N LEU B 61 -2.81 -2.52 27.46
CA LEU B 61 -4.21 -2.17 27.17
C LEU B 61 -5.21 -2.68 28.13
N LEU B 62 -5.14 -3.97 28.42
CA LEU B 62 -6.05 -4.61 29.36
C LEU B 62 -5.58 -4.60 30.80
N GLU B 63 -4.34 -4.14 31.04
CA GLU B 63 -3.70 -4.18 32.37
C GLU B 63 -3.57 -5.58 32.91
N ILE B 64 -2.82 -6.37 32.17
CA ILE B 64 -2.64 -7.81 32.47
C ILE B 64 -1.32 -7.91 33.25
N PRO B 65 -1.42 -8.23 34.54
CA PRO B 65 -0.19 -8.32 35.32
C PRO B 65 0.63 -9.60 35.08
N GLN B 66 1.84 -9.58 35.62
CA GLN B 66 2.78 -10.63 35.34
C GLN B 66 2.45 -11.96 35.95
N GLU B 67 1.49 -12.02 36.85
CA GLU B 67 0.98 -13.30 37.38
C GLU B 67 0.17 -14.09 36.32
N TYR B 68 -0.10 -13.47 35.16
CA TYR B 68 -0.87 -14.08 34.07
C TYR B 68 0.03 -14.26 32.83
N SER B 69 -0.14 -15.38 32.14
CA SER B 69 0.42 -15.61 30.82
C SER B 69 -0.53 -15.17 29.74
N VAL B 70 0.04 -14.75 28.61
CA VAL B 70 -0.74 -14.34 27.44
C VAL B 70 -0.31 -15.26 26.28
N LEU B 71 -1.26 -16.04 25.74
CA LEU B 71 -0.95 -17.03 24.71
C LEU B 71 -1.66 -16.64 23.41
N PHE B 72 -0.93 -16.75 22.29
CA PHE B 72 -1.50 -16.45 20.97
C PHE B 72 -1.59 -17.78 20.27
N LEU B 73 -2.81 -18.30 20.09
CA LEU B 73 -3.01 -19.66 19.64
C LEU B 73 -3.86 -19.67 18.36
N GLN B 74 -3.92 -20.83 17.70
CA GLN B 74 -4.83 -21.12 16.64
C GLN B 74 -5.97 -21.98 17.15
N GLY B 75 -6.98 -22.13 16.31
CA GLY B 75 -8.05 -23.11 16.53
C GLY B 75 -9.41 -22.52 16.88
N GLY B 76 -9.44 -21.23 17.11
CA GLY B 76 -10.68 -20.53 17.45
C GLY B 76 -11.03 -20.68 18.92
N ALA B 77 -12.03 -19.92 19.37
CA ALA B 77 -12.59 -20.14 20.71
C ALA B 77 -13.12 -21.56 20.88
N THR B 78 -13.63 -22.16 19.80
CA THR B 78 -14.21 -23.50 19.90
C THR B 78 -13.14 -24.53 20.30
N THR B 79 -11.89 -24.35 19.89
CA THR B 79 -10.82 -25.24 20.36
C THR B 79 -10.63 -25.11 21.92
N GLN B 80 -10.81 -23.89 22.44
CA GLN B 80 -10.70 -23.64 23.89
C GLN B 80 -11.85 -24.33 24.63
N PHE B 81 -13.01 -24.50 23.99
CA PHE B 81 -14.07 -25.22 24.67
C PHE B 81 -13.60 -26.61 25.14
N ALA B 82 -12.65 -27.23 24.41
CA ALA B 82 -12.05 -28.49 24.81
C ALA B 82 -10.83 -28.28 25.68
N ALA B 83 -9.98 -27.34 25.28
CA ALA B 83 -8.73 -27.11 26.01
C ALA B 83 -8.96 -26.75 27.47
N LEU B 84 -9.99 -25.96 27.76
CA LEU B 84 -10.22 -25.52 29.14
C LEU B 84 -10.35 -26.70 30.10
N PRO B 85 -11.35 -27.56 29.91
CA PRO B 85 -11.47 -28.65 30.90
C PRO B 85 -10.33 -29.68 30.77
N LEU B 86 -9.76 -29.86 29.58
CA LEU B 86 -8.62 -30.78 29.42
C LEU B 86 -7.42 -30.31 30.28
N ASN B 87 -7.19 -29.00 30.33
CA ASN B 87 -6.06 -28.50 31.10
C ASN B 87 -6.38 -28.34 32.59
N LEU B 88 -7.60 -27.95 32.89
CA LEU B 88 -7.93 -27.40 34.22
C LEU B 88 -8.64 -28.38 35.11
N CYS B 89 -9.08 -29.48 34.53
CA CYS B 89 -9.88 -30.47 35.28
C CYS B 89 -9.33 -31.86 35.13
N LYS B 90 -9.56 -32.67 36.15
CA LYS B 90 -9.54 -34.12 36.01
C LYS B 90 -10.89 -34.57 35.45
N SER B 91 -10.97 -35.82 34.97
CA SER B 91 -12.15 -36.33 34.28
C SER B 91 -13.39 -36.35 35.20
N ASP B 92 -13.20 -36.40 36.52
CA ASP B 92 -14.30 -36.48 37.47
C ASP B 92 -14.43 -35.23 38.31
N ASP B 93 -13.81 -34.13 37.88
CA ASP B 93 -14.05 -32.82 38.46
C ASP B 93 -15.33 -32.24 37.91
N THR B 94 -15.85 -31.18 38.54
CA THR B 94 -17.12 -30.55 38.12
C THR B 94 -16.83 -29.07 37.79
N VAL B 95 -17.38 -28.61 36.67
CA VAL B 95 -17.38 -27.20 36.25
C VAL B 95 -18.81 -26.66 36.29
N ASP B 96 -18.99 -25.46 36.85
CA ASP B 96 -20.26 -24.77 36.81
C ASP B 96 -20.34 -23.87 35.57
N PHE B 97 -21.52 -23.84 34.95
CA PHE B 97 -21.78 -22.90 33.87
C PHE B 97 -22.97 -22.02 34.16
N VAL B 98 -22.85 -20.72 33.85
CA VAL B 98 -24.01 -19.84 33.76
C VAL B 98 -24.23 -19.62 32.31
N VAL B 99 -25.39 -20.03 31.79
CA VAL B 99 -25.62 -20.02 30.33
C VAL B 99 -26.58 -18.90 29.95
N THR B 100 -26.06 -17.87 29.27
CA THR B 100 -26.82 -16.70 28.91
C THR B 100 -27.12 -16.60 27.40
N GLY B 101 -26.72 -17.61 26.64
CA GLY B 101 -26.97 -17.64 25.19
C GLY B 101 -26.38 -18.89 24.61
N SER B 102 -26.35 -19.00 23.29
CA SER B 102 -26.02 -20.27 22.67
C SER B 102 -24.51 -20.56 22.65
N TRP B 103 -23.66 -19.54 22.83
CA TRP B 103 -22.21 -19.82 22.90
C TRP B 103 -21.84 -20.55 24.19
N GLY B 104 -22.45 -20.14 25.30
CA GLY B 104 -22.30 -20.88 26.57
C GLY B 104 -22.78 -22.32 26.48
N ASP B 105 -23.89 -22.51 25.79
CA ASP B 105 -24.41 -23.83 25.56
C ASP B 105 -23.45 -24.72 24.73
N LYS B 106 -22.79 -24.13 23.72
CA LYS B 106 -21.80 -24.88 23.00
C LYS B 106 -20.61 -25.27 23.87
N ALA B 107 -20.21 -24.37 24.75
CA ALA B 107 -19.11 -24.66 25.69
C ALA B 107 -19.47 -25.83 26.64
N VAL B 108 -20.71 -25.86 27.13
CA VAL B 108 -21.15 -26.94 28.05
C VAL B 108 -21.05 -28.28 27.32
N LYS B 109 -21.58 -28.36 26.11
CA LYS B 109 -21.64 -29.60 25.38
C LYS B 109 -20.24 -30.17 25.13
N GLU B 110 -19.29 -29.31 24.74
CA GLU B 110 -17.92 -29.77 24.55
C GLU B 110 -17.28 -30.21 25.88
N ALA B 111 -17.47 -29.45 26.95
CA ALA B 111 -16.84 -29.78 28.26
C ALA B 111 -17.29 -31.14 28.80
N LYS B 112 -18.53 -31.53 28.48
CA LYS B 112 -19.06 -32.84 28.94
C LYS B 112 -18.25 -34.02 28.49
N LYS B 113 -17.48 -33.86 27.43
CA LYS B 113 -16.56 -34.90 27.01
C LYS B 113 -15.44 -35.19 27.99
N TYR B 114 -15.09 -34.19 28.78
CA TYR B 114 -13.81 -34.19 29.52
C TYR B 114 -13.95 -34.08 31.02
N CYS B 115 -15.12 -33.71 31.48
CA CYS B 115 -15.39 -33.59 32.90
C CYS B 115 -16.88 -33.53 33.17
N LYS B 116 -17.29 -33.42 34.44
CA LYS B 116 -18.71 -33.19 34.73
C LYS B 116 -19.11 -31.71 34.64
N THR B 117 -20.33 -31.44 34.23
CA THR B 117 -20.82 -30.08 34.05
C THR B 117 -22.09 -29.89 34.85
N ASN B 118 -22.21 -28.78 35.54
CA ASN B 118 -23.46 -28.35 36.18
C ASN B 118 -23.88 -27.00 35.61
N VAL B 119 -25.01 -26.98 34.90
CA VAL B 119 -25.56 -25.72 34.46
C VAL B 119 -26.37 -25.15 35.61
N ILE B 120 -25.79 -24.23 36.34
CA ILE B 120 -26.42 -23.72 37.53
C ILE B 120 -27.46 -22.66 37.23
N TRP B 121 -27.44 -22.09 36.02
CA TRP B 121 -28.50 -21.20 35.58
C TRP B 121 -28.48 -21.15 34.06
N SER B 122 -29.67 -21.12 33.45
CA SER B 122 -29.85 -20.98 32.02
C SER B 122 -30.90 -19.96 31.69
N GLY B 123 -30.63 -19.11 30.70
CA GLY B 123 -31.57 -18.07 30.30
C GLY B 123 -32.51 -18.54 29.21
N LYS B 124 -32.46 -19.82 28.86
CA LYS B 124 -33.17 -20.33 27.70
C LYS B 124 -34.69 -20.14 27.79
N SER B 125 -35.24 -20.32 28.98
CA SER B 125 -36.68 -20.29 29.14
C SER B 125 -37.27 -18.90 28.85
N GLU B 126 -36.47 -17.84 28.88
CA GLU B 126 -36.93 -16.52 28.43
C GLU B 126 -36.16 -16.04 27.25
N LYS B 127 -35.75 -16.98 26.41
CA LYS B 127 -35.16 -16.69 25.12
C LYS B 127 -33.86 -15.90 25.21
N TYR B 128 -33.12 -16.13 26.30
CA TYR B 128 -31.80 -15.60 26.51
C TYR B 128 -31.80 -14.09 26.44
N THR B 129 -32.45 -13.50 27.42
CA THR B 129 -32.63 -12.06 27.46
C THR B 129 -32.17 -11.44 28.78
N LYS B 130 -31.60 -12.24 29.68
CA LYS B 130 -31.23 -11.77 31.03
C LYS B 130 -29.92 -12.37 31.55
N VAL B 131 -29.34 -11.70 32.54
CA VAL B 131 -28.22 -12.28 33.32
C VAL B 131 -28.79 -12.52 34.72
N PRO B 132 -28.49 -13.68 35.35
CA PRO B 132 -29.07 -13.93 36.69
C PRO B 132 -28.53 -13.01 37.79
N SER B 133 -29.31 -12.88 38.87
CA SER B 133 -28.80 -12.26 40.10
C SER B 133 -27.77 -13.21 40.68
N PHE B 134 -26.58 -12.70 40.96
CA PHE B 134 -25.46 -13.60 41.29
C PHE B 134 -25.67 -14.23 42.68
N GLU B 135 -26.27 -13.46 43.59
CA GLU B 135 -26.42 -13.91 44.97
C GLU B 135 -27.32 -15.13 45.08
N GLU B 136 -28.26 -15.28 44.16
CA GLU B 136 -29.16 -16.44 44.16
C GLU B 136 -28.62 -17.65 43.42
N LEU B 137 -27.44 -17.55 42.79
CA LEU B 137 -26.92 -18.72 42.11
C LEU B 137 -26.56 -19.74 43.17
N GLU B 138 -26.86 -21.00 42.91
CA GLU B 138 -26.38 -22.07 43.79
C GLU B 138 -25.19 -22.77 43.15
N GLN B 139 -23.99 -22.34 43.55
CA GLN B 139 -22.72 -22.79 42.97
C GLN B 139 -22.30 -24.11 43.63
N THR B 140 -21.71 -25.00 42.84
CA THR B 140 -21.25 -26.26 43.32
C THR B 140 -20.05 -26.07 44.30
N PRO B 141 -20.12 -26.66 45.53
CA PRO B 141 -19.11 -26.27 46.54
C PRO B 141 -17.70 -26.65 46.23
N ASP B 142 -17.47 -27.68 45.40
CA ASP B 142 -16.13 -28.08 45.02
C ASP B 142 -15.86 -27.87 43.52
N ALA B 143 -16.64 -27.02 42.87
CA ALA B 143 -16.42 -26.73 41.45
C ALA B 143 -14.97 -26.29 41.18
N LYS B 144 -14.39 -26.73 40.08
CA LYS B 144 -13.06 -26.29 39.71
C LYS B 144 -13.08 -24.87 39.15
N TYR B 145 -14.08 -24.57 38.34
CA TYR B 145 -14.28 -23.20 37.87
C TYR B 145 -15.72 -22.94 37.45
N LEU B 146 -16.01 -21.66 37.27
CA LEU B 146 -17.29 -21.16 36.82
C LEU B 146 -17.07 -20.53 35.46
N HIS B 147 -17.83 -20.98 34.47
CA HIS B 147 -17.67 -20.47 33.09
C HIS B 147 -18.85 -19.58 32.72
N ILE B 148 -18.54 -18.40 32.19
CA ILE B 148 -19.47 -17.52 31.58
C ILE B 148 -19.05 -17.16 30.17
N CYS B 149 -20.03 -16.74 29.38
CA CYS B 149 -19.76 -16.13 28.08
C CYS B 149 -20.09 -14.66 28.34
N ALA B 150 -19.07 -13.81 28.30
CA ALA B 150 -19.25 -12.42 28.74
C ALA B 150 -20.17 -11.59 27.84
N ASN B 151 -20.14 -11.89 26.53
CA ASN B 151 -20.96 -11.22 25.58
C ASN B 151 -21.47 -12.31 24.64
N GLU B 152 -22.77 -12.56 24.71
CA GLU B 152 -23.42 -13.59 23.93
C GLU B 152 -23.78 -12.98 22.57
N THR B 153 -22.96 -13.31 21.58
CA THR B 153 -22.93 -12.63 20.29
C THR B 153 -24.24 -12.66 19.51
N ILE B 154 -24.98 -13.77 19.61
CA ILE B 154 -26.24 -13.97 18.87
C ILE B 154 -27.40 -13.28 19.59
N HIS B 155 -27.37 -13.32 20.91
CA HIS B 155 -28.49 -12.93 21.77
C HIS B 155 -28.41 -11.53 22.34
N GLY B 156 -27.24 -10.89 22.26
CA GLY B 156 -27.06 -9.50 22.67
C GLY B 156 -27.06 -9.26 24.18
N VAL B 157 -26.64 -10.26 24.96
CA VAL B 157 -26.64 -10.23 26.43
C VAL B 157 -25.21 -10.15 26.88
N GLU B 158 -24.90 -9.09 27.61
CA GLU B 158 -23.51 -8.80 28.06
C GLU B 158 -23.48 -8.62 29.58
N PHE B 159 -22.51 -9.27 30.24
CA PHE B 159 -22.21 -9.03 31.65
C PHE B 159 -21.59 -7.66 31.82
N LYS B 160 -22.10 -6.87 32.76
CA LYS B 160 -21.46 -5.63 33.08
C LYS B 160 -20.62 -5.80 34.35
N ASP B 161 -21.13 -6.53 35.35
CA ASP B 161 -20.45 -6.91 36.56
CA ASP B 161 -20.30 -6.91 36.47
C ASP B 161 -20.24 -8.43 36.48
N TYR B 162 -19.36 -8.98 37.27
CA TYR B 162 -19.02 -10.40 37.20
C TYR B 162 -19.29 -11.14 38.51
N PRO B 163 -19.68 -12.41 38.40
CA PRO B 163 -19.94 -13.21 39.60
C PRO B 163 -18.63 -13.58 40.28
N VAL B 164 -18.71 -13.86 41.58
CA VAL B 164 -17.57 -14.31 42.35
C VAL B 164 -17.74 -15.82 42.58
N PRO B 165 -16.80 -16.60 42.07
CA PRO B 165 -16.95 -18.06 42.28
C PRO B 165 -16.90 -18.42 43.76
N LYS B 166 -17.76 -19.32 44.19
CA LYS B 166 -17.80 -19.73 45.59
C LYS B 166 -16.55 -20.55 45.95
N ASN B 167 -16.11 -21.37 44.99
CA ASN B 167 -14.86 -22.10 45.02
C ASN B 167 -14.23 -21.93 43.63
N GLY B 168 -12.94 -22.13 43.54
CA GLY B 168 -12.26 -22.12 42.22
C GLY B 168 -12.21 -20.72 41.65
N PHE B 169 -12.21 -20.62 40.31
CA PHE B 169 -11.92 -19.37 39.64
C PHE B 169 -12.91 -19.15 38.51
N LEU B 170 -12.90 -17.94 37.94
CA LEU B 170 -13.83 -17.53 36.91
C LEU B 170 -13.18 -17.67 35.54
N VAL B 171 -13.91 -18.25 34.58
CA VAL B 171 -13.43 -18.35 33.18
C VAL B 171 -14.44 -17.63 32.34
N ALA B 172 -13.98 -16.69 31.48
CA ALA B 172 -14.87 -16.00 30.61
C ALA B 172 -14.48 -16.07 29.13
N ASP B 173 -15.44 -16.43 28.30
CA ASP B 173 -15.34 -16.27 26.84
C ASP B 173 -15.69 -14.82 26.53
N MET B 174 -14.67 -14.05 26.18
CA MET B 174 -14.83 -12.63 25.82
C MET B 174 -14.62 -12.40 24.32
N SER B 175 -14.87 -13.41 23.50
CA SER B 175 -14.66 -13.31 22.06
C SER B 175 -15.22 -12.02 21.48
N SER B 176 -16.50 -11.77 21.71
CA SER B 176 -17.17 -10.68 21.03
C SER B 176 -17.20 -9.32 21.77
N ASN B 177 -16.48 -9.21 22.90
CA ASN B 177 -16.30 -7.90 23.55
C ASN B 177 -14.89 -7.67 24.05
N PHE B 178 -13.97 -8.44 23.50
CA PHE B 178 -12.57 -8.38 23.95
C PHE B 178 -11.97 -7.01 23.60
N CYS B 179 -11.33 -6.37 24.56
CA CYS B 179 -10.72 -5.06 24.35
C CYS B 179 -11.74 -4.00 23.89
N SER B 180 -12.96 -4.13 24.38
CA SER B 180 -14.00 -3.08 24.19
C SER B 180 -14.11 -2.15 25.42
N LYS B 181 -13.48 -2.52 26.52
CA LYS B 181 -13.62 -1.84 27.81
C LYS B 181 -12.59 -2.39 28.80
N PRO B 182 -12.31 -1.64 29.87
CA PRO B 182 -11.44 -2.19 30.91
C PRO B 182 -12.06 -3.41 31.57
N VAL B 183 -11.19 -4.33 32.00
CA VAL B 183 -11.56 -5.55 32.69
C VAL B 183 -10.52 -5.72 33.77
N ASP B 184 -10.95 -5.97 34.99
CA ASP B 184 -10.02 -6.28 36.10
C ASP B 184 -9.65 -7.78 35.98
N VAL B 185 -8.51 -8.04 35.33
CA VAL B 185 -8.09 -9.38 35.00
C VAL B 185 -7.94 -10.25 36.26
N SER B 186 -7.58 -9.61 37.38
CA SER B 186 -7.33 -10.31 38.63
C SER B 186 -8.56 -11.02 39.17
N LYS B 187 -9.75 -10.67 38.68
CA LYS B 187 -10.97 -11.37 39.07
C LYS B 187 -11.14 -12.71 38.38
N PHE B 188 -10.28 -13.01 37.40
CA PHE B 188 -10.45 -14.16 36.52
C PHE B 188 -9.33 -15.16 36.68
N GLY B 189 -9.61 -16.44 36.46
CA GLY B 189 -8.55 -17.41 36.24
C GLY B 189 -8.13 -17.45 34.76
N VAL B 190 -9.14 -17.36 33.87
CA VAL B 190 -8.89 -17.39 32.43
C VAL B 190 -9.86 -16.46 31.71
N ILE B 191 -9.33 -15.68 30.77
CA ILE B 191 -10.10 -14.92 29.82
C ILE B 191 -9.63 -15.44 28.45
N TYR B 192 -10.56 -15.73 27.57
CA TYR B 192 -10.21 -16.19 26.22
C TYR B 192 -11.14 -15.61 25.14
N GLY B 193 -10.65 -15.55 23.90
CA GLY B 193 -11.50 -15.10 22.82
C GLY B 193 -10.83 -15.18 21.47
N GLY B 194 -11.60 -15.51 20.44
CA GLY B 194 -11.07 -15.38 19.07
C GLY B 194 -10.80 -13.91 18.77
N ALA B 195 -9.81 -13.63 17.92
CA ALA B 195 -9.48 -12.24 17.61
C ALA B 195 -10.54 -11.54 16.73
N GLN B 196 -11.30 -12.34 15.99
CA GLN B 196 -11.99 -11.86 14.79
C GLN B 196 -13.25 -11.02 15.05
N LYS B 197 -13.44 -10.39 16.17
CA LYS B 197 -14.50 -9.36 16.34
C LYS B 197 -13.92 -8.00 16.59
N ASN B 198 -13.07 -7.89 17.60
CA ASN B 198 -12.49 -6.62 17.93
C ASN B 198 -11.05 -6.44 17.73
N VAL B 199 -10.29 -7.52 17.57
CA VAL B 199 -8.85 -7.29 17.62
C VAL B 199 -8.02 -7.77 16.45
N GLY B 200 -8.65 -8.32 15.42
CA GLY B 200 -7.85 -8.84 14.30
C GLY B 200 -8.68 -9.71 13.38
N PRO B 201 -8.03 -10.38 12.43
CA PRO B 201 -8.69 -11.30 11.54
C PRO B 201 -8.84 -12.66 12.19
N SER B 202 -9.69 -13.50 11.62
CA SER B 202 -9.80 -14.86 12.09
CA SER B 202 -9.80 -14.88 12.08
C SER B 202 -8.49 -15.64 11.92
N GLY B 203 -8.27 -16.60 12.81
CA GLY B 203 -7.09 -17.44 12.77
C GLY B 203 -6.21 -17.33 14.03
N VAL B 204 -6.51 -16.37 14.91
CA VAL B 204 -5.81 -16.19 16.18
C VAL B 204 -6.82 -16.19 17.30
N THR B 205 -6.49 -16.86 18.39
CA THR B 205 -7.27 -16.92 19.59
C THR B 205 -6.35 -16.49 20.72
N ILE B 206 -6.83 -15.62 21.61
CA ILE B 206 -6.00 -15.17 22.72
C ILE B 206 -6.44 -15.89 23.99
N VAL B 207 -5.49 -16.44 24.74
CA VAL B 207 -5.80 -16.99 26.06
C VAL B 207 -4.95 -16.24 27.11
N ILE B 208 -5.63 -15.68 28.12
CA ILE B 208 -5.01 -15.03 29.26
C ILE B 208 -5.25 -15.91 30.46
N ILE B 209 -4.20 -16.49 31.04
CA ILE B 209 -4.37 -17.54 32.06
C ILE B 209 -3.45 -17.30 33.25
N ARG B 210 -4.02 -17.40 34.45
CA ARG B 210 -3.23 -17.16 35.64
C ARG B 210 -2.17 -18.29 35.73
N LYS B 211 -0.92 -17.91 36.00
CA LYS B 211 0.18 -18.84 35.87
C LYS B 211 0.08 -20.03 36.81
N ASP B 212 -0.48 -19.82 37.98
CA ASP B 212 -0.63 -20.95 38.91
C ASP B 212 -1.63 -22.02 38.46
N LEU B 213 -2.41 -21.75 37.42
CA LEU B 213 -3.35 -22.74 36.83
C LEU B 213 -2.78 -23.51 35.65
N ILE B 214 -1.56 -23.19 35.22
CA ILE B 214 -0.98 -23.85 34.08
C ILE B 214 -0.29 -25.13 34.51
N GLY B 215 -0.49 -26.20 33.75
CA GLY B 215 0.19 -27.47 33.97
C GLY B 215 -0.78 -28.55 34.44
N ASN B 216 -0.32 -29.76 34.53
CA ASN B 216 -1.18 -30.86 34.94
C ASN B 216 -2.47 -31.08 34.05
N ALA B 217 -2.34 -30.98 32.71
CA ALA B 217 -3.42 -31.33 31.82
C ALA B 217 -3.68 -32.82 31.87
N GLN B 218 -4.89 -33.22 31.48
CA GLN B 218 -5.24 -34.62 31.32
C GLN B 218 -4.28 -35.29 30.31
N ASP B 219 -3.97 -36.57 30.54
CA ASP B 219 -3.06 -37.28 29.63
C ASP B 219 -3.47 -37.29 28.15
N ILE B 220 -4.76 -37.27 27.89
CA ILE B 220 -5.30 -37.29 26.51
C ILE B 220 -5.25 -35.91 25.82
N THR B 221 -4.78 -34.90 26.53
CA THR B 221 -4.72 -33.56 25.95
C THR B 221 -3.75 -33.54 24.74
N PRO B 222 -4.23 -33.16 23.54
CA PRO B 222 -3.30 -32.99 22.43
C PRO B 222 -2.18 -32.00 22.80
N VAL B 223 -0.94 -32.18 22.29
CA VAL B 223 0.13 -31.23 22.66
C VAL B 223 -0.29 -29.81 22.25
N MET B 224 -1.08 -29.72 21.18
CA MET B 224 -1.44 -28.41 20.66
C MET B 224 -2.55 -27.75 21.47
N LEU B 225 -3.16 -28.46 22.43
CA LEU B 225 -4.11 -27.87 23.34
C LEU B 225 -3.56 -27.67 24.76
N ASP B 226 -2.28 -27.99 24.99
CA ASP B 226 -1.69 -27.99 26.32
C ASP B 226 -1.12 -26.63 26.66
N TYR B 227 -1.67 -25.97 27.68
CA TYR B 227 -1.28 -24.64 28.02
C TYR B 227 0.18 -24.57 28.49
N LYS B 228 0.63 -25.57 29.24
CA LYS B 228 2.05 -25.53 29.72
C LYS B 228 3.04 -25.51 28.56
N ILE B 229 2.76 -26.32 27.56
CA ILE B 229 3.58 -26.34 26.35
C ILE B 229 3.60 -24.97 25.69
N HIS B 230 2.42 -24.40 25.49
CA HIS B 230 2.39 -23.07 24.84
C HIS B 230 3.10 -21.98 25.66
N ASP B 231 2.87 -22.00 26.97
CA ASP B 231 3.47 -21.01 27.86
C ASP B 231 4.99 -21.15 27.90
N GLU B 232 5.49 -22.37 28.03
CA GLU B 232 6.93 -22.53 28.22
C GLU B 232 7.67 -22.23 26.91
N ASN B 233 6.95 -22.33 25.79
CA ASN B 233 7.51 -21.97 24.50
C ASN B 233 7.10 -20.58 23.95
N SER B 234 6.44 -19.78 24.80
CA SER B 234 6.01 -18.42 24.48
C SER B 234 5.23 -18.33 23.13
N SER B 235 4.34 -19.30 22.98
CA SER B 235 3.41 -19.43 21.84
C SER B 235 4.14 -19.83 20.54
N LEU B 236 5.38 -20.28 20.64
CA LEU B 236 6.17 -20.72 19.46
C LEU B 236 6.51 -22.20 19.56
N TYR B 237 5.64 -23.01 20.19
CA TYR B 237 5.91 -24.46 20.22
C TYR B 237 5.95 -25.00 18.80
N ASN B 238 4.87 -24.75 18.03
CA ASN B 238 4.87 -25.02 16.61
C ASN B 238 4.84 -23.71 15.86
N THR B 239 4.51 -23.76 14.55
CA THR B 239 4.44 -22.55 13.78
C THR B 239 3.18 -21.75 14.11
N PRO B 240 3.33 -20.54 14.64
CA PRO B 240 2.15 -19.76 15.02
C PRO B 240 1.52 -19.09 13.81
N PRO B 241 0.32 -18.50 13.99
CA PRO B 241 -0.31 -17.72 12.94
C PRO B 241 0.35 -16.33 12.88
N CYS B 242 1.48 -16.27 12.21
CA CYS B 242 2.33 -15.06 12.31
C CYS B 242 1.64 -13.79 11.80
N PHE B 243 1.07 -13.85 10.61
CA PHE B 243 0.43 -12.66 10.03
C PHE B 243 -0.76 -12.22 10.89
N GLY B 244 -1.54 -13.18 11.39
CA GLY B 244 -2.63 -12.83 12.29
C GLY B 244 -2.18 -12.14 13.56
N ILE B 245 -1.09 -12.64 14.17
CA ILE B 245 -0.54 -12.05 15.40
C ILE B 245 -0.03 -10.63 15.10
N TYR B 246 0.60 -10.48 13.95
CA TYR B 246 1.03 -9.14 13.49
C TYR B 246 -0.14 -8.18 13.39
N MET B 247 -1.23 -8.65 12.76
CA MET B 247 -2.42 -7.82 12.62
C MET B 247 -3.04 -7.45 14.00
N CYS B 248 -3.14 -8.43 14.89
CA CYS B 248 -3.57 -8.12 16.29
C CYS B 248 -2.69 -7.02 16.90
N GLY B 249 -1.38 -7.13 16.69
CA GLY B 249 -0.41 -6.18 17.20
C GLY B 249 -0.71 -4.77 16.65
N LEU B 250 -1.04 -4.68 15.35
CA LEU B 250 -1.42 -3.39 14.77
C LEU B 250 -2.69 -2.83 15.46
N VAL B 251 -3.69 -3.69 15.65
CA VAL B 251 -4.92 -3.26 16.32
C VAL B 251 -4.65 -2.80 17.77
N PHE B 252 -3.81 -3.55 18.50
CA PHE B 252 -3.52 -3.19 19.92
C PHE B 252 -2.82 -1.84 20.00
N GLU B 253 -1.85 -1.64 19.09
CA GLU B 253 -1.11 -0.40 19.02
C GLU B 253 -2.06 0.79 18.81
N ASP B 254 -3.01 0.61 17.91
CA ASP B 254 -3.96 1.65 17.52
C ASP B 254 -4.97 1.93 18.66
N LEU B 255 -5.40 0.90 19.35
CA LEU B 255 -6.24 1.11 20.55
C LEU B 255 -5.51 1.90 21.65
N LEU B 256 -4.21 1.67 21.83
CA LEU B 256 -3.44 2.50 22.73
C LEU B 256 -3.37 3.95 22.22
N GLU B 257 -3.17 4.11 20.91
CA GLU B 257 -3.11 5.46 20.32
C GLU B 257 -4.45 6.23 20.49
N GLN B 258 -5.57 5.52 20.48
CA GLN B 258 -6.90 6.10 20.74
C GLN B 258 -7.11 6.55 22.21
N GLY B 259 -6.19 6.22 23.09
CA GLY B 259 -6.27 6.66 24.50
C GLY B 259 -6.58 5.48 25.42
N GLY B 260 -6.56 4.28 24.88
CA GLY B 260 -6.76 3.11 25.75
C GLY B 260 -8.22 2.77 25.99
N LEU B 261 -8.46 1.76 26.84
CA LEU B 261 -9.78 1.16 26.87
C LEU B 261 -10.85 1.96 27.55
N LYS B 262 -10.48 2.87 28.43
CA LYS B 262 -11.47 3.81 28.94
C LYS B 262 -12.08 4.67 27.83
N GLU B 263 -11.24 5.13 26.89
CA GLU B 263 -11.71 5.93 25.74
C GLU B 263 -12.52 5.11 24.73
N VAL B 264 -12.04 3.89 24.45
CA VAL B 264 -12.73 2.94 23.58
C VAL B 264 -14.13 2.63 24.13
N GLU B 265 -14.22 2.36 25.43
CA GLU B 265 -15.53 2.16 26.07
C GLU B 265 -16.48 3.35 25.87
N LYS B 266 -15.98 4.57 26.07
CA LYS B 266 -16.85 5.75 25.87
C LYS B 266 -17.44 5.83 24.46
N LYS B 267 -16.63 5.49 23.45
CA LYS B 267 -17.10 5.56 22.08
C LYS B 267 -18.11 4.47 21.83
N ASN B 268 -17.80 3.29 22.37
CA ASN B 268 -18.72 2.15 22.24
C ASN B 268 -20.07 2.45 22.90
N GLN B 269 -20.04 3.05 24.09
CA GLN B 269 -21.29 3.35 24.79
C GLN B 269 -22.09 4.39 24.00
N ARG B 270 -21.40 5.39 23.47
CA ARG B 270 -22.04 6.45 22.73
CA ARG B 270 -22.06 6.46 22.72
C ARG B 270 -22.81 5.92 21.50
N LYS B 271 -22.13 5.13 20.68
CA LYS B 271 -22.76 4.67 19.45
C LYS B 271 -23.82 3.61 19.75
N ALA B 272 -23.62 2.75 20.74
CA ALA B 272 -24.68 1.81 21.07
C ALA B 272 -25.92 2.55 21.58
N ASP B 273 -25.72 3.61 22.37
CA ASP B 273 -26.89 4.36 22.90
C ASP B 273 -27.75 4.95 21.76
N LEU B 274 -27.10 5.44 20.70
CA LEU B 274 -27.84 5.96 19.56
C LEU B 274 -28.80 4.91 19.00
N LEU B 275 -28.35 3.67 18.89
CA LEU B 275 -29.17 2.64 18.29
C LEU B 275 -30.26 2.14 19.25
N TYR B 276 -29.89 1.89 20.50
CA TYR B 276 -30.87 1.45 21.48
C TYR B 276 -31.93 2.53 21.70
N ASN B 277 -31.52 3.80 21.75
CA ASN B 277 -32.48 4.88 21.89
C ASN B 277 -33.43 4.95 20.68
N ALA B 278 -32.91 4.79 19.47
CA ALA B 278 -33.78 4.72 18.30
C ALA B 278 -34.82 3.61 18.41
N ILE B 279 -34.38 2.44 18.85
CA ILE B 279 -35.28 1.32 19.03
C ILE B 279 -36.38 1.67 20.07
N GLU B 280 -35.98 2.17 21.24
CA GLU B 280 -36.95 2.40 22.33
C GLU B 280 -37.89 3.55 22.02
N GLU B 281 -37.44 4.51 21.22
CA GLU B 281 -38.26 5.63 20.85
C GLU B 281 -39.18 5.35 19.65
N SER B 282 -39.15 4.10 19.13
CA SER B 282 -39.84 3.75 17.90
C SER B 282 -41.32 3.41 18.10
N ASN B 283 -41.80 3.57 19.32
CA ASN B 283 -43.13 3.17 19.68
C ASN B 283 -43.50 1.74 19.25
N GLY B 284 -42.56 0.83 19.45
CA GLY B 284 -42.76 -0.59 19.18
C GLY B 284 -42.49 -1.03 17.76
N PHE B 285 -42.22 -0.09 16.87
CA PHE B 285 -42.00 -0.47 15.48
C PHE B 285 -40.77 -1.41 15.40
N PHE B 286 -39.71 -1.03 16.11
CA PHE B 286 -38.55 -1.88 16.32
C PHE B 286 -38.58 -2.36 17.78
N ARG B 287 -38.11 -3.58 18.01
CA ARG B 287 -38.09 -4.15 19.36
C ARG B 287 -36.79 -4.89 19.65
N CYS B 288 -36.20 -4.61 20.82
CA CYS B 288 -35.07 -5.36 21.35
C CYS B 288 -35.52 -6.16 22.58
N PRO B 289 -35.40 -7.51 22.54
CA PRO B 289 -35.92 -8.35 23.62
C PRO B 289 -35.09 -8.36 24.91
N VAL B 290 -33.85 -7.91 24.84
CA VAL B 290 -32.88 -8.09 25.94
C VAL B 290 -33.19 -7.10 27.07
N GLU B 291 -33.08 -7.58 28.30
CA GLU B 291 -33.29 -6.74 29.47
C GLU B 291 -32.29 -5.56 29.48
N LYS B 292 -32.81 -4.35 29.76
CA LYS B 292 -32.05 -3.12 29.54
C LYS B 292 -30.66 -3.10 30.16
N SER B 293 -30.54 -3.58 31.40
CA SER B 293 -29.29 -3.43 32.14
C SER B 293 -28.14 -4.30 31.58
N VAL B 294 -28.45 -5.27 30.72
CA VAL B 294 -27.47 -6.21 30.19
C VAL B 294 -27.37 -6.20 28.66
N ARG B 295 -27.92 -5.14 28.08
CA ARG B 295 -27.84 -4.97 26.63
C ARG B 295 -26.39 -4.76 26.18
N SER B 296 -25.97 -5.61 25.24
CA SER B 296 -24.62 -5.61 24.72
C SER B 296 -24.28 -4.30 23.98
N LEU B 297 -23.08 -3.81 24.21
CA LEU B 297 -22.61 -2.65 23.41
C LEU B 297 -22.08 -3.09 22.04
N MET B 298 -21.92 -4.41 21.85
CA MET B 298 -21.30 -4.97 20.65
C MET B 298 -22.29 -5.58 19.62
N ASN B 299 -23.31 -6.29 20.10
CA ASN B 299 -24.27 -7.00 19.27
C ASN B 299 -25.67 -6.58 19.66
N VAL B 300 -26.41 -5.99 18.71
CA VAL B 300 -27.74 -5.46 18.97
C VAL B 300 -28.81 -6.18 18.13
N PRO B 301 -29.49 -7.15 18.76
CA PRO B 301 -30.54 -7.86 18.03
C PRO B 301 -31.83 -7.07 18.13
N PHE B 302 -32.57 -7.00 17.02
CA PHE B 302 -33.87 -6.38 17.08
C PHE B 302 -34.77 -6.90 15.99
N THR B 303 -36.06 -6.84 16.27
CA THR B 303 -37.09 -7.27 15.31
C THR B 303 -38.00 -6.12 14.93
N LEU B 304 -38.83 -6.36 13.93
CA LEU B 304 -39.91 -5.46 13.57
C LEU B 304 -41.26 -6.00 14.04
N GLU B 305 -42.12 -5.12 14.52
CA GLU B 305 -43.48 -5.52 14.85
C GLU B 305 -44.16 -6.11 13.59
N LYS B 306 -43.88 -5.49 12.45
CA LYS B 306 -44.33 -6.00 11.16
C LYS B 306 -43.24 -6.89 10.61
N SER B 307 -43.27 -8.15 11.04
CA SER B 307 -42.21 -9.08 10.73
C SER B 307 -42.01 -9.29 9.22
N GLU B 308 -43.10 -9.25 8.44
CA GLU B 308 -43.03 -9.40 7.00
C GLU B 308 -42.19 -8.34 6.27
N LEU B 309 -41.89 -7.24 6.95
CA LEU B 309 -41.05 -6.18 6.42
C LEU B 309 -39.54 -6.42 6.60
N GLU B 310 -39.17 -7.48 7.31
CA GLU B 310 -37.76 -7.67 7.70
C GLU B 310 -36.86 -7.84 6.45
N ALA B 311 -37.33 -8.62 5.47
CA ALA B 311 -36.50 -8.84 4.29
C ALA B 311 -36.26 -7.56 3.51
N GLU B 312 -37.30 -6.74 3.35
CA GLU B 312 -37.20 -5.43 2.72
C GLU B 312 -36.25 -4.52 3.51
N PHE B 313 -36.30 -4.56 4.82
CA PHE B 313 -35.42 -3.70 5.64
C PHE B 313 -33.95 -4.04 5.31
N ILE B 314 -33.67 -5.34 5.31
CA ILE B 314 -32.28 -5.82 5.18
C ILE B 314 -31.80 -5.52 3.76
N LYS B 315 -32.65 -5.79 2.78
CA LYS B 315 -32.28 -5.56 1.38
C LYS B 315 -32.09 -4.10 1.07
N GLU B 316 -32.96 -3.22 1.55
CA GLU B 316 -32.77 -1.78 1.30
C GLU B 316 -31.59 -1.21 2.11
N ALA B 317 -31.40 -1.65 3.33
CA ALA B 317 -30.19 -1.21 4.06
C ALA B 317 -28.92 -1.51 3.25
N ALA B 318 -28.86 -2.70 2.66
CA ALA B 318 -27.68 -3.10 1.90
C ALA B 318 -27.49 -2.23 0.65
N LYS B 319 -28.58 -1.82 0.03
CA LYS B 319 -28.48 -0.90 -1.11
C LYS B 319 -27.92 0.44 -0.70
N GLU B 320 -28.15 0.80 0.57
CA GLU B 320 -27.62 2.01 1.17
C GLU B 320 -26.24 1.70 1.89
N LYS B 321 -25.57 0.62 1.50
CA LYS B 321 -24.17 0.32 1.94
C LYS B 321 -24.04 -0.09 3.41
N MET B 322 -25.12 -0.69 3.94
CA MET B 322 -25.13 -1.20 5.30
C MET B 322 -25.44 -2.69 5.19
N VAL B 323 -24.41 -3.53 5.30
CA VAL B 323 -24.52 -4.96 4.96
C VAL B 323 -24.41 -5.84 6.19
N GLN B 324 -24.89 -7.07 6.07
CA GLN B 324 -24.81 -8.11 7.12
C GLN B 324 -25.62 -7.76 8.37
N LEU B 325 -26.81 -7.19 8.17
CA LEU B 325 -27.71 -6.87 9.25
C LEU B 325 -28.72 -7.99 9.54
N LYS B 326 -28.73 -9.06 8.75
CA LYS B 326 -29.68 -10.17 9.00
C LYS B 326 -29.44 -10.88 10.36
N GLY B 327 -30.52 -11.10 11.10
N GLY B 327 -30.47 -11.15 11.15
CA GLY B 327 -30.52 -11.74 12.42
CA GLY B 327 -30.27 -11.87 12.43
C GLY B 327 -30.66 -13.25 12.35
C GLY B 327 -29.63 -13.24 12.22
N HIS B 328 -30.54 -13.89 13.50
N HIS B 328 -28.76 -13.67 13.13
CA HIS B 328 -30.48 -15.35 13.57
CA HIS B 328 -28.10 -14.99 12.97
C HIS B 328 -31.79 -16.04 13.19
C HIS B 328 -29.09 -16.06 12.54
N ARG B 329 -31.61 -17.13 12.46
N ARG B 329 -28.57 -17.02 11.80
CA ARG B 329 -32.67 -18.03 12.04
CA ARG B 329 -29.39 -17.97 11.09
C ARG B 329 -33.89 -18.19 12.98
C ARG B 329 -30.43 -18.64 11.97
N SER B 330 -33.68 -18.15 14.28
N SER B 330 -30.24 -18.61 13.30
CA SER B 330 -34.70 -18.61 15.24
CA SER B 330 -31.24 -19.23 14.16
C SER B 330 -35.58 -17.50 15.81
C SER B 330 -32.42 -18.30 14.46
N VAL B 331 -35.27 -16.25 15.50
N VAL B 331 -32.14 -17.16 15.05
CA VAL B 331 -36.05 -15.10 15.98
CA VAL B 331 -33.15 -16.30 15.70
C VAL B 331 -36.25 -14.20 14.78
C VAL B 331 -34.07 -15.26 14.94
N GLY B 332 -35.53 -14.58 13.75
N GLY B 332 -33.80 -14.82 13.70
CA GLY B 332 -35.41 -13.81 12.55
CA GLY B 332 -34.75 -13.88 12.95
C GLY B 332 -34.70 -12.49 12.84
C GLY B 332 -34.67 -12.33 13.12
N GLY B 333 -35.39 -11.50 12.34
CA GLY B 333 -35.11 -10.06 12.48
C GLY B 333 -33.70 -9.68 12.05
N MET B 334 -33.11 -8.77 12.81
CA MET B 334 -31.87 -8.10 12.45
C MET B 334 -30.87 -8.25 13.61
N ARG B 335 -29.60 -8.13 13.28
CA ARG B 335 -28.57 -7.99 14.31
C ARG B 335 -27.57 -6.98 13.79
N ALA B 336 -27.46 -5.87 14.50
CA ALA B 336 -26.40 -4.91 14.18
C ALA B 336 -25.20 -5.17 15.08
N SER B 337 -24.13 -5.72 14.49
CA SER B 337 -22.88 -5.84 15.24
C SER B 337 -22.09 -4.53 15.06
N ILE B 338 -21.70 -3.93 16.18
CA ILE B 338 -21.11 -2.58 16.25
C ILE B 338 -19.85 -2.60 17.11
N TYR B 339 -18.86 -3.29 16.59
CA TYR B 339 -17.60 -3.57 17.31
C TYR B 339 -16.77 -2.29 17.37
N ASN B 340 -15.58 -2.37 17.95
CA ASN B 340 -14.77 -1.16 18.19
C ASN B 340 -14.57 -0.40 16.89
N ALA B 341 -14.25 -1.12 15.80
CA ALA B 341 -13.89 -0.41 14.54
C ALA B 341 -15.09 0.06 13.64
N MET B 342 -16.33 -0.20 14.04
CA MET B 342 -17.49 0.30 13.28
C MET B 342 -17.51 1.81 13.45
N PRO B 343 -17.43 2.56 12.36
CA PRO B 343 -17.44 4.03 12.54
C PRO B 343 -18.72 4.57 13.14
N LEU B 344 -18.58 5.62 13.93
CA LEU B 344 -19.77 6.31 14.45
C LEU B 344 -20.74 6.63 13.30
N ALA B 345 -20.22 7.07 12.16
CA ALA B 345 -21.06 7.44 11.03
C ALA B 345 -21.92 6.28 10.50
N GLY B 346 -21.43 5.04 10.67
CA GLY B 346 -22.18 3.84 10.25
C GLY B 346 -23.40 3.63 11.13
N VAL B 347 -23.23 3.78 12.44
CA VAL B 347 -24.36 3.71 13.34
C VAL B 347 -25.33 4.86 13.06
N GLU B 348 -24.82 6.07 12.79
CA GLU B 348 -25.72 7.18 12.50
C GLU B 348 -26.49 6.93 11.20
N LYS B 349 -25.83 6.38 10.21
CA LYS B 349 -26.51 6.06 8.96
C LYS B 349 -27.61 5.04 9.18
N LEU B 350 -27.32 4.00 9.95
CA LEU B 350 -28.35 3.03 10.30
C LEU B 350 -29.57 3.65 11.06
N VAL B 351 -29.29 4.48 12.05
CA VAL B 351 -30.37 5.13 12.82
C VAL B 351 -31.21 6.02 11.89
N ALA B 352 -30.58 6.76 10.99
CA ALA B 352 -31.35 7.57 10.05
C ALA B 352 -32.21 6.72 9.11
N PHE B 353 -31.64 5.59 8.67
CA PHE B 353 -32.34 4.67 7.79
C PHE B 353 -33.55 4.09 8.51
N MET B 354 -33.39 3.73 9.77
CA MET B 354 -34.50 3.22 10.59
C MET B 354 -35.62 4.23 10.74
N LYS B 355 -35.24 5.49 11.02
CA LYS B 355 -36.22 6.57 11.13
C LYS B 355 -37.07 6.71 9.84
N ASP B 356 -36.37 6.66 8.70
CA ASP B 356 -36.99 6.84 7.38
CA ASP B 356 -37.01 6.84 7.39
C ASP B 356 -37.88 5.63 7.05
N PHE B 357 -37.36 4.44 7.36
CA PHE B 357 -38.11 3.21 7.14
C PHE B 357 -39.39 3.19 7.95
N GLN B 358 -39.29 3.56 9.21
CA GLN B 358 -40.47 3.62 10.04
C GLN B 358 -41.52 4.58 9.48
N ALA B 359 -41.08 5.76 9.07
CA ALA B 359 -42.03 6.77 8.57
C ALA B 359 -42.71 6.28 7.28
N LYS B 360 -41.96 5.61 6.45
CA LYS B 360 -42.47 5.04 5.21
C LYS B 360 -43.45 3.85 5.42
N HIS B 361 -43.22 3.04 6.43
CA HIS B 361 -44.09 1.90 6.73
C HIS B 361 -44.92 2.08 7.99
N ALA B 362 -45.06 3.35 8.41
CA ALA B 362 -46.03 3.75 9.44
C ALA B 362 -47.39 3.16 9.15
N ASN C 2 9.94 4.48 12.44
CA ASN C 2 8.71 3.84 11.85
C ASN C 2 7.37 4.57 12.11
N ALA C 3 7.28 5.34 13.19
CA ALA C 3 6.14 6.25 13.31
C ALA C 3 6.51 7.54 12.55
N ARG C 4 5.50 8.22 12.10
CA ARG C 4 5.70 9.53 11.47
C ARG C 4 6.30 10.53 12.44
N VAL C 5 7.17 11.41 11.95
CA VAL C 5 7.81 12.38 12.82
C VAL C 5 7.02 13.69 12.80
N PHE C 6 7.40 14.61 13.69
CA PHE C 6 6.95 16.04 13.56
C PHE C 6 7.90 16.78 12.67
N ASN C 7 7.36 17.19 11.53
CA ASN C 7 8.12 17.64 10.38
C ASN C 7 7.96 19.15 10.22
N PHE C 8 8.98 19.90 10.63
CA PHE C 8 8.95 21.36 10.64
C PHE C 8 9.54 21.96 9.36
N ALA C 9 9.62 21.17 8.31
CA ALA C 9 10.16 21.66 7.03
C ALA C 9 9.35 22.85 6.52
N ALA C 10 10.05 23.77 5.89
CA ALA C 10 9.49 25.04 5.46
C ALA C 10 8.89 25.01 4.03
N GLY C 11 8.97 23.88 3.35
CA GLY C 11 8.40 23.74 2.01
C GLY C 11 9.34 22.96 1.12
N PRO C 12 8.93 21.81 0.60
CA PRO C 12 7.64 21.19 0.87
C PRO C 12 7.49 20.90 2.35
N ALA C 13 6.27 20.56 2.72
CA ALA C 13 5.91 20.56 4.14
C ALA C 13 4.97 19.43 4.48
N THR C 14 4.73 19.33 5.78
CA THR C 14 3.87 18.30 6.31
C THR C 14 2.43 18.45 5.72
N LEU C 15 1.77 17.30 5.47
CA LEU C 15 0.42 17.27 4.92
C LEU C 15 -0.51 16.49 5.86
N PRO C 16 -1.83 16.67 5.69
CA PRO C 16 -2.76 15.98 6.58
C PRO C 16 -2.68 14.48 6.42
N GLU C 17 -2.68 13.75 7.53
CA GLU C 17 -2.60 12.30 7.45
C GLU C 17 -3.80 11.70 6.76
N ASN C 18 -4.98 12.28 6.94
CA ASN C 18 -6.19 11.68 6.30
C ASN C 18 -6.14 11.81 4.78
N VAL C 19 -5.55 12.91 4.34
CA VAL C 19 -5.29 13.13 2.91
C VAL C 19 -4.31 12.10 2.35
N LEU C 20 -3.18 11.90 3.04
CA LEU C 20 -2.20 10.93 2.57
C LEU C 20 -2.79 9.53 2.50
N LEU C 21 -3.56 9.15 3.51
CA LEU C 21 -4.15 7.79 3.54
C LEU C 21 -5.26 7.63 2.46
N LYS C 22 -5.95 8.71 2.15
CA LYS C 22 -6.95 8.66 1.07
C LYS C 22 -6.23 8.43 -0.26
N ALA C 23 -5.14 9.18 -0.46
CA ALA C 23 -4.36 9.00 -1.68
C ALA C 23 -3.79 7.59 -1.76
N GLN C 24 -3.30 7.07 -0.63
CA GLN C 24 -2.78 5.68 -0.60
C GLN C 24 -3.88 4.69 -1.03
N ALA C 25 -5.06 4.81 -0.41
CA ALA C 25 -6.15 3.87 -0.69
C ALA C 25 -6.57 3.83 -2.16
N ASP C 26 -6.50 4.99 -2.84
CA ASP C 26 -7.04 5.12 -4.18
CA ASP C 26 -7.05 5.16 -4.18
C ASP C 26 -5.95 5.13 -5.25
N LEU C 27 -4.68 4.95 -4.83
CA LEU C 27 -3.59 5.15 -5.78
C LEU C 27 -3.54 4.20 -6.96
N TYR C 28 -3.95 2.93 -6.74
CA TYR C 28 -3.85 1.93 -7.79
C TYR C 28 -5.06 1.99 -8.77
N ASN C 29 -6.20 2.43 -8.27
CA ASN C 29 -7.46 2.40 -9.06
C ASN C 29 -8.43 3.40 -8.43
N TRP C 30 -8.50 4.61 -8.97
CA TRP C 30 -9.29 5.65 -8.33
C TRP C 30 -10.80 5.42 -8.56
N ARG C 31 -11.57 5.26 -7.49
CA ARG C 31 -13.03 5.14 -7.60
C ARG C 31 -13.51 4.13 -8.66
N GLY C 32 -12.88 2.98 -8.67
CA GLY C 32 -13.18 1.94 -9.66
C GLY C 32 -13.20 2.42 -11.08
N SER C 33 -12.53 3.53 -11.36
CA SER C 33 -12.44 4.03 -12.70
C SER C 33 -11.58 3.15 -13.59
N GLY C 34 -10.75 2.28 -12.99
CA GLY C 34 -9.88 1.40 -13.76
C GLY C 34 -8.42 1.82 -13.88
N MET C 35 -8.05 2.93 -13.24
CA MET C 35 -6.68 3.40 -13.29
C MET C 35 -6.37 4.37 -12.16
N SER C 36 -5.08 4.68 -12.03
CA SER C 36 -4.60 5.65 -11.08
C SER C 36 -4.87 7.06 -11.60
N VAL C 37 -5.04 8.00 -10.69
CA VAL C 37 -4.97 9.42 -11.09
C VAL C 37 -3.71 9.70 -11.93
N MET C 38 -2.58 9.08 -11.60
CA MET C 38 -1.34 9.30 -12.36
C MET C 38 -1.34 8.80 -13.79
N GLU C 39 -2.39 8.04 -14.17
CA GLU C 39 -2.52 7.46 -15.52
C GLU C 39 -3.68 8.06 -16.34
N MET C 40 -4.44 8.99 -15.75
CA MET C 40 -5.66 9.54 -16.36
C MET C 40 -5.33 10.55 -17.43
N SER C 41 -6.11 10.51 -18.52
CA SER C 41 -6.04 11.58 -19.51
C SER C 41 -6.54 12.88 -18.85
N HIS C 42 -5.82 13.98 -19.05
CA HIS C 42 -6.28 15.29 -18.61
C HIS C 42 -7.52 15.81 -19.37
N ARG C 43 -7.85 15.22 -20.50
CA ARG C 43 -9.06 15.55 -21.23
C ARG C 43 -10.23 14.58 -21.00
N GLY C 44 -10.01 13.62 -20.15
CA GLY C 44 -10.99 12.61 -19.80
C GLY C 44 -11.94 13.07 -18.71
N LYS C 45 -13.11 12.44 -18.63
CA LYS C 45 -14.12 12.86 -17.66
C LYS C 45 -13.70 12.79 -16.19
N GLU C 46 -12.93 11.77 -15.82
CA GLU C 46 -12.53 11.61 -14.43
C GLU C 46 -11.64 12.76 -13.98
N PHE C 47 -10.59 13.03 -14.73
CA PHE C 47 -9.72 14.14 -14.34
C PHE C 47 -10.46 15.49 -14.43
N LEU C 48 -11.32 15.63 -15.44
CA LEU C 48 -12.06 16.88 -15.47
C LEU C 48 -12.89 17.09 -14.20
N SER C 49 -13.48 16.01 -13.68
CA SER C 49 -14.23 16.15 -12.42
C SER C 49 -13.33 16.59 -11.26
N ILE C 50 -12.13 16.07 -11.22
CA ILE C 50 -11.19 16.37 -10.13
C ILE C 50 -10.74 17.83 -10.16
N ILE C 51 -10.27 18.33 -11.32
CA ILE C 51 -9.82 19.70 -11.44
C ILE C 51 -10.99 20.72 -11.23
N GLN C 52 -12.18 20.41 -11.73
CA GLN C 52 -13.28 21.30 -11.54
C GLN C 52 -13.74 21.34 -10.07
N LYS C 53 -13.72 20.19 -9.41
CA LYS C 53 -14.03 20.19 -7.97
C LYS C 53 -12.94 20.92 -7.13
N ALA C 54 -11.67 20.73 -7.48
CA ALA C 54 -10.58 21.48 -6.80
C ALA C 54 -10.82 22.99 -6.93
N GLU C 55 -11.22 23.43 -8.11
CA GLU C 55 -11.43 24.87 -8.30
C GLU C 55 -12.66 25.34 -7.53
N SER C 56 -13.77 24.57 -7.59
CA SER C 56 -14.99 24.94 -6.92
CA SER C 56 -14.98 25.00 -6.93
C SER C 56 -14.81 25.00 -5.41
N ASP C 57 -14.12 23.99 -4.86
CA ASP C 57 -13.82 23.94 -3.45
C ASP C 57 -12.94 25.11 -2.97
N LEU C 58 -11.91 25.46 -3.76
CA LEU C 58 -11.06 26.60 -3.42
C LEU C 58 -11.85 27.91 -3.50
N ARG C 59 -12.72 28.06 -4.51
CA ARG C 59 -13.51 29.28 -4.59
C ARG C 59 -14.39 29.44 -3.34
N GLN C 60 -14.99 28.35 -2.89
CA GLN C 60 -15.75 28.44 -1.63
C GLN C 60 -14.86 28.67 -0.40
N LEU C 61 -13.70 28.03 -0.32
CA LEU C 61 -12.84 28.23 0.87
C LEU C 61 -12.41 29.66 1.07
N LEU C 62 -11.96 30.29 -0.01
CA LEU C 62 -11.47 31.63 0.07
C LEU C 62 -12.52 32.66 -0.28
N GLU C 63 -13.74 32.23 -0.60
CA GLU C 63 -14.78 33.15 -1.05
C GLU C 63 -14.32 34.02 -2.21
N ILE C 64 -13.83 33.36 -3.24
CA ILE C 64 -13.30 34.07 -4.42
C ILE C 64 -14.48 34.56 -5.24
N PRO C 65 -14.49 35.85 -5.58
CA PRO C 65 -15.60 36.31 -6.36
C PRO C 65 -15.57 35.76 -7.79
N GLN C 66 -16.72 35.80 -8.44
CA GLN C 66 -16.86 35.31 -9.77
C GLN C 66 -15.98 35.99 -10.81
N GLU C 67 -15.65 37.26 -10.57
CA GLU C 67 -14.87 38.00 -11.55
C GLU C 67 -13.37 37.74 -11.46
N TYR C 68 -12.98 36.69 -10.74
CA TYR C 68 -11.59 36.20 -10.72
C TYR C 68 -11.50 34.81 -11.35
N SER C 69 -10.41 34.60 -12.11
CA SER C 69 -10.03 33.29 -12.61
C SER C 69 -9.13 32.63 -11.60
N VAL C 70 -9.16 31.30 -11.62
CA VAL C 70 -8.32 30.46 -10.77
C VAL C 70 -7.54 29.54 -11.67
N LEU C 71 -6.20 29.68 -11.66
CA LEU C 71 -5.32 28.90 -12.55
C LEU C 71 -4.45 27.91 -11.76
N PHE C 72 -4.34 26.67 -12.22
CA PHE C 72 -3.49 25.67 -11.64
C PHE C 72 -2.33 25.43 -12.58
N LEU C 73 -1.14 25.92 -12.21
CA LEU C 73 0.00 25.96 -13.16
C LEU C 73 1.21 25.20 -12.63
N GLN C 74 2.16 24.95 -13.52
CA GLN C 74 3.49 24.45 -13.13
C GLN C 74 4.49 25.56 -13.05
N GLY C 75 5.64 25.24 -12.49
CA GLY C 75 6.78 26.18 -12.53
C GLY C 75 7.14 26.86 -11.22
N GLY C 76 6.36 26.64 -10.17
CA GLY C 76 6.58 27.26 -8.88
C GLY C 76 6.22 28.76 -8.86
N ALA C 77 6.26 29.35 -7.67
CA ALA C 77 6.13 30.80 -7.57
C ALA C 77 7.23 31.54 -8.34
N THR C 78 8.40 30.93 -8.44
CA THR C 78 9.50 31.60 -9.14
C THR C 78 9.17 31.87 -10.57
N THR C 79 8.42 30.97 -11.22
CA THR C 79 8.04 31.20 -12.62
C THR C 79 7.10 32.44 -12.64
N GLN C 80 6.25 32.61 -11.61
CA GLN C 80 5.37 33.81 -11.52
C GLN C 80 6.13 35.09 -11.34
N PHE C 81 7.35 35.04 -10.79
CA PHE C 81 8.15 36.25 -10.68
C PHE C 81 8.40 36.87 -12.07
N ALA C 82 8.47 35.99 -13.09
CA ALA C 82 8.56 36.41 -14.50
C ALA C 82 7.17 36.63 -15.12
N ALA C 83 6.23 35.72 -14.90
CA ALA C 83 4.91 35.81 -15.55
C ALA C 83 4.16 37.08 -15.18
N LEU C 84 4.32 37.55 -13.93
CA LEU C 84 3.54 38.72 -13.51
C LEU C 84 3.89 39.94 -14.39
N PRO C 85 5.15 40.41 -14.40
CA PRO C 85 5.43 41.59 -15.24
C PRO C 85 5.30 41.30 -16.76
N LEU C 86 5.55 40.05 -17.19
CA LEU C 86 5.38 39.74 -18.62
C LEU C 86 3.92 39.96 -19.04
N ASN C 87 3.00 39.52 -18.17
CA ASN C 87 1.57 39.64 -18.44
C ASN C 87 1.01 41.04 -18.19
N LEU C 88 1.46 41.67 -17.11
CA LEU C 88 0.74 42.84 -16.57
C LEU C 88 1.36 44.15 -16.95
N CYS C 89 2.59 44.13 -17.46
CA CYS C 89 3.35 45.34 -17.73
C CYS C 89 3.86 45.40 -19.14
N LYS C 90 4.11 46.63 -19.60
CA LYS C 90 4.97 46.82 -20.75
C LYS C 90 6.37 47.07 -20.26
N SER C 91 7.32 46.96 -21.19
CA SER C 91 8.73 47.09 -20.86
C SER C 91 9.06 48.41 -20.18
N ASP C 92 8.28 49.46 -20.41
CA ASP C 92 8.59 50.77 -19.82
C ASP C 92 7.68 51.14 -18.63
N ASP C 93 6.88 50.21 -18.16
CA ASP C 93 6.08 50.43 -16.97
C ASP C 93 6.90 50.24 -15.70
N THR C 94 6.36 50.70 -14.57
CA THR C 94 6.98 50.53 -13.25
C THR C 94 6.12 49.72 -12.33
N VAL C 95 6.77 48.81 -11.60
CA VAL C 95 6.14 48.08 -10.51
C VAL C 95 6.74 48.53 -9.19
N ASP C 96 5.88 48.89 -8.24
CA ASP C 96 6.28 49.18 -6.87
C ASP C 96 6.36 47.94 -6.00
N PHE C 97 7.34 47.89 -5.12
CA PHE C 97 7.47 46.79 -4.18
C PHE C 97 7.64 47.30 -2.76
N VAL C 98 7.01 46.57 -1.80
CA VAL C 98 7.40 46.63 -0.39
C VAL C 98 8.11 45.32 -0.10
N VAL C 99 9.39 45.44 0.30
CA VAL C 99 10.23 44.26 0.52
C VAL C 99 10.41 44.01 2.01
N THR C 100 9.76 42.95 2.48
CA THR C 100 9.78 42.58 3.90
C THR C 100 10.60 41.31 4.20
N GLY C 101 11.29 40.79 3.17
CA GLY C 101 12.11 39.56 3.32
C GLY C 101 12.77 39.20 2.00
N SER C 102 13.46 38.04 1.95
CA SER C 102 14.21 37.72 0.76
C SER C 102 13.40 37.19 -0.41
N TRP C 103 12.18 36.72 -0.17
CA TRP C 103 11.35 36.31 -1.30
C TRP C 103 10.88 37.50 -2.13
N GLY C 104 10.56 38.61 -1.47
CA GLY C 104 10.19 39.83 -2.22
C GLY C 104 11.42 40.35 -2.98
N ASP C 105 12.59 40.23 -2.36
CA ASP C 105 13.78 40.65 -3.04
C ASP C 105 14.05 39.83 -4.35
N LYS C 106 13.78 38.54 -4.32
CA LYS C 106 13.92 37.74 -5.54
C LYS C 106 12.91 38.12 -6.65
N ALA C 107 11.72 38.51 -6.23
CA ALA C 107 10.67 38.98 -7.15
C ALA C 107 11.10 40.29 -7.85
N VAL C 108 11.71 41.19 -7.08
CA VAL C 108 12.26 42.45 -7.67
C VAL C 108 13.28 42.12 -8.75
N LYS C 109 14.23 41.23 -8.44
CA LYS C 109 15.37 41.01 -9.33
C LYS C 109 14.89 40.44 -10.66
N GLU C 110 13.96 39.48 -10.58
CA GLU C 110 13.39 38.88 -11.79
C GLU C 110 12.58 39.90 -12.61
N ALA C 111 11.78 40.75 -11.94
CA ALA C 111 10.92 41.67 -12.65
C ALA C 111 11.75 42.69 -13.45
N LYS C 112 12.95 42.99 -12.96
CA LYS C 112 13.82 43.98 -13.69
C LYS C 112 14.12 43.58 -15.11
N LYS C 113 14.06 42.28 -15.42
CA LYS C 113 14.25 41.81 -16.81
C LYS C 113 13.14 42.31 -17.76
N TYR C 114 11.98 42.62 -17.19
CA TYR C 114 10.73 42.79 -17.99
C TYR C 114 10.08 44.17 -17.91
N CYS C 115 10.45 44.95 -16.89
CA CYS C 115 9.94 46.31 -16.70
C CYS C 115 10.82 47.03 -15.68
N LYS C 116 10.43 48.24 -15.28
CA LYS C 116 11.16 48.97 -14.26
C LYS C 116 10.62 48.66 -12.88
N THR C 117 11.49 48.65 -11.87
CA THR C 117 11.05 48.34 -10.51
C THR C 117 11.40 49.49 -9.59
N ASN C 118 10.63 49.63 -8.51
CA ASN C 118 10.88 50.63 -7.48
C ASN C 118 10.59 49.96 -6.14
N VAL C 119 11.63 49.80 -5.33
CA VAL C 119 11.47 49.34 -3.97
C VAL C 119 11.18 50.57 -3.08
N ILE C 120 9.92 50.71 -2.66
CA ILE C 120 9.51 51.86 -1.88
C ILE C 120 10.16 51.77 -0.50
N TRP C 121 10.21 50.58 0.06
CA TRP C 121 10.64 50.34 1.41
C TRP C 121 11.19 48.93 1.51
N SER C 122 12.32 48.78 2.20
CA SER C 122 12.92 47.46 2.45
C SER C 122 13.21 47.33 3.92
N GLY C 123 12.98 46.15 4.44
CA GLY C 123 13.24 45.88 5.85
C GLY C 123 14.66 45.44 6.15
N LYS C 124 15.51 45.37 5.13
CA LYS C 124 16.79 44.71 5.24
C LYS C 124 17.66 45.38 6.31
N SER C 125 17.56 46.68 6.48
CA SER C 125 18.46 47.36 7.42
C SER C 125 18.22 46.96 8.88
N GLU C 126 17.02 46.47 9.21
CA GLU C 126 16.71 45.90 10.51
C GLU C 126 16.50 44.40 10.49
N LYS C 127 17.17 43.74 9.55
CA LYS C 127 17.18 42.28 9.43
C LYS C 127 15.80 41.67 9.19
N TYR C 128 14.95 42.42 8.49
CA TYR C 128 13.62 41.95 8.04
C TYR C 128 12.79 41.49 9.24
N THR C 129 12.46 42.49 10.07
CA THR C 129 11.74 42.26 11.31
C THR C 129 10.44 43.06 11.40
N LYS C 130 10.14 43.92 10.43
CA LYS C 130 8.97 44.82 10.52
C LYS C 130 8.22 44.91 9.18
N VAL C 131 7.02 45.49 9.27
CA VAL C 131 6.23 45.90 8.09
C VAL C 131 6.08 47.40 8.24
N PRO C 132 6.21 48.14 7.14
CA PRO C 132 6.08 49.62 7.27
C PRO C 132 4.63 50.08 7.49
N SER C 133 4.48 51.27 8.06
CA SER C 133 3.16 51.92 8.11
C SER C 133 2.80 52.27 6.69
N PHE C 134 1.57 51.99 6.30
CA PHE C 134 1.23 52.02 4.87
C PHE C 134 1.02 53.41 4.30
N GLU C 135 0.44 54.29 5.10
CA GLU C 135 0.00 55.57 4.55
C GLU C 135 1.17 56.43 4.12
N GLU C 136 2.30 56.28 4.81
CA GLU C 136 3.49 57.06 4.52
C GLU C 136 4.34 56.50 3.35
N LEU C 137 4.00 55.34 2.79
CA LEU C 137 4.67 54.81 1.60
C LEU C 137 4.48 55.72 0.38
N GLU C 138 5.58 56.17 -0.18
CA GLU C 138 5.55 57.00 -1.36
C GLU C 138 5.46 56.11 -2.64
N GLN C 139 4.24 55.95 -3.13
CA GLN C 139 3.98 55.09 -4.30
C GLN C 139 4.22 55.85 -5.59
N THR C 140 4.59 55.14 -6.62
CA THR C 140 4.90 55.77 -7.88
C THR C 140 3.56 56.10 -8.58
N PRO C 141 3.36 57.39 -9.01
CA PRO C 141 2.05 57.80 -9.52
C PRO C 141 1.50 56.99 -10.70
N ASP C 142 2.35 56.48 -11.58
CA ASP C 142 1.84 55.63 -12.65
C ASP C 142 2.16 54.12 -12.51
N ALA C 143 2.52 53.66 -11.32
CA ALA C 143 2.88 52.23 -11.15
C ALA C 143 1.74 51.36 -11.60
N LYS C 144 2.05 50.30 -12.36
CA LYS C 144 1.02 49.33 -12.75
C LYS C 144 0.42 48.55 -11.58
N TYR C 145 1.29 48.13 -10.66
CA TYR C 145 0.87 47.43 -9.47
C TYR C 145 1.91 47.55 -8.37
N LEU C 146 1.48 47.17 -7.17
CA LEU C 146 2.23 47.17 -5.93
C LEU C 146 2.33 45.71 -5.50
N HIS C 147 3.56 45.23 -5.27
CA HIS C 147 3.82 43.84 -4.96
C HIS C 147 4.27 43.69 -3.53
N ILE C 148 3.69 42.71 -2.83
CA ILE C 148 4.09 42.32 -1.51
C ILE C 148 4.26 40.78 -1.45
N CYS C 149 5.06 40.34 -0.48
CA CYS C 149 5.15 38.95 -0.09
C CYS C 149 4.44 38.89 1.27
N ALA C 150 3.24 38.28 1.27
CA ALA C 150 2.33 38.40 2.43
C ALA C 150 2.90 37.68 3.66
N ASN C 151 3.67 36.61 3.41
CA ASN C 151 4.35 35.87 4.48
C ASN C 151 5.74 35.48 4.04
N GLU C 152 6.73 36.12 4.68
CA GLU C 152 8.15 35.96 4.29
C GLU C 152 8.68 34.76 5.08
N THR C 153 8.82 33.68 4.34
CA THR C 153 8.97 32.32 4.88
C THR C 153 10.24 32.15 5.72
N ILE C 154 11.30 32.84 5.33
CA ILE C 154 12.59 32.77 6.05
C ILE C 154 12.62 33.67 7.29
N HIS C 155 11.98 34.83 7.17
CA HIS C 155 12.11 35.89 8.14
C HIS C 155 10.96 35.98 9.11
N GLY C 156 9.85 35.27 8.81
CA GLY C 156 8.73 35.17 9.75
C GLY C 156 7.87 36.43 9.97
N VAL C 157 7.86 37.26 8.95
CA VAL C 157 7.15 38.54 8.92
C VAL C 157 5.92 38.32 8.03
N GLU C 158 4.75 38.59 8.60
CA GLU C 158 3.48 38.33 7.95
C GLU C 158 2.59 39.59 8.00
N PHE C 159 2.04 39.98 6.83
CA PHE C 159 1.04 41.05 6.77
C PHE C 159 -0.25 40.57 7.42
N LYS C 160 -0.83 41.41 8.28
CA LYS C 160 -2.16 41.12 8.84
C LYS C 160 -3.20 41.98 8.11
N ASP C 161 -2.88 43.25 7.91
CA ASP C 161 -3.68 44.17 7.09
C ASP C 161 -2.87 44.43 5.82
N TYR C 162 -3.49 45.00 4.78
CA TYR C 162 -2.83 45.19 3.50
C TYR C 162 -2.84 46.65 3.07
N PRO C 163 -1.80 47.07 2.38
CA PRO C 163 -1.74 48.41 1.83
C PRO C 163 -2.71 48.57 0.64
N VAL C 164 -3.12 49.80 0.41
CA VAL C 164 -4.00 50.17 -0.66
C VAL C 164 -3.12 50.74 -1.77
N PRO C 165 -3.10 50.08 -2.92
CA PRO C 165 -2.34 50.65 -4.05
C PRO C 165 -2.94 51.96 -4.52
N LYS C 166 -2.09 52.89 -4.90
CA LYS C 166 -2.55 54.23 -5.23
C LYS C 166 -3.06 54.22 -6.67
N ASN C 167 -2.18 53.94 -7.64
CA ASN C 167 -2.57 53.98 -9.05
C ASN C 167 -3.18 52.68 -9.57
N GLY C 168 -2.58 51.57 -9.20
CA GLY C 168 -2.87 50.26 -9.83
C GLY C 168 -3.54 49.32 -8.84
N PHE C 169 -3.15 48.07 -8.89
CA PHE C 169 -3.74 47.01 -8.10
C PHE C 169 -2.69 46.33 -7.24
N LEU C 170 -3.13 45.50 -6.31
CA LEU C 170 -2.23 44.81 -5.37
C LEU C 170 -1.95 43.39 -5.81
N VAL C 171 -0.70 43.00 -5.72
CA VAL C 171 -0.30 41.63 -6.01
C VAL C 171 0.41 41.06 -4.79
N ALA C 172 0.02 39.86 -4.36
CA ALA C 172 0.60 39.27 -3.19
C ALA C 172 1.06 37.83 -3.44
N ASP C 173 2.32 37.53 -3.11
CA ASP C 173 2.84 36.16 -2.99
C ASP C 173 2.40 35.62 -1.64
N MET C 174 1.45 34.71 -1.65
CA MET C 174 0.92 34.07 -0.44
C MET C 174 1.34 32.61 -0.37
N SER C 175 2.46 32.25 -1.02
CA SER C 175 2.92 30.86 -1.00
C SER C 175 2.90 30.24 0.39
N SER C 176 3.49 30.92 1.38
CA SER C 176 3.65 30.23 2.67
C SER C 176 2.54 30.57 3.67
N ASN C 177 1.48 31.27 3.26
CA ASN C 177 0.31 31.38 4.16
C ASN C 177 -1.03 31.12 3.46
N PHE C 178 -0.95 30.54 2.26
CA PHE C 178 -2.11 30.38 1.43
C PHE C 178 -3.14 29.46 2.12
N CYS C 179 -4.41 29.88 2.17
CA CYS C 179 -5.46 29.09 2.83
C CYS C 179 -5.15 28.80 4.32
N SER C 180 -4.48 29.75 4.97
CA SER C 180 -4.29 29.69 6.42
C SER C 180 -5.34 30.49 7.16
N LYS C 181 -6.10 31.30 6.41
CA LYS C 181 -7.03 32.27 6.99
C LYS C 181 -7.88 32.92 5.89
N PRO C 182 -9.02 33.54 6.26
CA PRO C 182 -9.81 34.30 5.27
C PRO C 182 -8.97 35.46 4.69
N VAL C 183 -9.22 35.73 3.43
CA VAL C 183 -8.60 36.83 2.67
C VAL C 183 -9.70 37.46 1.88
N ASP C 184 -9.83 38.79 1.97
CA ASP C 184 -10.75 39.57 1.12
C ASP C 184 -10.09 39.70 -0.25
N VAL C 185 -10.40 38.75 -1.11
CA VAL C 185 -9.78 38.61 -2.43
C VAL C 185 -9.99 39.85 -3.30
N SER C 186 -11.13 40.54 -3.11
CA SER C 186 -11.46 41.70 -3.91
C SER C 186 -10.44 42.85 -3.74
N LYS C 187 -9.65 42.83 -2.64
CA LYS C 187 -8.61 43.84 -2.42
C LYS C 187 -7.39 43.69 -3.37
N PHE C 188 -7.28 42.53 -4.03
CA PHE C 188 -6.13 42.15 -4.84
C PHE C 188 -6.44 42.06 -6.31
N GLY C 189 -5.45 42.41 -7.14
CA GLY C 189 -5.55 42.03 -8.56
C GLY C 189 -5.11 40.59 -8.80
N VAL C 190 -4.01 40.18 -8.13
CA VAL C 190 -3.50 38.82 -8.19
C VAL C 190 -3.01 38.35 -6.80
N ILE C 191 -3.39 37.12 -6.47
CA ILE C 191 -2.83 36.34 -5.39
C ILE C 191 -2.21 35.11 -6.02
N TYR C 192 -0.95 34.80 -5.68
CA TYR C 192 -0.31 33.60 -6.19
C TYR C 192 0.48 32.91 -5.12
N GLY C 193 0.71 31.60 -5.32
CA GLY C 193 1.52 30.84 -4.40
C GLY C 193 1.76 29.40 -4.83
N GLY C 194 2.94 28.89 -4.56
CA GLY C 194 3.17 27.43 -4.64
C GLY C 194 2.31 26.68 -3.66
N ALA C 195 1.88 25.49 -4.08
CA ALA C 195 1.06 24.66 -3.22
C ALA C 195 1.79 24.09 -2.02
N GLN C 196 3.10 23.98 -2.10
CA GLN C 196 3.83 23.07 -1.24
C GLN C 196 4.10 23.56 0.21
N LYS C 197 3.31 24.47 0.74
CA LYS C 197 3.39 24.75 2.18
C LYS C 197 2.13 24.32 2.82
N ASN C 198 1.03 24.88 2.33
CA ASN C 198 -0.24 24.66 2.99
C ASN C 198 -1.23 23.83 2.23
N VAL C 199 -1.09 23.66 0.92
CA VAL C 199 -2.22 23.06 0.19
C VAL C 199 -1.94 21.84 -0.67
N GLY C 200 -0.70 21.35 -0.72
CA GLY C 200 -0.41 20.16 -1.53
C GLY C 200 1.08 19.95 -1.64
N PRO C 201 1.48 19.06 -2.55
CA PRO C 201 2.86 18.77 -2.85
C PRO C 201 3.43 19.80 -3.82
N SER C 202 4.76 19.86 -3.92
CA SER C 202 5.37 20.74 -4.92
CA SER C 202 5.40 20.71 -4.91
C SER C 202 5.04 20.24 -6.33
N GLY C 203 5.00 21.20 -7.28
CA GLY C 203 4.69 20.92 -8.68
C GLY C 203 3.44 21.65 -9.16
N VAL C 204 2.70 22.24 -8.24
CA VAL C 204 1.49 23.03 -8.55
C VAL C 204 1.70 24.43 -7.94
N THR C 205 1.29 25.45 -8.72
CA THR C 205 1.27 26.84 -8.33
C THR C 205 -0.14 27.35 -8.64
N ILE C 206 -0.74 28.07 -7.69
CA ILE C 206 -2.07 28.61 -7.86
C ILE C 206 -1.99 30.11 -8.13
N VAL C 207 -2.72 30.59 -9.15
CA VAL C 207 -2.84 32.00 -9.44
C VAL C 207 -4.31 32.38 -9.47
N ILE C 208 -4.69 33.36 -8.63
CA ILE C 208 -6.02 33.93 -8.58
C ILE C 208 -5.90 35.31 -9.13
N ILE C 209 -6.56 35.56 -10.27
CA ILE C 209 -6.32 36.80 -11.01
C ILE C 209 -7.63 37.43 -11.51
N ARG C 210 -7.77 38.72 -11.27
CA ARG C 210 -8.97 39.45 -11.72
C ARG C 210 -9.11 39.36 -13.24
N LYS C 211 -10.30 39.01 -13.73
CA LYS C 211 -10.45 38.69 -15.15
C LYS C 211 -10.11 39.89 -16.05
N ASP C 212 -10.33 41.11 -15.57
CA ASP C 212 -10.06 42.30 -16.39
C ASP C 212 -8.57 42.60 -16.51
N LEU C 213 -7.73 41.85 -15.78
CA LEU C 213 -6.31 41.97 -15.94
C LEU C 213 -5.66 40.93 -16.85
N ILE C 214 -6.46 40.02 -17.39
CA ILE C 214 -5.97 38.93 -18.22
C ILE C 214 -5.92 39.41 -19.66
N GLY C 215 -4.83 39.07 -20.37
CA GLY C 215 -4.71 39.39 -21.79
C GLY C 215 -3.64 40.44 -22.02
N ASN C 216 -3.30 40.72 -23.25
CA ASN C 216 -2.24 41.72 -23.54
C ASN C 216 -0.85 41.49 -22.84
N ALA C 217 -0.40 40.23 -22.76
CA ALA C 217 0.98 39.97 -22.35
C ALA C 217 2.01 40.51 -23.35
N GLN C 218 3.23 40.80 -22.89
CA GLN C 218 4.29 41.17 -23.81
C GLN C 218 4.51 40.08 -24.88
N ASP C 219 4.92 40.49 -26.09
CA ASP C 219 5.09 39.55 -27.20
C ASP C 219 6.09 38.42 -26.94
N ILE C 220 7.10 38.70 -26.11
CA ILE C 220 8.09 37.69 -25.72
C ILE C 220 7.63 36.70 -24.64
N THR C 221 6.39 36.82 -24.17
CA THR C 221 5.91 35.88 -23.11
C THR C 221 5.82 34.45 -23.66
N PRO C 222 6.49 33.45 -23.03
CA PRO C 222 6.29 32.08 -23.49
C PRO C 222 4.81 31.73 -23.35
N VAL C 223 4.31 30.88 -24.25
CA VAL C 223 2.91 30.47 -24.21
C VAL C 223 2.56 29.88 -22.85
N MET C 224 3.55 29.20 -22.24
CA MET C 224 3.36 28.58 -20.91
C MET C 224 3.30 29.56 -19.76
N LEU C 225 3.68 30.82 -19.98
CA LEU C 225 3.55 31.84 -18.95
C LEU C 225 2.36 32.83 -19.19
N ASP C 226 1.57 32.61 -20.24
CA ASP C 226 0.58 33.57 -20.67
C ASP C 226 -0.76 33.30 -20.00
N TYR C 227 -1.21 34.24 -19.20
CA TYR C 227 -2.42 34.03 -18.41
C TYR C 227 -3.66 33.83 -19.27
N LYS C 228 -3.76 34.55 -20.40
CA LYS C 228 -4.94 34.34 -21.26
C LYS C 228 -5.02 32.93 -21.83
N ILE C 229 -3.90 32.40 -22.26
CA ILE C 229 -3.84 31.00 -22.73
C ILE C 229 -4.34 30.05 -21.66
N HIS C 230 -3.82 30.21 -20.44
CA HIS C 230 -4.25 29.34 -19.37
C HIS C 230 -5.74 29.53 -18.97
N ASP C 231 -6.18 30.78 -18.91
CA ASP C 231 -7.57 31.08 -18.57
C ASP C 231 -8.54 30.55 -19.61
N GLU C 232 -8.25 30.79 -20.90
CA GLU C 232 -9.22 30.36 -21.92
C GLU C 232 -9.25 28.81 -22.09
N ASN C 233 -8.17 28.12 -21.68
CA ASN C 233 -8.12 26.64 -21.73
C ASN C 233 -8.33 25.99 -20.34
N SER C 234 -8.71 26.81 -19.36
CA SER C 234 -9.05 26.35 -18.00
C SER C 234 -7.94 25.49 -17.41
N SER C 235 -6.70 25.96 -17.55
CA SER C 235 -5.50 25.27 -17.04
C SER C 235 -5.21 23.95 -17.73
N LEU C 236 -5.78 23.74 -18.91
CA LEU C 236 -5.58 22.53 -19.68
C LEU C 236 -5.02 22.78 -21.08
N TYR C 237 -4.26 23.87 -21.22
CA TYR C 237 -3.69 24.16 -22.52
C TYR C 237 -2.70 23.06 -22.91
N ASN C 238 -1.77 22.76 -22.01
CA ASN C 238 -0.92 21.58 -22.15
C ASN C 238 -1.28 20.54 -21.09
N THR C 239 -0.40 19.59 -20.86
CA THR C 239 -0.70 18.58 -19.85
C THR C 239 -0.44 19.15 -18.45
N PRO C 240 -1.49 19.22 -17.61
CA PRO C 240 -1.29 19.82 -16.30
C PRO C 240 -0.66 18.84 -15.34
N PRO C 241 -0.22 19.33 -14.17
CA PRO C 241 0.31 18.48 -13.08
C PRO C 241 -0.87 17.73 -12.40
N CYS C 242 -1.36 16.69 -13.09
CA CYS C 242 -2.63 16.01 -12.69
C CYS C 242 -2.64 15.54 -11.25
N PHE C 243 -1.65 14.74 -10.88
CA PHE C 243 -1.64 14.20 -9.53
C PHE C 243 -1.52 15.29 -8.46
N GLY C 244 -0.72 16.33 -8.72
CA GLY C 244 -0.60 17.45 -7.81
C GLY C 244 -1.89 18.19 -7.58
N ILE C 245 -2.64 18.41 -8.68
CA ILE C 245 -3.94 19.08 -8.61
C ILE C 245 -4.93 18.22 -7.80
N TYR C 246 -4.91 16.93 -8.07
CA TYR C 246 -5.67 15.92 -7.28
C TYR C 246 -5.38 16.04 -5.80
N MET C 247 -4.08 16.07 -5.46
CA MET C 247 -3.70 16.23 -4.09
C MET C 247 -4.19 17.55 -3.50
N CYS C 248 -4.01 18.65 -4.20
CA CYS C 248 -4.51 19.93 -3.68
C CYS C 248 -6.03 19.81 -3.43
N GLY C 249 -6.71 19.16 -4.38
CA GLY C 249 -8.13 18.94 -4.27
C GLY C 249 -8.51 18.23 -2.99
N LEU C 250 -7.74 17.21 -2.63
CA LEU C 250 -7.94 16.52 -1.33
C LEU C 250 -7.78 17.43 -0.12
N VAL C 251 -6.76 18.27 -0.17
CA VAL C 251 -6.51 19.22 0.90
C VAL C 251 -7.66 20.23 1.03
N PHE C 252 -8.07 20.81 -0.08
CA PHE C 252 -9.18 21.77 -0.05
C PHE C 252 -10.45 21.17 0.54
N GLU C 253 -10.76 19.96 0.10
CA GLU C 253 -11.89 19.22 0.64
C GLU C 253 -11.80 19.05 2.17
N ASP C 254 -10.63 18.66 2.65
CA ASP C 254 -10.41 18.51 4.06
C ASP C 254 -10.48 19.84 4.82
N LEU C 255 -10.04 20.95 4.22
CA LEU C 255 -10.17 22.25 4.88
C LEU C 255 -11.64 22.64 5.02
N LEU C 256 -12.44 22.30 4.03
CA LEU C 256 -13.88 22.55 4.16
C LEU C 256 -14.50 21.68 5.25
N GLU C 257 -14.10 20.43 5.31
CA GLU C 257 -14.59 19.53 6.36
C GLU C 257 -14.24 20.04 7.77
N GLN C 258 -13.07 20.65 7.89
CA GLN C 258 -12.64 21.23 9.16
C GLN C 258 -13.47 22.46 9.58
N GLY C 259 -14.36 22.94 8.73
CA GLY C 259 -15.13 24.14 9.06
C GLY C 259 -14.77 25.38 8.26
N GLY C 260 -13.80 25.27 7.35
CA GLY C 260 -13.44 26.42 6.52
C GLY C 260 -12.39 27.29 7.18
N LEU C 261 -12.00 28.34 6.48
CA LEU C 261 -10.83 29.09 6.87
C LEU C 261 -10.93 29.88 8.17
N LYS C 262 -12.13 30.20 8.63
CA LYS C 262 -12.26 30.80 9.93
C LYS C 262 -11.79 29.85 11.02
N GLU C 263 -12.11 28.57 10.89
CA GLU C 263 -11.68 27.59 11.91
C GLU C 263 -10.20 27.27 11.78
N VAL C 264 -9.74 27.18 10.53
CA VAL C 264 -8.34 26.94 10.26
C VAL C 264 -7.51 28.05 10.91
N GLU C 265 -7.95 29.31 10.76
CA GLU C 265 -7.21 30.46 11.39
C GLU C 265 -7.15 30.34 12.91
N LYS C 266 -8.28 30.00 13.52
CA LYS C 266 -8.29 29.80 14.96
C LYS C 266 -7.24 28.81 15.45
N LYS C 267 -7.18 27.66 14.79
CA LYS C 267 -6.20 26.66 15.14
C LYS C 267 -4.77 27.12 14.90
N ASN C 268 -4.56 27.82 13.77
CA ASN C 268 -3.26 28.42 13.51
C ASN C 268 -2.84 29.41 14.58
N GLN C 269 -3.77 30.24 14.99
CA GLN C 269 -3.47 31.24 16.02
C GLN C 269 -3.13 30.55 17.35
N ARG C 270 -3.90 29.55 17.73
CA ARG C 270 -3.73 28.87 19.01
CA ARG C 270 -3.71 28.88 19.02
C ARG C 270 -2.34 28.24 19.09
N LYS C 271 -1.97 27.48 18.06
CA LYS C 271 -0.70 26.76 18.15
C LYS C 271 0.50 27.68 18.02
N ALA C 272 0.40 28.72 17.19
CA ALA C 272 1.49 29.69 17.11
C ALA C 272 1.69 30.43 18.47
N ASP C 273 0.60 30.77 19.11
CA ASP C 273 0.61 31.44 20.42
C ASP C 273 1.35 30.61 21.49
N LEU C 274 1.21 29.29 21.43
CA LEU C 274 1.91 28.44 22.41
C LEU C 274 3.41 28.61 22.30
N LEU C 275 3.90 28.65 21.05
CA LEU C 275 5.31 28.78 20.77
C LEU C 275 5.82 30.21 21.04
N TYR C 276 5.11 31.22 20.54
CA TYR C 276 5.56 32.59 20.82
C TYR C 276 5.57 32.89 22.34
N ASN C 277 4.52 32.43 23.05
CA ASN C 277 4.44 32.68 24.49
C ASN C 277 5.61 31.98 25.22
N ALA C 278 5.94 30.76 24.82
CA ALA C 278 7.10 30.05 25.40
C ALA C 278 8.38 30.86 25.23
N ILE C 279 8.51 31.51 24.08
CA ILE C 279 9.67 32.31 23.81
C ILE C 279 9.68 33.55 24.69
N GLU C 280 8.57 34.26 24.74
CA GLU C 280 8.52 35.52 25.45
C GLU C 280 8.64 35.30 26.97
N GLU C 281 8.17 34.16 27.45
CA GLU C 281 8.25 33.84 28.88
C GLU C 281 9.57 33.20 29.29
N SER C 282 10.51 33.06 28.36
CA SER C 282 11.78 32.40 28.65
C SER C 282 12.84 33.29 29.31
N ASN C 283 12.48 34.52 29.67
CA ASN C 283 13.40 35.49 30.25
C ASN C 283 14.62 35.69 29.37
N GLY C 284 14.43 35.65 28.06
CA GLY C 284 15.53 35.93 27.13
C GLY C 284 16.36 34.74 26.71
N PHE C 285 16.10 33.56 27.26
CA PHE C 285 16.83 32.37 26.85
C PHE C 285 16.62 32.05 25.37
N PHE C 286 15.35 32.07 24.94
CA PHE C 286 14.98 32.10 23.52
C PHE C 286 14.54 33.49 23.11
N ARG C 287 14.77 33.82 21.85
CA ARG C 287 14.44 35.16 21.35
C ARG C 287 13.86 35.07 19.93
N CYS C 288 12.80 35.80 19.68
CA CYS C 288 12.29 35.98 18.31
C CYS C 288 12.52 37.44 17.90
N PRO C 289 13.17 37.67 16.76
CA PRO C 289 13.50 39.06 16.40
C PRO C 289 12.36 39.93 15.81
N VAL C 290 11.29 39.28 15.37
CA VAL C 290 10.25 39.91 14.61
C VAL C 290 9.37 40.72 15.53
N GLU C 291 9.04 41.93 15.07
CA GLU C 291 8.12 42.83 15.76
C GLU C 291 6.76 42.14 16.01
N LYS C 292 6.25 42.26 17.22
CA LYS C 292 5.11 41.44 17.65
C LYS C 292 3.88 41.44 16.76
N SER C 293 3.42 42.62 16.35
CA SER C 293 2.20 42.77 15.53
C SER C 293 2.29 42.07 14.15
N VAL C 294 3.49 41.77 13.67
CA VAL C 294 3.65 41.11 12.35
C VAL C 294 4.28 39.72 12.40
N ARG C 295 4.27 39.10 13.58
CA ARG C 295 4.77 37.76 13.73
C ARG C 295 3.92 36.73 12.98
N SER C 296 4.57 35.98 12.11
CA SER C 296 3.95 34.98 11.26
C SER C 296 3.34 33.85 12.05
N LEU C 297 2.15 33.42 11.67
CA LEU C 297 1.55 32.24 12.28
C LEU C 297 2.13 30.97 11.66
N MET C 298 2.91 31.10 10.57
CA MET C 298 3.35 29.95 9.78
C MET C 298 4.83 29.59 9.96
N ASN C 299 5.68 30.61 10.06
CA ASN C 299 7.12 30.40 10.22
C ASN C 299 7.62 31.21 11.40
N VAL C 300 8.26 30.52 12.35
CA VAL C 300 8.71 31.15 13.59
C VAL C 300 10.24 31.04 13.76
N PRO C 301 10.96 32.12 13.47
CA PRO C 301 12.40 32.13 13.66
C PRO C 301 12.70 32.51 15.09
N PHE C 302 13.69 31.84 15.67
CA PHE C 302 14.11 32.13 17.01
C PHE C 302 15.52 31.63 17.27
N THR C 303 16.19 32.28 18.22
CA THR C 303 17.61 32.05 18.52
C THR C 303 17.75 31.83 20.00
N LEU C 304 18.93 31.38 20.39
CA LEU C 304 19.28 31.25 21.82
C LEU C 304 20.19 32.40 22.23
N GLU C 305 20.04 32.87 23.46
CA GLU C 305 21.01 33.85 24.01
C GLU C 305 22.45 33.31 23.94
N LYS C 306 22.60 32.01 24.17
CA LYS C 306 23.91 31.35 24.09
C LYS C 306 23.93 30.63 22.75
N SER C 307 24.43 31.34 21.73
CA SER C 307 24.40 30.90 20.36
C SER C 307 25.06 29.53 20.17
N GLU C 308 26.06 29.26 20.99
CA GLU C 308 26.87 28.06 20.88
C GLU C 308 26.05 26.80 21.19
N LEU C 309 24.90 26.96 21.85
CA LEU C 309 24.03 25.79 22.12
C LEU C 309 23.00 25.48 20.98
N GLU C 310 22.96 26.30 19.93
CA GLU C 310 21.95 26.08 18.87
C GLU C 310 22.17 24.71 18.17
N ALA C 311 23.41 24.34 17.86
CA ALA C 311 23.62 23.08 17.11
C ALA C 311 23.04 21.87 17.88
N GLU C 312 23.40 21.81 19.14
CA GLU C 312 22.96 20.83 20.08
C GLU C 312 21.44 20.80 20.26
N PHE C 313 20.82 21.98 20.39
CA PHE C 313 19.33 22.08 20.41
C PHE C 313 18.65 21.38 19.20
N ILE C 314 19.14 21.70 18.01
CA ILE C 314 18.57 21.15 16.75
C ILE C 314 18.78 19.62 16.70
N LYS C 315 20.00 19.21 17.04
CA LYS C 315 20.38 17.79 17.00
C LYS C 315 19.57 16.97 18.00
N GLU C 316 19.44 17.48 19.22
CA GLU C 316 18.67 16.79 20.26
C GLU C 316 17.16 16.79 19.96
N ALA C 317 16.65 17.88 19.40
CA ALA C 317 15.25 17.90 18.93
C ALA C 317 14.98 16.83 17.85
N ALA C 318 15.91 16.67 16.90
CA ALA C 318 15.77 15.66 15.84
C ALA C 318 15.72 14.26 16.42
N LYS C 319 16.56 13.98 17.42
CA LYS C 319 16.53 12.68 18.13
C LYS C 319 15.18 12.46 18.80
N GLU C 320 14.53 13.53 19.23
CA GLU C 320 13.16 13.47 19.74
C GLU C 320 12.07 13.62 18.66
N LYS C 321 12.42 13.37 17.39
CA LYS C 321 11.47 13.30 16.30
C LYS C 321 10.82 14.65 15.95
N MET C 322 11.58 15.72 16.18
CA MET C 322 11.23 17.06 15.71
C MET C 322 12.32 17.49 14.74
N VAL C 323 12.01 17.40 13.44
CA VAL C 323 13.02 17.54 12.38
C VAL C 323 12.85 18.83 11.58
N GLN C 324 13.93 19.25 10.94
CA GLN C 324 13.96 20.45 10.09
C GLN C 324 13.75 21.79 10.83
N LEU C 325 14.33 21.90 12.04
CA LEU C 325 14.30 23.14 12.80
C LEU C 325 15.46 24.11 12.59
N LYS C 326 16.44 23.75 11.80
CA LYS C 326 17.61 24.60 11.62
C LYS C 326 17.20 25.91 10.98
N GLY C 327 17.72 27.01 11.51
CA GLY C 327 17.43 28.34 10.94
C GLY C 327 18.29 28.63 9.71
N HIS C 328 18.10 29.81 9.13
CA HIS C 328 18.87 30.24 7.96
C HIS C 328 20.29 30.61 8.34
N ARG C 329 21.23 30.30 7.43
CA ARG C 329 22.67 30.56 7.64
C ARG C 329 22.98 31.96 8.17
N SER C 330 22.25 32.95 7.67
CA SER C 330 22.56 34.35 8.01
C SER C 330 22.33 34.68 9.49
N VAL C 331 21.43 33.93 10.16
CA VAL C 331 21.07 34.25 11.56
C VAL C 331 21.33 33.13 12.56
N GLY C 332 21.64 31.94 12.04
CA GLY C 332 21.74 30.76 12.88
C GLY C 332 20.38 30.50 13.53
N GLY C 333 20.43 29.94 14.72
CA GLY C 333 19.21 29.68 15.43
C GLY C 333 18.36 28.65 14.71
N MET C 334 17.06 28.80 14.91
CA MET C 334 16.05 27.82 14.55
C MET C 334 14.91 28.52 13.77
N ARG C 335 14.16 27.69 13.03
CA ARG C 335 12.94 28.09 12.35
C ARG C 335 11.96 26.96 12.47
N ALA C 336 10.90 27.21 13.23
CA ALA C 336 9.81 26.22 13.29
C ALA C 336 8.73 26.63 12.32
N SER C 337 8.58 25.88 11.25
CA SER C 337 7.50 26.08 10.31
C SER C 337 6.35 25.20 10.79
N ILE C 338 5.21 25.85 10.97
CA ILE C 338 4.05 25.32 11.65
C ILE C 338 2.81 25.61 10.83
N TYR C 339 2.82 25.00 9.65
CA TYR C 339 1.74 25.16 8.65
C TYR C 339 0.42 24.54 9.12
N ASN C 340 -0.63 24.65 8.28
CA ASN C 340 -1.96 24.18 8.62
C ASN C 340 -1.95 22.76 9.16
N ALA C 341 -1.23 21.87 8.49
CA ALA C 341 -1.25 20.44 8.85
C ALA C 341 -0.32 20.00 9.98
N MET C 342 0.45 20.92 10.56
CA MET C 342 1.35 20.57 11.68
C MET C 342 0.43 20.26 12.84
N PRO C 343 0.46 19.01 13.33
CA PRO C 343 -0.42 18.78 14.46
C PRO C 343 -0.16 19.64 15.68
N LEU C 344 -1.22 20.03 16.38
CA LEU C 344 -1.07 20.72 17.69
C LEU C 344 -0.05 20.02 18.59
N ALA C 345 -0.06 18.70 18.59
CA ALA C 345 0.82 17.96 19.50
C ALA C 345 2.31 18.12 19.17
N GLY C 346 2.59 18.44 17.90
CA GLY C 346 3.94 18.75 17.47
C GLY C 346 4.45 20.01 18.10
N VAL C 347 3.61 21.06 18.11
CA VAL C 347 4.00 22.33 18.71
C VAL C 347 4.11 22.12 20.23
N GLU C 348 3.19 21.35 20.78
CA GLU C 348 3.25 21.04 22.22
C GLU C 348 4.53 20.33 22.63
N LYS C 349 4.98 19.40 21.79
CA LYS C 349 6.18 18.67 22.04
C LYS C 349 7.37 19.58 21.96
N LEU C 350 7.39 20.47 20.94
CA LEU C 350 8.48 21.44 20.82
C LEU C 350 8.57 22.35 22.05
N VAL C 351 7.44 22.87 22.48
CA VAL C 351 7.41 23.77 23.62
C VAL C 351 7.92 23.07 24.90
N ALA C 352 7.54 21.80 25.09
CA ALA C 352 7.99 21.04 26.27
C ALA C 352 9.49 20.82 26.17
N PHE C 353 9.97 20.55 24.95
CA PHE C 353 11.38 20.34 24.73
C PHE C 353 12.18 21.59 25.07
N MET C 354 11.66 22.74 24.67
CA MET C 354 12.31 24.00 24.93
C MET C 354 12.38 24.27 26.42
N LYS C 355 11.32 23.94 27.14
CA LYS C 355 11.30 24.09 28.60
C LYS C 355 12.33 23.24 29.30
N ASP C 356 12.40 21.98 28.91
CA ASP C 356 13.39 21.06 29.41
CA ASP C 356 13.42 21.07 29.43
C ASP C 356 14.83 21.54 29.09
N PHE C 357 15.03 21.99 27.85
CA PHE C 357 16.35 22.44 27.37
C PHE C 357 16.84 23.64 28.18
N GLN C 358 15.92 24.57 28.42
CA GLN C 358 16.23 25.74 29.19
C GLN C 358 16.61 25.37 30.64
N ALA C 359 15.84 24.45 31.24
CA ALA C 359 16.13 23.98 32.63
C ALA C 359 17.52 23.36 32.72
N LYS C 360 17.84 22.55 31.72
CA LYS C 360 19.09 21.79 31.64
C LYS C 360 20.30 22.70 31.44
N HIS C 361 20.10 23.81 30.73
CA HIS C 361 21.17 24.75 30.47
C HIS C 361 21.02 25.99 31.32
N ALA C 362 20.35 25.78 32.46
CA ALA C 362 19.83 26.82 33.36
C ALA C 362 20.32 28.20 32.98
N ASN D 2 -14.13 -2.53 -9.32
CA ASN D 2 -13.83 -3.39 -10.51
C ASN D 2 -12.34 -3.22 -10.91
N ALA D 3 -11.89 -4.08 -11.81
CA ALA D 3 -10.51 -4.28 -12.14
C ALA D 3 -9.91 -3.14 -12.97
N ARG D 4 -8.59 -3.06 -12.98
CA ARG D 4 -7.90 -2.10 -13.84
C ARG D 4 -8.18 -2.45 -15.29
N VAL D 5 -8.31 -1.40 -16.11
CA VAL D 5 -8.58 -1.58 -17.53
C VAL D 5 -7.27 -1.58 -18.36
N PHE D 6 -7.36 -1.97 -19.64
CA PHE D 6 -6.24 -1.73 -20.57
C PHE D 6 -6.43 -0.29 -21.08
N ASN D 7 -5.48 0.55 -20.73
CA ASN D 7 -5.58 2.03 -20.91
C ASN D 7 -4.66 2.45 -22.06
N PHE D 8 -5.26 2.74 -23.21
CA PHE D 8 -4.50 3.08 -24.42
C PHE D 8 -4.36 4.63 -24.59
N ALA D 9 -4.56 5.37 -23.51
CA ALA D 9 -4.37 6.84 -23.46
C ALA D 9 -3.02 7.23 -24.00
N ALA D 10 -2.98 8.36 -24.73
CA ALA D 10 -1.76 8.85 -25.37
C ALA D 10 -0.86 9.72 -24.47
N GLY D 11 -1.29 10.05 -23.25
CA GLY D 11 -0.47 10.91 -22.34
C GLY D 11 -1.38 11.87 -21.60
N PRO D 12 -1.41 11.82 -20.26
CA PRO D 12 -0.71 10.82 -19.46
C PRO D 12 -1.14 9.42 -19.84
N ALA D 13 -0.40 8.45 -19.35
CA ALA D 13 -0.55 7.10 -19.82
C ALA D 13 -0.38 6.07 -18.73
N THR D 14 -0.62 4.84 -19.15
CA THR D 14 -0.51 3.68 -18.27
C THR D 14 0.92 3.54 -17.70
N LEU D 15 1.00 3.06 -16.45
CA LEU D 15 2.27 2.95 -15.73
C LEU D 15 2.39 1.51 -15.22
N PRO D 16 3.62 1.03 -14.93
CA PRO D 16 3.74 -0.39 -14.45
C PRO D 16 2.99 -0.60 -13.12
N GLU D 17 2.28 -1.70 -13.02
CA GLU D 17 1.54 -2.00 -11.82
C GLU D 17 2.48 -2.17 -10.59
N ASN D 18 3.65 -2.80 -10.77
CA ASN D 18 4.56 -2.96 -9.62
C ASN D 18 5.06 -1.60 -9.12
N VAL D 19 5.27 -0.69 -10.05
CA VAL D 19 5.68 0.70 -9.69
C VAL D 19 4.58 1.45 -8.93
N LEU D 20 3.35 1.35 -9.40
CA LEU D 20 2.25 1.92 -8.67
C LEU D 20 2.11 1.39 -7.27
N LEU D 21 2.27 0.06 -7.14
CA LEU D 21 2.14 -0.56 -5.83
C LEU D 21 3.31 -0.20 -4.90
N LYS D 22 4.51 -0.02 -5.46
CA LYS D 22 5.63 0.46 -4.66
C LYS D 22 5.34 1.85 -4.12
N ALA D 23 4.82 2.71 -4.99
CA ALA D 23 4.48 4.08 -4.59
C ALA D 23 3.40 4.07 -3.52
N GLN D 24 2.42 3.20 -3.68
CA GLN D 24 1.37 3.04 -2.63
C GLN D 24 1.97 2.67 -1.28
N ALA D 25 2.88 1.71 -1.30
CA ALA D 25 3.47 1.20 -0.09
C ALA D 25 4.38 2.22 0.61
N ASP D 26 4.98 3.14 -0.16
CA ASP D 26 5.92 4.12 0.37
C ASP D 26 5.19 5.45 0.73
N LEU D 27 3.93 5.63 0.32
CA LEU D 27 3.32 6.97 0.30
CA LEU D 27 3.32 6.98 0.30
C LEU D 27 3.21 7.66 1.66
N TYR D 28 2.77 6.92 2.66
CA TYR D 28 2.56 7.50 4.00
C TYR D 28 3.88 7.77 4.75
N ASN D 29 4.88 6.91 4.54
CA ASN D 29 6.14 6.94 5.27
C ASN D 29 7.15 6.22 4.42
N TRP D 30 7.97 6.96 3.68
CA TRP D 30 8.98 6.42 2.82
C TRP D 30 10.16 5.86 3.61
N ARG D 31 10.34 4.55 3.55
CA ARG D 31 11.49 3.87 4.16
C ARG D 31 11.79 4.26 5.61
N GLY D 32 10.77 4.36 6.45
CA GLY D 32 10.98 4.74 7.87
C GLY D 32 11.60 6.10 8.10
N SER D 33 11.61 6.95 7.08
CA SER D 33 12.07 8.33 7.23
C SER D 33 11.07 9.14 8.09
N GLY D 34 9.87 8.64 8.24
CA GLY D 34 8.87 9.32 9.05
C GLY D 34 8.02 10.33 8.30
N MET D 35 8.10 10.32 6.96
CA MET D 35 7.24 11.20 6.17
C MET D 35 7.12 10.70 4.75
N SER D 36 6.17 11.26 4.02
CA SER D 36 5.93 10.97 2.62
C SER D 36 6.99 11.67 1.80
N VAL D 37 7.30 11.11 0.62
CA VAL D 37 8.07 11.88 -0.37
C VAL D 37 7.42 13.25 -0.62
N MET D 38 6.09 13.28 -0.60
CA MET D 38 5.37 14.53 -0.79
C MET D 38 5.57 15.62 0.25
N GLU D 39 6.21 15.24 1.38
CA GLU D 39 6.45 16.13 2.51
C GLU D 39 7.93 16.46 2.79
N MET D 40 8.82 15.95 1.95
CA MET D 40 10.24 16.02 2.16
C MET D 40 10.78 17.35 1.73
N SER D 41 11.73 17.88 2.50
CA SER D 41 12.53 19.00 2.02
C SER D 41 13.32 18.57 0.78
N HIS D 42 13.29 19.39 -0.28
CA HIS D 42 14.12 19.13 -1.46
C HIS D 42 15.61 19.23 -1.21
N ARG D 43 15.99 19.84 -0.10
CA ARG D 43 17.39 20.01 0.26
C ARG D 43 17.83 19.00 1.32
N GLY D 44 16.91 18.13 1.73
CA GLY D 44 17.14 17.11 2.74
C GLY D 44 17.82 15.86 2.16
N LYS D 45 18.44 15.09 3.04
CA LYS D 45 19.22 13.98 2.59
C LYS D 45 18.39 12.89 1.84
N GLU D 46 17.16 12.67 2.25
CA GLU D 46 16.33 11.64 1.63
C GLU D 46 16.02 12.00 0.18
N PHE D 47 15.51 13.21 -0.02
CA PHE D 47 15.17 13.63 -1.37
C PHE D 47 16.42 13.71 -2.25
N LEU D 48 17.53 14.25 -1.71
CA LEU D 48 18.80 14.21 -2.47
C LEU D 48 19.13 12.81 -2.95
N SER D 49 18.93 11.80 -2.10
CA SER D 49 19.26 10.43 -2.49
C SER D 49 18.34 10.00 -3.65
N ILE D 50 17.09 10.44 -3.58
CA ILE D 50 16.11 10.09 -4.62
C ILE D 50 16.45 10.67 -5.99
N ILE D 51 16.65 11.97 -6.02
CA ILE D 51 16.92 12.64 -7.27
C ILE D 51 18.27 12.22 -7.83
N GLN D 52 19.26 11.99 -6.95
CA GLN D 52 20.56 11.51 -7.46
C GLN D 52 20.49 10.13 -8.09
N LYS D 53 19.75 9.23 -7.46
CA LYS D 53 19.60 7.89 -8.00
C LYS D 53 18.75 7.93 -9.27
N ALA D 54 17.71 8.76 -9.31
CA ALA D 54 16.96 8.92 -10.57
C ALA D 54 17.83 9.34 -11.73
N GLU D 55 18.74 10.28 -11.49
CA GLU D 55 19.63 10.74 -12.54
C GLU D 55 20.61 9.63 -12.95
N SER D 56 21.24 8.99 -11.99
CA SER D 56 22.25 7.97 -12.27
CA SER D 56 22.26 8.00 -12.31
C SER D 56 21.62 6.80 -13.05
N ASP D 57 20.42 6.41 -12.63
CA ASP D 57 19.67 5.32 -13.30
C ASP D 57 19.31 5.69 -14.75
N LEU D 58 18.89 6.94 -14.99
CA LEU D 58 18.61 7.38 -16.34
C LEU D 58 19.90 7.38 -17.20
N ARG D 59 21.02 7.81 -16.61
CA ARG D 59 22.30 7.85 -17.30
C ARG D 59 22.75 6.45 -17.70
N GLN D 60 22.51 5.49 -16.82
CA GLN D 60 22.78 4.10 -17.12
C GLN D 60 21.87 3.58 -18.25
N LEU D 61 20.59 3.89 -18.17
CA LEU D 61 19.64 3.40 -19.18
C LEU D 61 19.98 3.82 -20.58
N LEU D 62 20.21 5.13 -20.74
CA LEU D 62 20.45 5.71 -22.05
C LEU D 62 21.93 5.78 -22.42
N GLU D 63 22.81 5.31 -21.54
CA GLU D 63 24.28 5.39 -21.71
C GLU D 63 24.68 6.84 -22.03
N ILE D 64 24.25 7.73 -21.15
CA ILE D 64 24.49 9.15 -21.34
C ILE D 64 25.98 9.41 -21.07
N PRO D 65 26.70 10.04 -22.01
CA PRO D 65 28.11 10.40 -21.76
C PRO D 65 28.25 11.42 -20.65
N GLN D 66 29.45 11.44 -20.07
CA GLN D 66 29.72 12.27 -18.93
C GLN D 66 29.60 13.74 -19.29
N GLU D 67 29.86 14.07 -20.55
CA GLU D 67 29.81 15.51 -20.95
C GLU D 67 28.38 16.09 -21.26
N TYR D 68 27.32 15.37 -20.83
CA TYR D 68 25.94 15.83 -20.90
C TYR D 68 25.41 16.01 -19.48
N SER D 69 24.62 17.06 -19.31
CA SER D 69 23.83 17.28 -18.11
C SER D 69 22.45 16.67 -18.25
N VAL D 70 21.86 16.37 -17.09
CA VAL D 70 20.51 15.83 -17.02
C VAL D 70 19.72 16.70 -16.06
N LEU D 71 18.66 17.34 -16.57
CA LEU D 71 17.86 18.27 -15.79
C LEU D 71 16.44 17.75 -15.61
N PHE D 72 15.90 17.89 -14.41
CA PHE D 72 14.52 17.52 -14.12
C PHE D 72 13.77 18.82 -13.83
N LEU D 73 12.83 19.15 -14.71
CA LEU D 73 12.20 20.45 -14.71
C LEU D 73 10.67 20.34 -14.71
N GLN D 74 10.02 21.43 -14.40
CA GLN D 74 8.59 21.57 -14.57
C GLN D 74 8.26 22.29 -15.85
N GLY D 75 6.95 22.30 -16.21
CA GLY D 75 6.48 23.13 -17.32
C GLY D 75 6.09 22.41 -18.60
N GLY D 76 6.40 21.12 -18.67
CA GLY D 76 6.05 20.32 -19.82
C GLY D 76 7.03 20.51 -20.94
N ALA D 77 6.95 19.67 -21.96
CA ALA D 77 7.69 19.92 -23.17
C ALA D 77 7.36 21.28 -23.79
N THR D 78 6.14 21.79 -23.61
CA THR D 78 5.75 23.06 -24.20
C THR D 78 6.56 24.22 -23.65
N THR D 79 6.94 24.14 -22.38
CA THR D 79 7.86 25.13 -21.84
C THR D 79 9.20 25.10 -22.60
N GLN D 80 9.67 23.89 -22.91
CA GLN D 80 10.94 23.75 -23.65
C GLN D 80 10.84 24.36 -25.05
N PHE D 81 9.65 24.38 -25.67
CA PHE D 81 9.51 25.06 -26.98
C PHE D 81 10.02 26.51 -26.94
N ALA D 82 9.86 27.15 -25.79
CA ALA D 82 10.44 28.45 -25.56
C ALA D 82 11.87 28.39 -25.04
N ALA D 83 12.13 27.55 -24.02
CA ALA D 83 13.46 27.51 -23.41
C ALA D 83 14.60 27.19 -24.44
N LEU D 84 14.32 26.33 -25.42
CA LEU D 84 15.38 25.95 -26.37
C LEU D 84 15.93 27.18 -27.06
N PRO D 85 15.11 27.92 -27.79
CA PRO D 85 15.74 29.03 -28.51
C PRO D 85 16.20 30.17 -27.57
N LEU D 86 15.53 30.33 -26.43
CA LEU D 86 15.96 31.36 -25.47
C LEU D 86 17.38 31.06 -24.99
N ASN D 87 17.69 29.79 -24.77
CA ASN D 87 19.00 29.45 -24.23
C ASN D 87 20.04 29.32 -25.34
N LEU D 88 19.61 28.84 -26.52
CA LEU D 88 20.58 28.32 -27.53
C LEU D 88 20.80 29.29 -28.67
N CYS D 89 19.95 30.30 -28.79
CA CYS D 89 20.04 31.22 -29.92
C CYS D 89 20.05 32.67 -29.49
N LYS D 90 20.65 33.50 -30.35
CA LYS D 90 20.38 34.95 -30.31
C LYS D 90 19.12 35.23 -31.09
N SER D 91 18.54 36.41 -30.89
CA SER D 91 17.30 36.77 -31.54
C SER D 91 17.39 36.73 -33.06
N ASP D 92 18.59 36.85 -33.65
CA ASP D 92 18.72 36.79 -35.12
C ASP D 92 19.39 35.52 -35.67
N ASP D 93 19.54 34.51 -34.81
CA ASP D 93 19.96 33.22 -35.28
C ASP D 93 18.80 32.53 -36.01
N THR D 94 19.14 31.49 -36.75
CA THR D 94 18.15 30.70 -37.45
C THR D 94 18.16 29.27 -36.95
N VAL D 95 16.97 28.73 -36.67
CA VAL D 95 16.77 27.29 -36.39
C VAL D 95 16.04 26.62 -37.55
N ASP D 96 16.52 25.44 -37.95
CA ASP D 96 15.84 24.65 -38.97
C ASP D 96 14.93 23.62 -38.27
N PHE D 97 13.76 23.38 -38.85
CA PHE D 97 12.82 22.38 -38.41
C PHE D 97 12.50 21.38 -39.51
N VAL D 98 12.41 20.10 -39.12
CA VAL D 98 11.82 19.09 -39.95
C VAL D 98 10.52 18.78 -39.27
N VAL D 99 9.38 19.02 -39.95
CA VAL D 99 8.04 18.88 -39.33
C VAL D 99 7.35 17.64 -39.87
N THR D 100 7.20 16.65 -38.97
CA THR D 100 6.61 15.35 -39.34
C THR D 100 5.25 15.12 -38.70
N GLY D 101 4.76 16.10 -37.97
CA GLY D 101 3.45 16.01 -37.33
C GLY D 101 3.14 17.31 -36.62
N SER D 102 2.05 17.31 -35.87
CA SER D 102 1.59 18.58 -35.29
C SER D 102 2.41 19.07 -34.09
N TRP D 103 3.13 18.18 -33.40
CA TRP D 103 3.97 18.62 -32.28
C TRP D 103 5.19 19.43 -32.74
N GLY D 104 5.76 19.05 -33.88
CA GLY D 104 6.85 19.85 -34.49
C GLY D 104 6.34 21.23 -34.90
N ASP D 105 5.13 21.26 -35.43
CA ASP D 105 4.52 22.51 -35.84
C ASP D 105 4.34 23.45 -34.62
N LYS D 106 3.93 22.90 -33.47
CA LYS D 106 3.79 23.73 -32.31
C LYS D 106 5.14 24.30 -31.85
N ALA D 107 6.19 23.51 -31.95
CA ALA D 107 7.53 23.98 -31.59
C ALA D 107 8.02 25.14 -32.51
N VAL D 108 7.71 25.07 -33.81
CA VAL D 108 8.05 26.16 -34.72
C VAL D 108 7.37 27.46 -34.29
N LYS D 109 6.07 27.39 -34.01
CA LYS D 109 5.31 28.59 -33.69
C LYS D 109 5.85 29.30 -32.47
N GLU D 110 6.21 28.54 -31.44
CA GLU D 110 6.77 29.13 -30.22
C GLU D 110 8.16 29.70 -30.48
N ALA D 111 8.98 28.99 -31.24
CA ALA D 111 10.33 29.45 -31.48
C ALA D 111 10.36 30.79 -32.22
N LYS D 112 9.36 31.05 -33.06
CA LYS D 112 9.33 32.29 -33.86
C LYS D 112 9.35 33.50 -32.99
N LYS D 113 8.93 33.38 -31.72
CA LYS D 113 8.98 34.50 -30.81
C LYS D 113 10.40 34.94 -30.46
N TYR D 114 11.34 34.02 -30.61
CA TYR D 114 12.68 34.18 -29.98
C TYR D 114 13.83 34.17 -30.98
N CYS D 115 13.58 33.69 -32.19
CA CYS D 115 14.64 33.63 -33.21
C CYS D 115 14.00 33.44 -34.59
N LYS D 116 14.79 33.27 -35.65
CA LYS D 116 14.25 33.01 -36.95
C LYS D 116 14.14 31.52 -37.13
N THR D 117 13.10 31.12 -37.88
CA THR D 117 12.79 29.71 -38.09
C THR D 117 12.74 29.43 -39.57
N ASN D 118 13.19 28.25 -39.96
CA ASN D 118 13.13 27.79 -41.34
CA ASN D 118 13.09 27.79 -41.31
C ASN D 118 12.59 26.36 -41.29
N VAL D 119 11.38 26.13 -41.80
CA VAL D 119 10.87 24.77 -41.93
C VAL D 119 11.43 24.20 -43.24
N ILE D 120 12.42 23.33 -43.12
CA ILE D 120 13.09 22.83 -44.31
C ILE D 120 12.35 21.62 -44.91
N TRP D 121 11.40 21.08 -44.19
CA TRP D 121 10.58 19.98 -44.75
C TRP D 121 9.35 19.82 -43.91
N SER D 122 8.21 19.67 -44.56
CA SER D 122 6.96 19.38 -43.86
C SER D 122 6.25 18.21 -44.49
N GLY D 123 5.67 17.38 -43.65
CA GLY D 123 4.92 16.22 -44.10
C GLY D 123 3.42 16.47 -44.28
N LYS D 124 3.00 17.72 -44.09
CA LYS D 124 1.60 18.07 -43.99
C LYS D 124 0.89 17.75 -45.29
N SER D 125 1.57 17.93 -46.43
CA SER D 125 0.91 17.69 -47.71
C SER D 125 0.44 16.25 -47.90
N GLU D 126 1.07 15.28 -47.26
CA GLU D 126 0.66 13.88 -47.30
C GLU D 126 0.12 13.40 -45.97
N LYS D 127 -0.42 14.35 -45.22
CA LYS D 127 -1.13 14.08 -43.98
C LYS D 127 -0.24 13.46 -42.89
N TYR D 128 1.03 13.85 -42.91
CA TYR D 128 2.01 13.48 -41.89
C TYR D 128 2.15 11.96 -41.75
N THR D 129 2.65 11.36 -42.83
CA THR D 129 2.77 9.91 -42.95
C THR D 129 4.20 9.43 -43.26
N LYS D 130 5.14 10.36 -43.40
CA LYS D 130 6.48 10.07 -43.85
C LYS D 130 7.55 10.86 -43.08
N VAL D 131 8.79 10.36 -43.20
CA VAL D 131 10.01 11.10 -42.80
C VAL D 131 10.76 11.39 -44.09
N PRO D 132 11.33 12.60 -44.22
CA PRO D 132 12.08 12.84 -45.45
C PRO D 132 13.35 12.03 -45.62
N SER D 133 13.76 11.88 -46.87
CA SER D 133 15.11 11.45 -47.18
C SER D 133 16.07 12.54 -46.72
N PHE D 134 17.03 12.20 -45.87
CA PHE D 134 17.86 13.20 -45.25
C PHE D 134 18.84 13.90 -46.21
N GLU D 135 19.37 13.15 -47.16
CA GLU D 135 20.35 13.73 -48.06
C GLU D 135 19.69 14.77 -48.96
N GLU D 136 18.39 14.70 -49.17
CA GLU D 136 17.70 15.71 -49.96
C GLU D 136 17.36 17.01 -49.20
N LEU D 137 17.48 17.01 -47.88
CA LEU D 137 17.17 18.19 -47.08
C LEU D 137 18.11 19.35 -47.46
N GLU D 138 17.53 20.52 -47.64
CA GLU D 138 18.27 21.76 -47.86
C GLU D 138 18.39 22.53 -46.54
N GLN D 139 19.54 22.38 -45.88
CA GLN D 139 19.75 22.89 -44.52
C GLN D 139 20.36 24.28 -44.61
N THR D 140 20.00 25.15 -43.69
CA THR D 140 20.49 26.49 -43.65
C THR D 140 22.00 26.46 -43.24
N PRO D 141 22.89 27.16 -44.00
CA PRO D 141 24.32 26.89 -43.77
C PRO D 141 24.88 27.37 -42.44
N ASP D 142 24.20 28.32 -41.77
CA ASP D 142 24.65 28.82 -40.50
C ASP D 142 23.60 28.56 -39.40
N ALA D 143 22.74 27.58 -39.61
CA ALA D 143 21.70 27.21 -38.61
C ALA D 143 22.36 26.97 -37.28
N LYS D 144 21.68 27.35 -36.20
CA LYS D 144 22.19 27.07 -34.86
C LYS D 144 21.91 25.62 -34.45
N TYR D 145 20.71 25.18 -34.78
CA TYR D 145 20.38 23.76 -34.59
C TYR D 145 19.25 23.32 -35.51
N LEU D 146 19.12 21.99 -35.62
CA LEU D 146 18.04 21.35 -36.36
C LEU D 146 17.10 20.65 -35.36
N HIS D 147 15.79 20.95 -35.42
CA HIS D 147 14.81 20.40 -34.49
C HIS D 147 13.93 19.35 -35.16
N ILE D 148 13.81 18.21 -34.49
CA ILE D 148 12.90 17.17 -34.89
C ILE D 148 12.01 16.76 -33.73
N CYS D 149 10.86 16.21 -34.03
CA CYS D 149 10.05 15.49 -33.04
C CYS D 149 10.21 14.03 -33.40
N ALA D 150 10.92 13.28 -32.55
CA ALA D 150 11.32 11.92 -32.85
C ALA D 150 10.17 10.93 -33.02
N ASN D 151 9.09 11.18 -32.28
CA ASN D 151 7.89 10.39 -32.32
C ASN D 151 6.71 11.34 -32.24
N GLU D 152 6.02 11.46 -33.38
CA GLU D 152 4.84 12.34 -33.51
C GLU D 152 3.59 11.61 -32.99
N THR D 153 3.20 11.97 -31.78
CA THR D 153 2.30 11.15 -30.96
C THR D 153 0.90 10.98 -31.59
N ILE D 154 0.45 12.00 -32.31
CA ILE D 154 -0.89 11.94 -32.94
C ILE D 154 -0.85 11.17 -34.25
N HIS D 155 0.24 11.33 -34.99
CA HIS D 155 0.33 10.89 -36.38
C HIS D 155 1.03 9.54 -36.55
N GLY D 156 1.74 9.08 -35.52
CA GLY D 156 2.29 7.73 -35.54
C GLY D 156 3.57 7.58 -36.39
N VAL D 157 4.30 8.67 -36.56
CA VAL D 157 5.51 8.74 -37.37
C VAL D 157 6.69 8.84 -36.43
N GLU D 158 7.59 7.89 -36.56
CA GLU D 158 8.78 7.77 -35.68
C GLU D 158 10.08 7.67 -36.50
N PHE D 159 11.04 8.54 -36.18
CA PHE D 159 12.39 8.45 -36.71
C PHE D 159 13.06 7.17 -36.17
N LYS D 160 13.67 6.41 -37.07
CA LYS D 160 14.46 5.22 -36.69
C LYS D 160 15.94 5.61 -36.77
N ASP D 161 16.32 6.26 -37.86
CA ASP D 161 17.63 6.87 -38.05
CA ASP D 161 17.64 6.88 -37.92
C ASP D 161 17.47 8.37 -37.89
N TYR D 162 18.57 9.06 -37.64
CA TYR D 162 18.54 10.49 -37.42
C TYR D 162 19.33 11.28 -38.45
N PRO D 163 18.84 12.49 -38.77
CA PRO D 163 19.56 13.33 -39.73
C PRO D 163 20.79 13.94 -39.07
N VAL D 164 21.80 14.24 -39.90
CA VAL D 164 23.04 14.87 -39.48
C VAL D 164 22.96 16.35 -39.81
N PRO D 165 23.02 17.23 -38.80
CA PRO D 165 22.91 18.66 -39.10
C PRO D 165 24.11 19.10 -39.92
N LYS D 166 23.85 19.93 -40.92
CA LYS D 166 24.94 20.44 -41.79
C LYS D 166 25.84 21.39 -41.02
N ASN D 167 25.20 22.19 -40.16
CA ASN D 167 25.86 23.02 -39.19
C ASN D 167 25.13 22.86 -37.86
N GLY D 168 25.84 23.08 -36.79
CA GLY D 168 25.21 23.10 -35.46
C GLY D 168 24.88 21.70 -35.02
N PHE D 169 23.85 21.60 -34.17
CA PHE D 169 23.55 20.34 -33.49
C PHE D 169 22.11 19.94 -33.64
N LEU D 170 21.80 18.70 -33.23
CA LEU D 170 20.48 18.12 -33.39
C LEU D 170 19.75 18.23 -32.06
N VAL D 171 18.50 18.68 -32.13
CA VAL D 171 17.60 18.70 -30.97
C VAL D 171 16.39 17.83 -31.30
N ALA D 172 16.01 16.93 -30.36
CA ALA D 172 14.87 16.11 -30.54
C ALA D 172 13.92 16.11 -29.36
N ASP D 173 12.65 16.31 -29.67
CA ASP D 173 11.55 16.07 -28.75
C ASP D 173 11.24 14.55 -28.80
N MET D 174 11.61 13.86 -27.72
CA MET D 174 11.41 12.43 -27.55
C MET D 174 10.35 12.17 -26.45
N SER D 175 9.44 13.12 -26.24
CA SER D 175 8.33 12.96 -25.27
C SER D 175 7.67 11.60 -25.34
N SER D 176 7.18 11.25 -26.52
CA SER D 176 6.37 10.03 -26.63
C SER D 176 7.14 8.73 -26.95
N ASN D 177 8.47 8.75 -27.07
CA ASN D 177 9.23 7.49 -27.19
C ASN D 177 10.45 7.43 -26.26
N PHE D 178 10.44 8.30 -25.25
CA PHE D 178 11.59 8.45 -24.34
C PHE D 178 11.84 7.14 -23.54
N CYS D 179 13.09 6.63 -23.52
CA CYS D 179 13.39 5.36 -22.88
C CYS D 179 12.59 4.15 -23.40
N SER D 180 12.24 4.16 -24.68
CA SER D 180 11.66 2.99 -25.38
C SER D 180 12.71 2.15 -26.07
N LYS D 181 13.93 2.66 -26.14
CA LYS D 181 14.99 2.06 -26.94
C LYS D 181 16.33 2.78 -26.71
N PRO D 182 17.44 2.10 -27.05
CA PRO D 182 18.70 2.81 -27.01
C PRO D 182 18.72 3.98 -27.96
N VAL D 183 19.43 5.02 -27.57
CA VAL D 183 19.67 6.21 -28.39
C VAL D 183 21.16 6.58 -28.25
N ASP D 184 21.83 6.83 -29.37
CA ASP D 184 23.22 7.35 -29.31
C ASP D 184 23.16 8.82 -28.96
N VAL D 185 23.21 9.11 -27.66
CA VAL D 185 23.05 10.47 -27.18
C VAL D 185 24.07 11.45 -27.79
N SER D 186 25.28 10.97 -28.04
CA SER D 186 26.38 11.81 -28.57
C SER D 186 26.06 12.40 -29.93
N LYS D 187 25.04 11.88 -30.62
CA LYS D 187 24.59 12.48 -31.86
C LYS D 187 23.75 13.74 -31.69
N PHE D 188 23.39 14.08 -30.44
CA PHE D 188 22.45 15.15 -30.13
C PHE D 188 23.09 16.26 -29.33
N GLY D 189 22.65 17.50 -29.55
CA GLY D 189 22.94 18.57 -28.63
C GLY D 189 21.96 18.52 -27.43
N VAL D 190 20.69 18.29 -27.74
CA VAL D 190 19.62 18.23 -26.70
C VAL D 190 18.62 17.14 -27.05
N ILE D 191 18.27 16.33 -26.04
CA ILE D 191 17.11 15.48 -26.08
C ILE D 191 16.19 15.94 -24.94
N TYR D 192 14.92 16.14 -25.23
CA TYR D 192 13.97 16.51 -24.20
C TYR D 192 12.62 15.80 -24.33
N GLY D 193 11.88 15.75 -23.23
CA GLY D 193 10.55 15.10 -23.23
C GLY D 193 9.82 15.25 -21.92
N GLY D 194 8.50 15.39 -22.00
CA GLY D 194 7.66 15.25 -20.80
C GLY D 194 7.73 13.80 -20.34
N ALA D 195 7.63 13.60 -19.04
CA ALA D 195 7.66 12.23 -18.47
C ALA D 195 6.39 11.43 -18.78
N GLN D 196 5.30 12.11 -18.99
CA GLN D 196 3.98 11.52 -18.83
C GLN D 196 3.57 10.53 -19.91
N LYS D 197 4.40 10.19 -20.89
CA LYS D 197 4.06 9.07 -21.76
C LYS D 197 4.69 7.79 -21.36
N ASN D 198 6.01 7.76 -21.24
CA ASN D 198 6.75 6.55 -20.95
C ASN D 198 7.42 6.40 -19.62
N VAL D 199 7.66 7.48 -18.88
CA VAL D 199 8.52 7.36 -17.73
C VAL D 199 8.02 7.92 -16.40
N GLY D 200 6.75 8.33 -16.33
CA GLY D 200 6.19 8.81 -15.05
C GLY D 200 4.89 9.56 -15.25
N PRO D 201 4.43 10.25 -14.21
CA PRO D 201 3.27 11.09 -14.28
C PRO D 201 3.59 12.47 -14.83
N SER D 202 2.56 13.20 -15.21
CA SER D 202 2.76 14.56 -15.69
CA SER D 202 2.80 14.55 -15.70
C SER D 202 3.24 15.45 -14.56
N GLY D 203 3.97 16.52 -14.92
CA GLY D 203 4.60 17.39 -13.96
C GLY D 203 6.11 17.44 -13.98
N VAL D 204 6.76 16.50 -14.66
CA VAL D 204 8.22 16.47 -14.82
C VAL D 204 8.55 16.43 -16.32
N THR D 205 9.56 17.19 -16.70
CA THR D 205 10.08 17.23 -18.07
C THR D 205 11.60 16.98 -17.90
N ILE D 206 12.20 16.17 -18.76
CA ILE D 206 13.59 15.83 -18.67
C ILE D 206 14.32 16.46 -19.85
N VAL D 207 15.43 17.12 -19.54
CA VAL D 207 16.28 17.71 -20.55
C VAL D 207 17.68 17.11 -20.44
N ILE D 208 18.17 16.52 -21.54
CA ILE D 208 19.53 16.03 -21.64
C ILE D 208 20.25 16.93 -22.59
N ILE D 209 21.25 17.64 -22.11
CA ILE D 209 21.90 18.71 -22.86
C ILE D 209 23.43 18.65 -22.77
N ARG D 210 24.11 18.80 -23.92
CA ARG D 210 25.56 18.80 -23.92
C ARG D 210 26.08 19.98 -23.08
N LYS D 211 27.04 19.70 -22.18
CA LYS D 211 27.47 20.74 -21.25
C LYS D 211 28.03 21.97 -21.94
N ASP D 212 28.74 21.76 -23.05
CA ASP D 212 29.28 22.92 -23.77
C ASP D 212 28.23 23.80 -24.47
N LEU D 213 26.94 23.40 -24.43
CA LEU D 213 25.85 24.26 -24.92
C LEU D 213 25.10 25.06 -23.85
N ILE D 214 25.48 24.89 -22.58
CA ILE D 214 24.80 25.53 -21.46
C ILE D 214 25.41 26.89 -21.21
N GLY D 215 24.59 27.91 -20.95
CA GLY D 215 25.08 29.27 -20.74
C GLY D 215 24.70 30.23 -21.87
N ASN D 216 24.84 31.49 -21.59
CA ASN D 216 24.61 32.51 -22.62
C ASN D 216 23.16 32.49 -23.18
N ALA D 217 22.17 32.34 -22.28
CA ALA D 217 20.77 32.53 -22.68
C ALA D 217 20.53 33.99 -22.98
N GLN D 218 19.50 34.24 -23.74
CA GLN D 218 19.04 35.61 -24.00
C GLN D 218 18.71 36.30 -22.71
N ASP D 219 18.93 37.63 -22.67
CA ASP D 219 18.70 38.41 -21.45
CA ASP D 219 18.70 38.39 -21.44
C ASP D 219 17.28 38.33 -20.92
N ILE D 220 16.29 38.16 -21.82
CA ILE D 220 14.89 38.02 -21.42
C ILE D 220 14.46 36.60 -20.95
N THR D 221 15.40 35.68 -20.88
CA THR D 221 15.04 34.33 -20.41
C THR D 221 14.62 34.37 -18.92
N PRO D 222 13.41 33.90 -18.58
CA PRO D 222 13.07 33.73 -17.17
C PRO D 222 14.11 32.87 -16.44
N VAL D 223 14.35 33.16 -15.18
CA VAL D 223 15.33 32.36 -14.41
C VAL D 223 14.89 30.89 -14.44
N MET D 224 13.59 30.65 -14.43
CA MET D 224 13.06 29.26 -14.41
C MET D 224 13.21 28.51 -15.76
N LEU D 225 13.60 29.23 -16.80
CA LEU D 225 13.86 28.60 -18.11
C LEU D 225 15.32 28.51 -18.46
N ASP D 226 16.20 29.03 -17.60
CA ASP D 226 17.63 29.16 -17.89
C ASP D 226 18.37 27.85 -17.54
N TYR D 227 18.96 27.22 -18.55
CA TYR D 227 19.61 25.94 -18.37
C TYR D 227 20.81 26.07 -17.46
N LYS D 228 21.53 27.17 -17.54
CA LYS D 228 22.70 27.33 -16.65
C LYS D 228 22.33 27.33 -15.18
N ILE D 229 21.24 28.00 -14.85
CA ILE D 229 20.74 28.07 -13.50
C ILE D 229 20.36 26.67 -13.03
N HIS D 230 19.60 25.95 -13.85
CA HIS D 230 19.22 24.60 -13.47
C HIS D 230 20.41 23.68 -13.30
N ASP D 231 21.36 23.76 -14.25
CA ASP D 231 22.52 22.88 -14.20
C ASP D 231 23.40 23.16 -12.97
N GLU D 232 23.72 24.44 -12.73
CA GLU D 232 24.60 24.81 -11.60
C GLU D 232 23.96 24.41 -10.28
N ASN D 233 22.63 24.37 -10.24
CA ASN D 233 21.90 24.04 -8.99
C ASN D 233 21.38 22.60 -8.94
N SER D 234 21.78 21.77 -9.95
CA SER D 234 21.44 20.36 -10.00
C SER D 234 19.90 20.13 -9.93
N SER D 235 19.15 20.99 -10.63
CA SER D 235 17.66 20.97 -10.69
C SER D 235 16.99 21.35 -9.37
N LEU D 236 17.75 21.92 -8.45
CA LEU D 236 17.20 22.37 -7.17
C LEU D 236 17.31 23.89 -6.98
N TYR D 237 17.23 24.65 -8.05
CA TYR D 237 17.30 26.11 -7.90
C TYR D 237 16.10 26.59 -7.13
N ASN D 238 14.90 26.11 -7.52
CA ASN D 238 13.69 26.37 -6.77
C ASN D 238 13.16 25.01 -6.31
N THR D 239 11.93 24.98 -5.84
CA THR D 239 11.36 23.70 -5.38
C THR D 239 10.98 22.84 -6.56
N PRO D 240 11.62 21.65 -6.69
CA PRO D 240 11.38 20.82 -7.87
C PRO D 240 10.11 20.01 -7.67
N PRO D 241 9.65 19.30 -8.72
CA PRO D 241 8.48 18.45 -8.56
C PRO D 241 8.93 17.12 -7.93
N CYS D 242 9.00 17.14 -6.62
CA CYS D 242 9.62 16.04 -5.89
C CYS D 242 8.95 14.71 -6.12
N PHE D 243 7.64 14.64 -5.93
CA PHE D 243 6.97 13.36 -6.04
C PHE D 243 7.05 12.82 -7.46
N GLY D 244 6.94 13.72 -8.45
CA GLY D 244 7.09 13.29 -9.81
C GLY D 244 8.46 12.75 -10.13
N ILE D 245 9.51 13.36 -9.59
CA ILE D 245 10.88 12.88 -9.84
C ILE D 245 11.07 11.52 -9.17
N TYR D 246 10.53 11.42 -7.97
CA TYR D 246 10.48 10.10 -7.32
C TYR D 246 9.85 9.02 -8.18
N MET D 247 8.70 9.35 -8.76
CA MET D 247 8.01 8.37 -9.59
C MET D 247 8.88 8.02 -10.80
N CYS D 248 9.47 9.03 -11.44
CA CYS D 248 10.36 8.74 -12.58
C CYS D 248 11.47 7.77 -12.15
N GLY D 249 11.99 8.01 -10.96
CA GLY D 249 13.06 7.18 -10.39
C GLY D 249 12.58 5.74 -10.26
N LEU D 250 11.35 5.54 -9.82
CA LEU D 250 10.84 4.17 -9.70
C LEU D 250 10.76 3.49 -11.09
N VAL D 251 10.30 4.23 -12.10
CA VAL D 251 10.22 3.72 -13.45
C VAL D 251 11.60 3.36 -13.96
N PHE D 252 12.57 4.27 -13.82
CA PHE D 252 13.93 4.03 -14.33
C PHE D 252 14.57 2.79 -13.66
N GLU D 253 14.40 2.68 -12.36
CA GLU D 253 14.92 1.52 -11.63
C GLU D 253 14.29 0.23 -12.15
N ASP D 254 12.98 0.24 -12.37
CA ASP D 254 12.29 -0.93 -12.91
C ASP D 254 12.73 -1.25 -14.36
N LEU D 255 12.98 -0.21 -15.16
CA LEU D 255 13.49 -0.47 -16.51
C LEU D 255 14.87 -1.17 -16.47
N LEU D 256 15.72 -0.77 -15.55
CA LEU D 256 17.00 -1.46 -15.35
C LEU D 256 16.76 -2.91 -14.91
N GLU D 257 15.81 -3.13 -14.02
CA GLU D 257 15.49 -4.48 -13.56
C GLU D 257 15.03 -5.37 -14.70
N GLN D 258 14.33 -4.78 -15.68
CA GLN D 258 13.87 -5.49 -16.86
C GLN D 258 15.02 -5.87 -17.84
N GLY D 259 16.22 -5.38 -17.60
CA GLY D 259 17.43 -5.65 -18.41
C GLY D 259 17.85 -4.49 -19.29
N GLY D 260 17.24 -3.33 -19.09
CA GLY D 260 17.70 -2.14 -19.80
C GLY D 260 17.04 -1.95 -21.16
N LEU D 261 17.48 -0.93 -21.87
CA LEU D 261 16.73 -0.52 -23.05
C LEU D 261 16.84 -1.45 -24.23
N LYS D 262 17.87 -2.28 -24.32
CA LYS D 262 17.84 -3.28 -25.39
C LYS D 262 16.69 -4.22 -25.19
N GLU D 263 16.45 -4.63 -23.94
CA GLU D 263 15.34 -5.53 -23.70
C GLU D 263 13.98 -4.82 -23.83
N VAL D 264 13.90 -3.60 -23.33
CA VAL D 264 12.65 -2.82 -23.47
C VAL D 264 12.28 -2.69 -24.97
N GLU D 265 13.28 -2.41 -25.82
CA GLU D 265 13.03 -2.25 -27.25
C GLU D 265 12.51 -3.56 -27.83
N LYS D 266 13.13 -4.66 -27.46
CA LYS D 266 12.67 -5.97 -27.94
C LYS D 266 11.21 -6.19 -27.63
N LYS D 267 10.77 -5.86 -26.40
CA LYS D 267 9.37 -6.07 -26.07
C LYS D 267 8.44 -5.10 -26.79
N ASN D 268 8.90 -3.84 -26.89
CA ASN D 268 8.11 -2.87 -27.68
C ASN D 268 7.94 -3.28 -29.16
N GLN D 269 9.02 -3.79 -29.76
CA GLN D 269 8.95 -4.25 -31.16
C GLN D 269 8.01 -5.45 -31.27
N ARG D 270 8.13 -6.40 -30.36
CA ARG D 270 7.25 -7.56 -30.40
CA ARG D 270 7.25 -7.58 -30.37
C ARG D 270 5.77 -7.19 -30.32
N LYS D 271 5.39 -6.38 -29.35
CA LYS D 271 3.95 -6.07 -29.21
C LYS D 271 3.41 -5.17 -30.32
N ALA D 272 4.20 -4.21 -30.76
CA ALA D 272 3.82 -3.39 -31.87
C ALA D 272 3.64 -4.24 -33.13
N ASP D 273 4.56 -5.20 -33.36
CA ASP D 273 4.44 -6.07 -34.52
C ASP D 273 3.10 -6.86 -34.51
N LEU D 274 2.64 -7.29 -33.33
CA LEU D 274 1.38 -8.00 -33.27
C LEU D 274 0.26 -7.17 -33.85
N LEU D 275 0.25 -5.89 -33.50
CA LEU D 275 -0.84 -5.04 -33.91
C LEU D 275 -0.68 -4.66 -35.40
N TYR D 276 0.52 -4.27 -35.79
CA TYR D 276 0.75 -3.90 -37.20
C TYR D 276 0.50 -5.09 -38.12
N ASN D 277 0.93 -6.29 -37.71
CA ASN D 277 0.70 -7.48 -38.53
C ASN D 277 -0.80 -7.78 -38.65
N ALA D 278 -1.54 -7.64 -37.55
CA ALA D 278 -2.99 -7.78 -37.60
C ALA D 278 -3.62 -6.82 -38.59
N ILE D 279 -3.17 -5.58 -38.58
CA ILE D 279 -3.69 -4.63 -39.53
C ILE D 279 -3.37 -5.02 -40.98
N GLU D 280 -2.11 -5.35 -41.24
CA GLU D 280 -1.69 -5.65 -42.61
C GLU D 280 -2.31 -6.91 -43.13
N GLU D 281 -2.60 -7.85 -42.24
CA GLU D 281 -3.19 -9.12 -42.64
C GLU D 281 -4.73 -9.06 -42.76
N SER D 282 -5.32 -7.90 -42.49
CA SER D 282 -6.76 -7.77 -42.48
C SER D 282 -7.40 -7.57 -43.87
N ASN D 283 -6.65 -7.72 -44.98
CA ASN D 283 -7.19 -7.49 -46.32
CA ASN D 283 -7.19 -7.50 -46.31
C ASN D 283 -7.90 -6.14 -46.42
N GLY D 284 -7.30 -5.12 -45.81
CA GLY D 284 -7.82 -3.78 -45.90
C GLY D 284 -8.95 -3.39 -44.95
N PHE D 285 -9.44 -4.32 -44.16
CA PHE D 285 -10.52 -3.99 -43.22
C PHE D 285 -10.08 -2.92 -42.23
N PHE D 286 -8.83 -3.04 -41.73
CA PHE D 286 -8.14 -2.01 -40.96
C PHE D 286 -6.98 -1.48 -41.83
N ARG D 287 -6.66 -0.20 -41.66
CA ARG D 287 -5.58 0.44 -42.43
C ARG D 287 -4.78 1.39 -41.57
N CYS D 288 -3.46 1.37 -41.77
CA CYS D 288 -2.54 2.30 -41.11
CA CYS D 288 -2.50 2.27 -41.12
C CYS D 288 -1.98 3.21 -42.19
N PRO D 289 -2.18 4.52 -42.04
CA PRO D 289 -1.71 5.44 -43.10
C PRO D 289 -0.22 5.71 -43.17
N VAL D 290 0.52 5.34 -42.15
CA VAL D 290 1.92 5.75 -42.05
C VAL D 290 2.79 4.86 -42.90
N GLU D 291 3.78 5.45 -43.53
CA GLU D 291 4.70 4.69 -44.32
C GLU D 291 5.45 3.67 -43.46
N LYS D 292 5.56 2.47 -44.00
CA LYS D 292 5.94 1.33 -43.21
C LYS D 292 7.25 1.45 -42.41
N SER D 293 8.29 2.01 -43.02
CA SER D 293 9.59 2.08 -42.34
C SER D 293 9.66 3.07 -41.18
N VAL D 294 8.66 3.92 -41.02
CA VAL D 294 8.66 4.96 -39.95
C VAL D 294 7.43 4.81 -39.03
N ARG D 295 6.84 3.60 -39.04
CA ARG D 295 5.69 3.37 -38.15
C ARG D 295 6.16 3.32 -36.69
N SER D 296 5.52 4.14 -35.85
CA SER D 296 5.86 4.27 -34.47
C SER D 296 5.58 2.98 -33.70
N LEU D 297 6.50 2.63 -32.81
CA LEU D 297 6.29 1.50 -31.89
C LEU D 297 5.42 1.90 -30.70
N MET D 298 5.20 3.20 -30.54
CA MET D 298 4.50 3.75 -29.39
C MET D 298 3.02 4.15 -29.65
N ASN D 299 2.74 4.79 -30.80
CA ASN D 299 1.42 5.25 -31.15
C ASN D 299 1.02 4.73 -32.52
N VAL D 300 -0.09 3.98 -32.56
CA VAL D 300 -0.51 3.26 -33.77
C VAL D 300 -1.86 3.79 -34.24
N PRO D 301 -1.87 4.71 -35.22
CA PRO D 301 -3.10 5.17 -35.81
C PRO D 301 -3.61 4.17 -36.86
N PHE D 302 -4.91 3.95 -36.89
CA PHE D 302 -5.52 3.12 -37.90
C PHE D 302 -6.99 3.48 -38.09
N THR D 303 -7.49 3.16 -39.28
CA THR D 303 -8.86 3.46 -39.66
C THR D 303 -9.54 2.14 -40.05
N LEU D 304 -10.87 2.20 -40.11
CA LEU D 304 -11.70 1.12 -40.64
CA LEU D 304 -11.67 1.11 -40.64
C LEU D 304 -12.09 1.42 -42.07
N GLU D 305 -11.97 0.41 -42.93
CA GLU D 305 -12.48 0.48 -44.30
CA GLU D 305 -12.47 0.57 -44.28
C GLU D 305 -13.98 0.81 -44.26
N LYS D 306 -14.68 0.13 -43.35
CA LYS D 306 -16.09 0.39 -43.13
C LYS D 306 -16.25 1.33 -41.95
N SER D 307 -16.02 2.60 -42.19
CA SER D 307 -15.96 3.55 -41.12
C SER D 307 -17.28 3.80 -40.40
N GLU D 308 -18.41 3.39 -41.02
CA GLU D 308 -19.71 3.36 -40.34
C GLU D 308 -19.68 2.55 -39.03
N LEU D 309 -18.68 1.67 -38.89
CA LEU D 309 -18.57 0.81 -37.72
C LEU D 309 -17.72 1.38 -36.54
N GLU D 310 -17.25 2.61 -36.66
CA GLU D 310 -16.35 3.18 -35.65
C GLU D 310 -16.99 3.18 -34.31
N ALA D 311 -18.24 3.64 -34.21
CA ALA D 311 -18.88 3.76 -32.90
C ALA D 311 -18.98 2.41 -32.23
N GLU D 312 -19.44 1.39 -32.97
CA GLU D 312 -19.57 0.05 -32.40
CA GLU D 312 -19.59 0.04 -32.41
C GLU D 312 -18.19 -0.42 -31.96
N PHE D 313 -17.17 -0.15 -32.76
CA PHE D 313 -15.81 -0.65 -32.44
C PHE D 313 -15.35 -0.08 -31.09
N ILE D 314 -15.51 1.23 -30.94
CA ILE D 314 -15.01 1.88 -29.73
C ILE D 314 -15.81 1.45 -28.52
N LYS D 315 -17.12 1.36 -28.69
CA LYS D 315 -18.03 1.04 -27.60
C LYS D 315 -17.85 -0.40 -27.13
N GLU D 316 -17.74 -1.33 -28.09
CA GLU D 316 -17.56 -2.71 -27.76
C GLU D 316 -16.16 -2.96 -27.16
N ALA D 317 -15.13 -2.31 -27.68
CA ALA D 317 -13.80 -2.40 -27.04
C ALA D 317 -13.84 -1.93 -25.58
N ALA D 318 -14.54 -0.84 -25.31
CA ALA D 318 -14.63 -0.35 -23.92
C ALA D 318 -15.33 -1.30 -22.98
N LYS D 319 -16.41 -1.93 -23.45
CA LYS D 319 -17.02 -3.02 -22.70
C LYS D 319 -16.07 -4.14 -22.38
N GLU D 320 -15.11 -4.39 -23.26
CA GLU D 320 -14.11 -5.41 -23.03
C GLU D 320 -12.83 -4.83 -22.38
N LYS D 321 -12.99 -3.72 -21.67
CA LYS D 321 -11.94 -3.17 -20.81
C LYS D 321 -10.74 -2.61 -21.57
N MET D 322 -10.98 -2.12 -22.79
CA MET D 322 -9.93 -1.47 -23.55
C MET D 322 -10.44 -0.03 -23.85
N VAL D 323 -9.78 0.96 -23.27
CA VAL D 323 -10.28 2.33 -23.30
C VAL D 323 -9.31 3.30 -23.99
N GLN D 324 -9.87 4.43 -24.42
CA GLN D 324 -9.12 5.53 -25.05
C GLN D 324 -8.47 5.14 -26.39
N LEU D 325 -9.21 4.42 -27.20
CA LEU D 325 -8.75 4.00 -28.53
C LEU D 325 -9.17 5.00 -29.64
N LYS D 326 -10.01 5.97 -29.32
CA LYS D 326 -10.47 6.89 -30.36
C LYS D 326 -9.30 7.73 -30.93
N GLY D 327 -9.26 7.91 -32.23
CA GLY D 327 -8.17 8.65 -32.81
C GLY D 327 -8.34 10.14 -32.52
N HIS D 328 -7.23 10.86 -32.51
CA HIS D 328 -7.25 12.28 -32.18
C HIS D 328 -8.21 12.98 -33.16
N ARG D 329 -8.87 14.03 -32.68
CA ARG D 329 -9.90 14.70 -33.49
C ARG D 329 -9.32 15.25 -34.80
N SER D 330 -8.13 15.83 -34.70
CA SER D 330 -7.44 16.36 -35.88
C SER D 330 -7.28 15.29 -36.97
N VAL D 331 -7.46 14.03 -36.59
CA VAL D 331 -7.26 12.93 -37.53
C VAL D 331 -8.49 12.01 -37.77
N GLY D 332 -9.21 11.61 -36.70
CA GLY D 332 -10.30 10.58 -36.88
C GLY D 332 -9.80 9.12 -36.71
N GLY D 333 -10.64 8.13 -37.00
CA GLY D 333 -10.33 6.69 -36.84
C GLY D 333 -9.92 6.31 -35.39
N MET D 334 -8.93 5.43 -35.24
CA MET D 334 -8.51 4.90 -33.94
C MET D 334 -7.05 5.21 -33.71
N ARG D 335 -6.63 5.22 -32.45
CA ARG D 335 -5.19 5.32 -32.14
C ARG D 335 -4.94 4.44 -30.92
N ALA D 336 -4.12 3.43 -31.07
CA ALA D 336 -3.73 2.60 -29.93
C ALA D 336 -2.35 3.06 -29.48
N SER D 337 -2.30 3.69 -28.33
CA SER D 337 -1.01 4.02 -27.73
C SER D 337 -0.55 2.86 -26.86
N ILE D 338 0.67 2.38 -27.12
CA ILE D 338 1.17 1.12 -26.59
C ILE D 338 2.56 1.35 -26.05
N TYR D 339 2.61 2.15 -24.99
CA TYR D 339 3.91 2.58 -24.41
C TYR D 339 4.59 1.46 -23.67
N ASN D 340 5.74 1.75 -23.07
CA ASN D 340 6.55 0.69 -22.45
C ASN D 340 5.68 -0.16 -21.48
N ALA D 341 4.87 0.54 -20.70
CA ALA D 341 4.14 -0.13 -19.59
C ALA D 341 2.83 -0.80 -20.03
N MET D 342 2.44 -0.68 -21.29
CA MET D 342 1.26 -1.38 -21.78
C MET D 342 1.58 -2.88 -21.73
N PRO D 343 0.80 -3.67 -20.95
CA PRO D 343 1.13 -5.08 -20.94
C PRO D 343 0.95 -5.74 -22.29
N LEU D 344 1.78 -6.72 -22.56
CA LEU D 344 1.64 -7.53 -23.75
C LEU D 344 0.22 -8.07 -23.84
N ALA D 345 -0.33 -8.53 -22.71
CA ALA D 345 -1.70 -9.07 -22.74
C ALA D 345 -2.75 -8.06 -23.25
N GLY D 346 -2.53 -6.76 -23.01
CA GLY D 346 -3.46 -5.74 -23.50
C GLY D 346 -3.46 -5.59 -25.04
N VAL D 347 -2.26 -5.67 -25.60
CA VAL D 347 -2.15 -5.64 -27.07
C VAL D 347 -2.75 -6.93 -27.65
N GLU D 348 -2.47 -8.06 -27.01
CA GLU D 348 -3.08 -9.32 -27.44
C GLU D 348 -4.60 -9.30 -27.41
N LYS D 349 -5.16 -8.70 -26.37
CA LYS D 349 -6.61 -8.57 -26.27
C LYS D 349 -7.19 -7.69 -27.34
N LEU D 350 -6.51 -6.61 -27.64
CA LEU D 350 -6.91 -5.75 -28.74
C LEU D 350 -6.86 -6.48 -30.11
N VAL D 351 -5.79 -7.22 -30.37
CA VAL D 351 -5.66 -7.93 -31.63
C VAL D 351 -6.75 -9.01 -31.76
N ALA D 352 -7.03 -9.72 -30.67
CA ALA D 352 -8.10 -10.74 -30.69
C ALA D 352 -9.46 -10.09 -30.94
N PHE D 353 -9.69 -8.95 -30.27
CA PHE D 353 -10.91 -8.16 -30.47
C PHE D 353 -11.03 -7.75 -31.92
N MET D 354 -9.94 -7.24 -32.49
CA MET D 354 -9.97 -6.86 -33.91
C MET D 354 -10.27 -8.01 -34.88
N LYS D 355 -9.70 -9.18 -34.60
CA LYS D 355 -9.97 -10.34 -35.45
C LYS D 355 -11.41 -10.78 -35.39
N ASP D 356 -11.98 -10.76 -34.18
CA ASP D 356 -13.36 -11.12 -33.95
CA ASP D 356 -13.38 -11.13 -33.99
C ASP D 356 -14.32 -10.10 -34.59
N PHE D 357 -13.97 -8.80 -34.47
CA PHE D 357 -14.76 -7.72 -35.03
C PHE D 357 -14.79 -7.82 -36.54
N GLN D 358 -13.64 -8.11 -37.13
CA GLN D 358 -13.61 -8.25 -38.57
C GLN D 358 -14.43 -9.49 -39.04
N ALA D 359 -14.35 -10.57 -38.28
CA ALA D 359 -15.10 -11.76 -38.63
C ALA D 359 -16.59 -11.48 -38.57
N LYS D 360 -17.02 -10.75 -37.57
CA LYS D 360 -18.41 -10.41 -37.43
C LYS D 360 -18.94 -9.49 -38.54
N HIS D 361 -18.12 -8.58 -39.04
CA HIS D 361 -18.58 -7.49 -39.89
C HIS D 361 -18.03 -7.50 -41.32
N ALA D 362 -17.34 -8.58 -41.67
CA ALA D 362 -16.75 -8.74 -43.00
C ALA D 362 -17.79 -8.54 -44.08
#